data_9KZ6
#
_entry.id   9KZ6
#
_cell.length_a   1.00
_cell.length_b   1.00
_cell.length_c   1.00
_cell.angle_alpha   90.00
_cell.angle_beta   90.00
_cell.angle_gamma   90.00
#
_symmetry.space_group_name_H-M   'P 1'
#
loop_
_entity.id
_entity.type
_entity.pdbx_description
1 polymer Maltase-glucoamylase
2 branched 2-acetamido-2-deoxy-beta-D-glucopyranose-(1-4)-2-acetamido-2-deoxy-beta-D-glucopyranose
3 branched 2-acetamido-2-deoxy-beta-D-glucopyranose-(1-4)-[alpha-L-fucopyranose-(1-6)]2-acetamido-2-deoxy-beta-D-glucopyranose
4 non-polymer 2-acetamido-2-deoxy-beta-D-glucopyranose
#
_entity_poly.entity_id   1
_entity_poly.type   'polypeptide(L)'
_entity_poly.pdbx_seq_one_letter_code
;VLSARESLESKDAGTPGPSTPDSAECAVANELERINCIPDQSPTKATCDQRGCCWKPQGAISVPWCYYSTNHGYQVEGDL
VNTNAGFTAQLKRLPSPSLFGNDINNVLLRAEYQTATRFHFKLTDQNQDRYEVPHEHVQPFQGNAASPLTYEVMVSKQPF
SIKVIRTSNSRVLFDSSIGPLLFADQFLQLSIRLPSANVYGLGEHVHQQYRHDMNWKTWPIFARDTVPNGDGNNLYGAQT
FFLCLEDASGLSFGVFLMNSNAMEVALQPAPAVTYRTTGGILDFYVLLGNTPEQVVQEYLQLIGLPALPPYWALGFHLSR
YDYETLDNMREVVERNRAAQLPYDVQHADIDYMDKRRDFTYNPVDFKGFPELAQDLHNNGQKLVIIVDPAISNDSSPSSP
YGPYDRGSDAKIWVNDPDGVTPLIGEVWPGKTVFPDYTNPKCTTWWENEFKLFHNQVDFDGIWIDMNEVANFVDGSVSGC
STSNLNYPPFTPRILDGYLFSKTLCMDAVQHWGKQYDVHNLYGYSMAIATAEAVKTVFSNKRSFILTRSTFAGSGKFAAH
WLGDNAATWDDLRWSIPGMLEFNLFGIPMVGSDICGFLLDTSEELCRRWMQVGAFYPFSRNHNGQGYKVQDPASFGADSL
LLNSSRHYLSIRYTLLPYLYTLFYHAHSRGDTVARPLLHEFYEDSNTWDVYQQFLWGPGLLITPVLDEGAEKVTAYVPDA
VWYDYETGGRVTWRKQKVEMELPGDKIGLHLRGGYIFPTQQPATTTVASRQNPLGLIIALDDNKEAKGELFWDDGEAKDT
VANKVYLLYEFSVTQNRLDVKILQSTYTDPNNLVFKEIKILGTQEPSNVIVKQNDIPVQVSPNVAYDSNLQVALITEIEL
ELGKNYTVEWDVKIRDEEKIDCYPDETGASEGNCVARGCAWEASTSPGVPHCYFVDELYSVSDVQYDSFGATAAISLKSS
LYASALPSVPVNSLRLSVTYHKENMLQFKIYDPSNNRYEVPVPLNVPRVPSGTSESRLYDVLIKKNPFGIEIRRKSTGTV
IWDSQLLGFTFNDMFIQISTRLPSQYLYGFGETEHTAFRRNLNWHTWGMFSRDQPPGYKMNSYGVHPYYMALEEDGNAHG
VLLLNSNAMDVTFQPLPALTYRTTGGILDFYVLLGPTPELVTQQYTELIGRPVMVPYWSLGFQLCRYGYENDSEIASLYE
DMVAAQIPYDVQYSDIDYMERQLDFTLSPKFDGFPALINRMKANGMRVILILDPAISGNETKPYPPFTRGVEDDVFIKYP
NDGSIVWGKVWPDFPDIFVNSSLDWDSQVEQYRAYVAFPDFFRNSTITWWKRELRELYTNPQDPEKSLKFDGMWIDMNEP
SSFVNGAVSPGCRDSSLNHPPYMPYLESRNSGLSSKTLCMEGEQILPDGSRVRHYDVHSLYGWSQTRPTYEVVQEVTGER
GIIISRSTYPSSGRWSGHWLGDNTAAWDQLRKSIIGMMEFSLFGISYTGADICGFFQDAEFEMCARWMQLGAFYPFSRNH
NSIGTRRQDPVSWNDTFVNISRSVLETRYTLLPYLYTLMHMAHTEGSTVVRALLHEFVSDRVTWDLDSQFLLGPAFLVSP
VLEPNARNVTAYFPRARWYDYYTGVDINARGEWRDLSAPLDHINLHIRGGYILPWQEPAQNTYFSRQKFMGFKVALDDDG
TAEGWLFWDDGQSIDTYEQGLYYLANFSVSQNTMQSHVIFNKYISDANPLKLGYIEIWGVGSAPISSVSISASGEVITPI
FIHDSATQVLNINVTNGNLSLHNFSSLTWTSAPDS
;
_entity_poly.pdbx_strand_id   A
#
# COMPACT_ATOMS: atom_id res chain seq x y z
N SER A 23 -41.40 31.52 -2.60
CA SER A 23 -42.67 30.72 -2.62
C SER A 23 -42.63 29.60 -1.58
N ALA A 24 -43.82 29.20 -1.06
CA ALA A 24 -43.94 28.29 0.08
C ALA A 24 -44.35 26.89 -0.37
N GLU A 25 -45.22 26.80 -1.39
CA GLU A 25 -45.56 25.54 -2.04
C GLU A 25 -44.32 24.95 -2.70
N CYS A 26 -43.45 25.83 -3.23
CA CYS A 26 -42.31 25.44 -4.04
C CYS A 26 -41.05 25.28 -3.17
N ALA A 27 -41.23 24.74 -1.95
CA ALA A 27 -40.16 24.67 -0.97
C ALA A 27 -39.28 23.45 -1.25
N VAL A 28 -38.30 23.64 -2.14
CA VAL A 28 -37.35 22.59 -2.47
C VAL A 28 -35.96 23.05 -2.03
N ALA A 29 -35.35 22.24 -1.15
CA ALA A 29 -34.05 22.55 -0.54
C ALA A 29 -32.98 22.71 -1.61
N ASN A 30 -33.02 21.82 -2.61
CA ASN A 30 -31.88 21.53 -3.45
C ASN A 30 -32.36 21.28 -4.88
N GLU A 31 -31.80 22.01 -5.86
CA GLU A 31 -32.22 21.89 -7.25
C GLU A 31 -32.08 20.45 -7.74
N LEU A 32 -31.17 19.68 -7.11
CA LEU A 32 -30.94 18.29 -7.48
C LEU A 32 -32.08 17.40 -7.00
N GLU A 33 -32.98 17.90 -6.14
CA GLU A 33 -34.07 17.08 -5.64
C GLU A 33 -35.39 17.40 -6.37
N ARG A 34 -35.30 18.12 -7.50
CA ARG A 34 -36.47 18.41 -8.30
C ARG A 34 -36.89 17.16 -9.08
N ILE A 35 -38.19 16.87 -9.08
CA ILE A 35 -38.73 15.71 -9.87
C ILE A 35 -39.44 16.29 -11.11
N ASN A 36 -38.93 16.02 -12.31
CA ASN A 36 -39.51 16.61 -13.55
C ASN A 36 -41.02 16.38 -13.58
N CYS A 37 -41.80 17.43 -13.81
CA CYS A 37 -43.28 17.31 -13.90
C CYS A 37 -43.67 17.20 -15.38
N ILE A 38 -42.74 17.47 -16.29
CA ILE A 38 -43.02 17.33 -17.76
C ILE A 38 -42.00 16.35 -18.35
N PRO A 39 -42.17 15.02 -18.16
CA PRO A 39 -41.20 14.00 -18.65
C PRO A 39 -41.46 13.67 -20.12
N ASP A 40 -42.57 14.16 -20.66
CA ASP A 40 -42.96 13.83 -22.06
C ASP A 40 -42.52 14.94 -23.02
N GLN A 41 -43.31 16.01 -23.16
CA GLN A 41 -43.00 17.07 -24.16
C GLN A 41 -41.95 18.05 -23.65
N SER A 42 -41.64 19.09 -24.44
CA SER A 42 -40.62 20.10 -24.06
C SER A 42 -41.18 21.01 -22.96
N PRO A 43 -40.34 21.68 -22.14
CA PRO A 43 -40.83 22.52 -21.03
C PRO A 43 -41.53 23.78 -21.54
N THR A 44 -42.77 24.02 -21.10
CA THR A 44 -43.49 25.26 -21.47
C THR A 44 -44.28 25.72 -20.27
N LYS A 45 -44.23 27.01 -19.95
CA LYS A 45 -45.00 27.56 -18.79
C LYS A 45 -46.48 27.24 -18.98
N ALA A 46 -46.96 27.18 -20.22
CA ALA A 46 -48.37 26.82 -20.47
C ALA A 46 -48.69 25.45 -19.86
N THR A 47 -47.87 24.43 -20.16
CA THR A 47 -48.13 23.06 -19.70
C THR A 47 -48.02 22.98 -18.19
N CYS A 48 -47.01 23.63 -17.62
CA CYS A 48 -46.80 23.54 -16.15
C CYS A 48 -47.99 24.17 -15.43
N ASP A 49 -48.35 25.39 -15.83
CA ASP A 49 -49.50 26.08 -15.19
C ASP A 49 -50.71 25.15 -15.22
N GLN A 50 -50.92 24.44 -16.32
CA GLN A 50 -52.07 23.52 -16.46
C GLN A 50 -51.96 22.34 -15.49
N ARG A 51 -50.75 21.81 -15.27
CA ARG A 51 -50.56 20.61 -14.41
C ARG A 51 -50.48 21.00 -12.93
N GLY A 52 -50.10 22.24 -12.61
CA GLY A 52 -50.07 22.69 -11.20
C GLY A 52 -48.66 22.63 -10.66
N CYS A 53 -47.68 22.51 -11.55
CA CYS A 53 -46.28 22.32 -11.12
C CYS A 53 -45.56 23.68 -11.12
N CYS A 54 -44.66 23.91 -10.17
CA CYS A 54 -43.95 25.21 -10.03
C CYS A 54 -42.96 25.45 -11.17
N TRP A 55 -42.94 26.65 -11.75
CA TRP A 55 -42.05 26.94 -12.90
C TRP A 55 -40.84 27.76 -12.44
N LYS A 56 -39.63 27.22 -12.60
CA LYS A 56 -38.42 27.95 -12.26
C LYS A 56 -37.33 27.67 -13.29
N PRO A 57 -37.20 28.46 -14.38
CA PRO A 57 -36.25 28.16 -15.44
C PRO A 57 -34.80 28.50 -15.14
N GLN A 58 -34.54 29.36 -14.15
CA GLN A 58 -33.17 29.66 -13.80
C GLN A 58 -32.56 28.38 -13.20
N GLY A 59 -31.29 28.12 -13.52
CA GLY A 59 -30.62 26.89 -13.11
C GLY A 59 -29.74 26.33 -14.23
N ALA A 60 -29.14 25.17 -13.93
CA ALA A 60 -28.06 24.61 -14.75
C ALA A 60 -28.62 23.62 -15.77
N ILE A 61 -27.73 22.82 -16.39
CA ILE A 61 -28.09 21.98 -17.51
C ILE A 61 -28.80 20.72 -16.99
N SER A 62 -29.78 20.23 -17.76
CA SER A 62 -30.51 18.98 -17.39
C SER A 62 -31.35 19.17 -16.11
N VAL A 63 -31.15 20.28 -15.40
CA VAL A 63 -31.99 20.56 -14.19
C VAL A 63 -33.42 20.88 -14.63
N PRO A 64 -34.48 20.21 -14.12
CA PRO A 64 -35.88 20.43 -14.62
C PRO A 64 -36.47 21.71 -14.06
N TRP A 65 -36.90 22.62 -14.95
CA TRP A 65 -37.55 23.87 -14.49
C TRP A 65 -38.89 23.56 -13.85
N CYS A 66 -39.63 22.62 -14.43
CA CYS A 66 -40.95 22.21 -13.87
C CYS A 66 -40.73 21.11 -12.83
N TYR A 67 -41.33 21.27 -11.64
CA TYR A 67 -41.22 20.23 -10.59
C TYR A 67 -42.54 20.16 -9.82
N TYR A 68 -42.93 18.95 -9.38
CA TYR A 68 -44.22 18.77 -8.66
C TYR A 68 -44.22 19.56 -7.37
N SER A 69 -45.41 20.02 -6.95
CA SER A 69 -45.55 20.74 -5.66
C SER A 69 -46.00 19.76 -4.57
N THR A 70 -45.98 20.18 -3.31
CA THR A 70 -46.39 19.30 -2.20
C THR A 70 -47.85 18.95 -2.34
N ASN A 71 -48.59 19.72 -3.14
CA ASN A 71 -50.06 19.49 -3.33
C ASN A 71 -50.30 18.12 -3.96
N HIS A 72 -49.38 17.64 -4.81
CA HIS A 72 -49.59 16.36 -5.53
C HIS A 72 -49.26 15.17 -4.63
N GLY A 73 -50.04 14.08 -4.73
CA GLY A 73 -49.77 12.87 -3.97
C GLY A 73 -51.03 12.28 -3.33
N TYR A 74 -50.84 11.43 -2.32
CA TYR A 74 -51.93 10.80 -1.59
C TYR A 74 -51.75 11.06 -0.09
N GLN A 75 -52.83 10.87 0.69
CA GLN A 75 -52.77 11.00 2.14
C GLN A 75 -53.31 9.72 2.77
N VAL A 76 -52.82 9.35 3.96
CA VAL A 76 -53.32 8.17 4.66
C VAL A 76 -54.47 8.60 5.57
N GLU A 77 -55.67 8.29 5.23
CA GLU A 77 -56.85 8.63 6.04
C GLU A 77 -57.18 7.45 6.96
N GLY A 78 -56.99 7.61 8.23
CA GLY A 78 -57.17 6.58 9.24
C GLY A 78 -55.83 6.17 9.85
N ASP A 79 -55.66 4.88 10.13
CA ASP A 79 -54.40 4.37 10.66
C ASP A 79 -54.01 3.07 9.96
N LEU A 80 -52.85 2.52 10.35
CA LEU A 80 -52.30 1.31 9.75
C LEU A 80 -52.90 0.07 10.41
N VAL A 81 -54.07 -0.38 9.90
CA VAL A 81 -54.68 -1.64 10.34
C VAL A 81 -53.63 -2.75 10.23
N ASN A 82 -53.42 -3.52 11.30
CA ASN A 82 -52.42 -4.58 11.31
C ASN A 82 -53.04 -5.86 10.80
N THR A 83 -52.20 -6.73 10.21
CA THR A 83 -52.62 -8.00 9.65
C THR A 83 -51.64 -9.06 10.16
N ASN A 84 -51.84 -10.31 9.72
CA ASN A 84 -51.02 -11.43 10.18
C ASN A 84 -49.61 -11.37 9.58
N ALA A 85 -49.46 -10.80 8.36
CA ALA A 85 -48.17 -10.77 7.66
C ALA A 85 -47.55 -9.38 7.71
N GLY A 86 -48.37 -8.36 7.91
CA GLY A 86 -47.89 -6.99 8.05
C GLY A 86 -49.03 -6.03 8.38
N PHE A 87 -49.26 -5.04 7.51
CA PHE A 87 -50.30 -4.05 7.76
C PHE A 87 -50.93 -3.60 6.44
N THR A 88 -52.11 -2.98 6.53
CA THR A 88 -52.82 -2.43 5.38
C THR A 88 -53.23 -1.00 5.70
N ALA A 89 -53.23 -0.12 4.69
CA ALA A 89 -53.57 1.29 4.88
C ALA A 89 -54.39 1.79 3.69
N GLN A 90 -55.33 2.69 3.94
CA GLN A 90 -56.16 3.27 2.88
C GLN A 90 -55.62 4.67 2.58
N LEU A 91 -55.49 5.01 1.29
CA LEU A 91 -54.90 6.27 0.87
C LEU A 91 -55.90 7.02 0.00
N LYS A 92 -56.19 8.21 0.18
CA LYS A 92 -57.11 8.98 -0.70
C LYS A 92 -56.24 10.02 -1.42
N ARG A 93 -56.66 10.57 -2.49
CA ARG A 93 -55.83 11.42 -3.40
C ARG A 93 -55.91 12.89 -2.96
N LEU A 94 -54.76 13.53 -2.73
CA LEU A 94 -54.75 14.98 -2.39
C LEU A 94 -55.29 15.76 -3.59
N PRO A 95 -56.27 16.67 -3.42
CA PRO A 95 -56.90 17.42 -4.55
C PRO A 95 -55.81 18.11 -5.38
N SER A 96 -55.73 17.77 -6.66
CA SER A 96 -54.69 18.36 -7.54
C SER A 96 -55.11 18.19 -9.02
N PRO A 97 -54.59 19.02 -9.96
CA PRO A 97 -54.90 18.87 -11.41
C PRO A 97 -54.43 17.52 -11.92
N SER A 98 -55.26 16.84 -12.72
CA SER A 98 -54.88 15.53 -13.30
C SER A 98 -53.78 15.75 -14.35
N LEU A 99 -52.85 14.80 -14.49
CA LEU A 99 -51.74 14.96 -15.45
C LEU A 99 -52.09 14.29 -16.79
N PHE A 100 -52.57 13.05 -16.74
CA PHE A 100 -52.89 12.31 -17.99
C PHE A 100 -54.35 11.84 -17.95
N GLY A 101 -55.06 12.12 -16.84
CA GLY A 101 -56.48 11.78 -16.75
C GLY A 101 -56.71 10.40 -16.13
N ASN A 102 -57.96 10.08 -15.81
CA ASN A 102 -58.30 8.75 -15.22
C ASN A 102 -57.43 8.49 -13.99
N ASP A 103 -57.42 9.43 -13.04
CA ASP A 103 -56.58 9.28 -11.81
C ASP A 103 -57.37 8.52 -10.74
N ILE A 104 -56.86 7.35 -10.32
CA ILE A 104 -57.54 6.56 -9.25
C ILE A 104 -57.54 7.40 -7.96
N ASN A 105 -58.65 7.41 -7.22
CA ASN A 105 -58.75 8.28 -6.02
C ASN A 105 -58.48 7.46 -4.75
N ASN A 106 -58.95 6.21 -4.71
CA ASN A 106 -58.77 5.39 -3.51
C ASN A 106 -57.80 4.25 -3.79
N VAL A 107 -56.64 4.27 -3.11
CA VAL A 107 -55.60 3.22 -3.34
C VAL A 107 -55.36 2.47 -2.01
N LEU A 108 -55.22 1.14 -2.09
CA LEU A 108 -54.95 0.32 -0.87
C LEU A 108 -53.47 -0.06 -0.82
N LEU A 109 -52.83 0.07 0.34
CA LEU A 109 -51.41 -0.33 0.50
C LEU A 109 -51.34 -1.62 1.33
N ARG A 110 -50.65 -2.65 0.84
CA ARG A 110 -50.49 -3.90 1.61
C ARG A 110 -48.99 -4.19 1.80
N ALA A 111 -48.54 -4.27 3.06
CA ALA A 111 -47.12 -4.54 3.36
C ALA A 111 -46.98 -5.93 3.98
N GLU A 112 -45.94 -6.67 3.60
CA GLU A 112 -45.76 -8.06 4.11
C GLU A 112 -44.31 -8.28 4.54
N TYR A 113 -44.08 -8.53 5.83
CA TYR A 113 -42.75 -8.84 6.31
C TYR A 113 -42.49 -10.32 6.04
N GLN A 114 -42.03 -10.63 4.82
CA GLN A 114 -41.96 -12.00 4.36
C GLN A 114 -40.81 -12.73 5.07
N THR A 115 -39.64 -12.07 5.18
CA THR A 115 -38.48 -12.73 5.75
C THR A 115 -37.66 -11.69 6.51
N ALA A 116 -36.67 -12.15 7.29
CA ALA A 116 -35.82 -11.25 8.05
C ALA A 116 -35.07 -10.24 7.17
N THR A 117 -34.98 -10.50 5.86
CA THR A 117 -34.20 -9.67 4.95
C THR A 117 -34.98 -9.30 3.70
N ARG A 118 -36.29 -9.55 3.67
CA ARG A 118 -37.09 -9.27 2.49
C ARG A 118 -38.41 -8.61 2.87
N PHE A 119 -38.58 -7.35 2.45
CA PHE A 119 -39.81 -6.62 2.66
C PHE A 119 -40.54 -6.49 1.33
N HIS A 120 -41.86 -6.72 1.35
CA HIS A 120 -42.67 -6.63 0.14
C HIS A 120 -43.84 -5.68 0.40
N PHE A 121 -44.08 -4.74 -0.52
CA PHE A 121 -45.29 -3.93 -0.42
C PHE A 121 -45.89 -3.71 -1.80
N LYS A 122 -47.20 -3.45 -1.82
CA LYS A 122 -47.95 -3.36 -3.06
C LYS A 122 -48.99 -2.24 -2.94
N LEU A 123 -49.11 -1.43 -4.00
CA LEU A 123 -50.09 -0.36 -4.11
C LEU A 123 -51.03 -0.66 -5.25
N THR A 124 -52.33 -0.76 -4.97
CA THR A 124 -53.31 -1.15 -5.97
C THR A 124 -54.59 -0.32 -5.82
N ASP A 125 -55.50 -0.45 -6.77
CA ASP A 125 -56.81 0.19 -6.68
C ASP A 125 -57.63 -0.52 -5.60
N GLN A 126 -58.50 0.23 -4.92
CA GLN A 126 -59.29 -0.28 -3.82
C GLN A 126 -60.58 -0.94 -4.34
N ASN A 127 -61.13 -0.39 -5.43
CA ASN A 127 -62.45 -0.77 -5.92
C ASN A 127 -62.33 -1.78 -7.07
N GLN A 128 -61.46 -1.48 -8.03
CA GLN A 128 -61.33 -2.28 -9.24
C GLN A 128 -60.05 -3.13 -9.19
N ASP A 129 -60.07 -4.22 -9.96
CA ASP A 129 -58.93 -5.11 -10.09
C ASP A 129 -58.15 -4.75 -11.34
N ARG A 130 -56.81 -4.72 -11.24
CA ARG A 130 -55.95 -4.32 -12.35
C ARG A 130 -55.03 -5.49 -12.71
N TYR A 131 -54.28 -5.35 -13.81
CA TYR A 131 -53.42 -6.41 -14.29
C TYR A 131 -52.26 -6.61 -13.32
N GLU A 132 -52.00 -7.88 -12.99
CA GLU A 132 -50.83 -8.27 -12.21
C GLU A 132 -50.08 -9.37 -12.93
N VAL A 133 -48.74 -9.30 -12.91
CA VAL A 133 -47.89 -10.21 -13.66
C VAL A 133 -48.17 -11.62 -13.15
N PRO A 134 -48.56 -12.56 -14.03
CA PRO A 134 -48.63 -13.97 -13.65
C PRO A 134 -47.28 -14.70 -13.70
N HIS A 135 -46.40 -14.41 -12.73
CA HIS A 135 -45.07 -15.02 -12.68
C HIS A 135 -45.19 -16.47 -12.25
N GLU A 136 -44.44 -17.36 -12.93
CA GLU A 136 -44.58 -18.80 -12.74
C GLU A 136 -43.96 -19.24 -11.40
N HIS A 137 -42.90 -18.56 -10.97
CA HIS A 137 -42.19 -18.96 -9.75
C HIS A 137 -42.71 -18.21 -8.53
N VAL A 138 -42.84 -16.88 -8.64
CA VAL A 138 -43.24 -16.06 -7.50
C VAL A 138 -44.73 -16.29 -7.27
N GLN A 139 -45.06 -16.93 -6.14
CA GLN A 139 -46.44 -17.24 -5.78
C GLN A 139 -46.85 -16.44 -4.55
N PRO A 140 -48.17 -16.11 -4.39
CA PRO A 140 -48.65 -15.30 -3.26
C PRO A 140 -48.23 -15.81 -1.89
N PHE A 141 -47.84 -14.87 -1.01
CA PHE A 141 -47.25 -15.21 0.28
C PHE A 141 -48.37 -15.56 1.26
N GLN A 142 -48.26 -16.78 1.81
CA GLN A 142 -49.13 -17.29 2.86
C GLN A 142 -48.26 -17.72 4.03
N GLY A 143 -48.36 -16.97 5.14
CA GLY A 143 -47.56 -17.23 6.32
C GLY A 143 -47.83 -16.13 7.34
N ASN A 144 -46.91 -15.97 8.29
CA ASN A 144 -47.03 -14.86 9.29
C ASN A 144 -45.78 -13.98 9.22
N ALA A 145 -45.81 -12.82 9.87
CA ALA A 145 -44.66 -11.89 9.83
C ALA A 145 -43.42 -12.56 10.43
N ALA A 146 -42.27 -12.39 9.79
CA ALA A 146 -41.01 -13.00 10.29
C ALA A 146 -40.49 -12.22 11.49
N SER A 147 -39.69 -12.87 12.34
CA SER A 147 -39.11 -12.18 13.53
C SER A 147 -37.78 -12.86 13.89
N PRO A 148 -36.77 -12.12 14.43
CA PRO A 148 -36.72 -10.63 14.35
C PRO A 148 -36.37 -10.18 12.93
N LEU A 149 -36.72 -8.94 12.59
CA LEU A 149 -36.42 -8.39 11.24
C LEU A 149 -35.20 -7.46 11.34
N THR A 150 -34.43 -7.35 10.27
CA THR A 150 -33.23 -6.47 10.26
C THR A 150 -33.63 -5.12 9.70
N TYR A 151 -34.92 -4.92 9.41
CA TYR A 151 -35.37 -3.65 8.77
C TYR A 151 -36.55 -3.08 9.53
N GLU A 152 -36.76 -1.76 9.42
CA GLU A 152 -37.91 -1.09 10.10
C GLU A 152 -38.67 -0.26 9.06
N VAL A 153 -40.01 -0.36 9.06
CA VAL A 153 -40.83 0.37 8.06
C VAL A 153 -41.65 1.46 8.77
N MET A 154 -41.50 2.71 8.37
CA MET A 154 -42.25 3.82 9.00
C MET A 154 -43.09 4.52 7.93
N VAL A 155 -44.39 4.58 8.08
CA VAL A 155 -45.22 5.17 7.00
C VAL A 155 -45.70 6.56 7.40
N SER A 156 -45.35 7.57 6.61
CA SER A 156 -45.79 8.93 6.85
C SER A 156 -47.22 9.10 6.35
N LYS A 157 -48.04 9.87 7.09
CA LYS A 157 -49.47 9.91 6.84
C LYS A 157 -49.80 10.99 5.81
N GLN A 158 -49.19 12.18 5.91
CA GLN A 158 -49.56 13.27 5.01
C GLN A 158 -48.37 14.18 4.70
N PRO A 159 -47.88 14.26 3.43
CA PRO A 159 -48.29 13.34 2.37
C PRO A 159 -47.73 11.93 2.60
N PHE A 160 -48.39 10.93 2.01
CA PHE A 160 -48.02 9.54 2.20
C PHE A 160 -46.58 9.30 1.71
N SER A 161 -45.81 8.55 2.51
CA SER A 161 -44.49 8.06 2.11
C SER A 161 -44.14 6.80 2.89
N ILE A 162 -43.35 5.92 2.28
CA ILE A 162 -42.91 4.68 2.99
C ILE A 162 -41.37 4.73 3.11
N LYS A 163 -40.83 4.33 4.26
CA LYS A 163 -39.37 4.42 4.47
C LYS A 163 -38.85 3.14 5.13
N VAL A 164 -37.88 2.46 4.49
CA VAL A 164 -37.28 1.23 5.08
C VAL A 164 -35.96 1.62 5.75
N ILE A 165 -35.77 1.25 7.02
CA ILE A 165 -34.56 1.67 7.79
C ILE A 165 -33.79 0.42 8.24
N ARG A 166 -32.45 0.45 8.12
CA ARG A 166 -31.62 -0.67 8.61
C ARG A 166 -31.52 -0.57 10.14
N THR A 167 -32.19 -1.46 10.88
CA THR A 167 -32.23 -1.33 12.36
C THR A 167 -30.82 -1.41 12.92
N SER A 168 -29.90 -2.09 12.24
CA SER A 168 -28.53 -2.27 12.76
C SER A 168 -27.82 -0.93 12.94
N ASN A 169 -27.86 -0.07 11.91
CA ASN A 169 -27.13 1.23 11.97
C ASN A 169 -28.09 2.39 11.79
N SER A 170 -29.40 2.13 11.86
CA SER A 170 -30.41 3.21 11.73
C SER A 170 -30.14 4.08 10.50
N ARG A 171 -29.95 3.46 9.34
CA ARG A 171 -29.73 4.22 8.08
C ARG A 171 -30.93 3.99 7.14
N VAL A 172 -31.47 5.08 6.57
CA VAL A 172 -32.63 4.97 5.63
C VAL A 172 -32.11 4.42 4.29
N LEU A 173 -32.70 3.34 3.81
CA LEU A 173 -32.28 2.73 2.51
C LEU A 173 -33.29 3.11 1.43
N PHE A 174 -34.58 2.91 1.69
CA PHE A 174 -35.64 3.25 0.71
C PHE A 174 -36.45 4.43 1.26
N ASP A 175 -36.52 5.53 0.51
CA ASP A 175 -37.31 6.72 0.95
C ASP A 175 -38.17 7.21 -0.22
N SER A 176 -39.49 7.17 -0.06
CA SER A 176 -40.41 7.59 -1.16
C SER A 176 -41.00 8.97 -0.85
N SER A 177 -40.26 9.81 -0.11
CA SER A 177 -40.76 11.13 0.24
C SER A 177 -40.26 12.19 -0.74
N ILE A 178 -39.14 11.93 -1.44
CA ILE A 178 -38.56 12.91 -2.35
C ILE A 178 -39.57 13.39 -3.41
N GLY A 179 -40.55 12.55 -3.81
CA GLY A 179 -41.52 12.99 -4.80
C GLY A 179 -42.92 12.41 -4.53
N PRO A 180 -43.99 12.83 -5.27
CA PRO A 180 -45.33 12.33 -5.02
C PRO A 180 -45.63 10.94 -5.59
N LEU A 181 -46.55 10.20 -4.95
CA LEU A 181 -47.13 9.01 -5.54
C LEU A 181 -48.17 9.43 -6.58
N LEU A 182 -48.00 8.99 -7.84
CA LEU A 182 -48.99 9.24 -8.89
C LEU A 182 -49.57 7.90 -9.31
N PHE A 183 -50.90 7.78 -9.31
CA PHE A 183 -51.54 6.51 -9.62
C PHE A 183 -52.77 6.77 -10.49
N ALA A 184 -52.57 6.70 -11.81
CA ALA A 184 -53.62 6.82 -12.81
C ALA A 184 -53.75 5.50 -13.58
N ASP A 185 -54.74 5.42 -14.46
CA ASP A 185 -54.98 4.21 -15.22
C ASP A 185 -53.79 3.86 -16.12
N GLN A 186 -53.28 4.84 -16.89
CA GLN A 186 -52.24 4.61 -17.88
C GLN A 186 -50.98 5.41 -17.53
N PHE A 187 -50.71 5.66 -16.22
CA PHE A 187 -49.53 6.38 -15.75
C PHE A 187 -49.35 6.17 -14.24
N LEU A 188 -48.26 5.49 -13.84
CA LEU A 188 -47.91 5.27 -12.43
C LEU A 188 -46.48 5.75 -12.20
N GLN A 189 -46.23 6.40 -11.04
CA GLN A 189 -44.91 6.93 -10.76
C GLN A 189 -44.59 6.81 -9.27
N LEU A 190 -43.35 6.42 -8.96
CA LEU A 190 -42.83 6.43 -7.60
C LEU A 190 -41.34 6.78 -7.62
N SER A 191 -40.92 7.72 -6.76
CA SER A 191 -39.53 8.17 -6.69
C SER A 191 -38.91 7.73 -5.37
N ILE A 192 -37.63 7.30 -5.38
CA ILE A 192 -36.98 6.73 -4.21
C ILE A 192 -35.62 7.40 -4.01
N ARG A 193 -35.40 7.98 -2.82
CA ARG A 193 -34.10 8.56 -2.49
C ARG A 193 -33.18 7.46 -1.96
N LEU A 194 -31.91 7.43 -2.41
CA LEU A 194 -30.99 6.34 -2.12
C LEU A 194 -29.82 6.83 -1.26
N PRO A 195 -29.28 5.98 -0.35
CA PRO A 195 -28.18 6.38 0.52
C PRO A 195 -26.86 6.69 -0.19
N SER A 196 -26.63 6.14 -1.40
CA SER A 196 -25.38 6.37 -2.10
C SER A 196 -25.60 6.41 -3.63
N ALA A 197 -24.55 6.72 -4.37
CA ALA A 197 -24.65 6.76 -5.86
C ALA A 197 -24.09 5.48 -6.47
N ASN A 198 -23.67 4.53 -5.63
CA ASN A 198 -23.16 3.22 -6.14
C ASN A 198 -24.34 2.38 -6.61
N VAL A 199 -24.84 2.62 -7.83
CA VAL A 199 -26.00 1.89 -8.32
C VAL A 199 -25.60 1.02 -9.49
N TYR A 200 -25.96 -0.23 -9.50
CA TYR A 200 -25.53 -1.20 -10.53
C TYR A 200 -26.75 -1.93 -10.93
N GLY A 201 -26.98 -2.19 -12.22
CA GLY A 201 -28.15 -3.01 -12.65
C GLY A 201 -29.06 -2.28 -13.61
N LEU A 202 -30.34 -2.69 -13.70
CA LEU A 202 -31.35 -2.05 -14.59
C LEU A 202 -31.02 -2.36 -16.06
N GLY A 203 -31.85 -3.14 -16.76
CA GLY A 203 -31.52 -3.54 -18.14
C GLY A 203 -32.72 -3.91 -18.96
N GLU A 204 -32.59 -4.03 -20.28
CA GLU A 204 -31.33 -4.40 -20.97
C GLU A 204 -30.88 -3.27 -21.90
N HIS A 205 -29.80 -2.56 -21.58
CA HIS A 205 -29.28 -1.45 -22.41
C HIS A 205 -27.75 -1.48 -22.42
N VAL A 206 -27.13 -0.64 -23.25
CA VAL A 206 -25.63 -0.55 -23.25
C VAL A 206 -25.24 0.66 -22.38
N HIS A 207 -24.80 0.41 -21.15
CA HIS A 207 -24.47 1.53 -20.21
C HIS A 207 -23.03 1.99 -20.42
N GLN A 208 -22.21 1.17 -21.11
CA GLN A 208 -20.80 1.54 -21.41
C GLN A 208 -20.00 1.66 -20.10
N GLN A 209 -20.62 1.35 -18.95
CA GLN A 209 -19.91 1.39 -17.65
C GLN A 209 -20.77 0.66 -16.61
N TYR A 210 -20.13 -0.13 -15.73
CA TYR A 210 -20.89 -0.90 -14.71
C TYR A 210 -21.61 0.06 -13.77
N ARG A 211 -20.85 0.94 -13.10
CA ARG A 211 -21.47 1.95 -12.19
C ARG A 211 -22.41 2.83 -13.00
N HIS A 212 -23.50 3.31 -12.40
CA HIS A 212 -24.50 4.10 -13.17
C HIS A 212 -24.26 5.61 -13.02
N ASP A 213 -24.20 6.33 -14.14
CA ASP A 213 -24.05 7.78 -14.12
C ASP A 213 -25.38 8.41 -13.65
N MET A 214 -25.36 9.07 -12.50
CA MET A 214 -26.60 9.51 -11.87
C MET A 214 -26.97 10.93 -12.34
N ASN A 215 -26.42 11.37 -13.47
CA ASN A 215 -26.60 12.75 -13.91
C ASN A 215 -27.74 12.87 -14.92
N TRP A 216 -28.98 12.91 -14.40
CA TRP A 216 -30.17 13.22 -15.16
C TRP A 216 -30.29 12.33 -16.42
N LYS A 217 -30.12 11.01 -16.25
CA LYS A 217 -30.20 10.03 -17.34
C LYS A 217 -31.47 9.19 -17.25
N THR A 218 -32.19 8.99 -18.38
CA THR A 218 -33.42 8.20 -18.40
C THR A 218 -33.30 7.01 -19.34
N TRP A 219 -33.74 5.83 -18.88
CA TRP A 219 -33.61 4.61 -19.65
C TRP A 219 -34.96 3.96 -19.93
N PRO A 220 -35.35 3.75 -21.21
CA PRO A 220 -36.59 3.06 -21.53
C PRO A 220 -36.50 1.54 -21.40
N ILE A 221 -37.58 0.89 -20.95
CA ILE A 221 -37.59 -0.56 -20.79
C ILE A 221 -38.81 -1.13 -21.51
N PHE A 222 -38.58 -1.72 -22.70
CA PHE A 222 -39.62 -2.30 -23.55
C PHE A 222 -38.97 -3.18 -24.61
N ALA A 223 -39.29 -4.48 -24.64
CA ALA A 223 -38.53 -5.41 -25.47
C ALA A 223 -38.70 -5.04 -26.94
N ARG A 224 -37.58 -5.10 -27.68
CA ARG A 224 -37.52 -4.63 -29.06
C ARG A 224 -36.33 -5.23 -29.79
N ASP A 225 -36.56 -5.61 -31.05
CA ASP A 225 -35.52 -6.10 -31.94
C ASP A 225 -34.80 -4.92 -32.59
N THR A 226 -33.55 -4.69 -32.14
CA THR A 226 -32.70 -3.63 -32.67
C THR A 226 -31.25 -3.94 -32.32
N VAL A 227 -30.31 -3.31 -33.02
CA VAL A 227 -28.89 -3.51 -32.77
C VAL A 227 -28.45 -2.76 -31.51
N PRO A 228 -27.52 -3.31 -30.69
CA PRO A 228 -26.95 -2.56 -29.52
C PRO A 228 -26.07 -1.43 -30.01
N ASN A 229 -26.67 -0.39 -30.59
CA ASN A 229 -25.90 0.75 -31.16
C ASN A 229 -25.14 1.49 -30.06
N GLY A 230 -25.75 1.64 -28.87
CA GLY A 230 -25.11 2.42 -27.80
C GLY A 230 -25.67 3.83 -27.76
N ASP A 231 -26.88 4.02 -28.30
CA ASP A 231 -27.53 5.36 -28.30
C ASP A 231 -28.60 5.42 -27.20
N GLY A 232 -28.52 4.51 -26.22
CA GLY A 232 -29.50 4.48 -25.11
C GLY A 232 -30.89 4.16 -25.60
N ASN A 233 -31.06 2.98 -26.23
CA ASN A 233 -32.39 2.56 -26.72
C ASN A 233 -32.81 1.25 -26.03
N ASN A 234 -34.11 0.99 -25.93
CA ASN A 234 -34.61 -0.27 -25.32
C ASN A 234 -34.13 -1.45 -26.17
N LEU A 235 -33.68 -2.55 -25.55
CA LEU A 235 -33.14 -3.69 -26.33
C LEU A 235 -34.13 -4.86 -26.34
N TYR A 236 -33.66 -6.10 -26.13
CA TYR A 236 -34.54 -7.29 -26.29
C TYR A 236 -35.20 -7.74 -24.98
N GLY A 237 -34.72 -7.30 -23.82
CA GLY A 237 -35.27 -7.83 -22.58
C GLY A 237 -35.80 -6.71 -21.68
N ALA A 238 -36.35 -7.11 -20.52
CA ALA A 238 -36.92 -6.19 -19.54
C ALA A 238 -36.53 -6.60 -18.11
N GLN A 239 -35.57 -5.89 -17.48
CA GLN A 239 -35.13 -6.21 -16.12
C GLN A 239 -35.14 -4.97 -15.23
N THR A 240 -35.86 -5.03 -14.09
CA THR A 240 -36.11 -3.85 -13.27
C THR A 240 -35.30 -3.85 -11.97
N PHE A 241 -34.38 -4.80 -11.79
CA PHE A 241 -33.70 -4.97 -10.51
C PHE A 241 -32.48 -4.07 -10.48
N PHE A 242 -32.21 -3.41 -9.33
CA PHE A 242 -30.93 -2.74 -9.18
C PHE A 242 -30.38 -3.01 -7.79
N LEU A 243 -29.04 -2.92 -7.68
CA LEU A 243 -28.30 -3.11 -6.44
C LEU A 243 -27.68 -1.78 -6.06
N CYS A 244 -27.60 -1.51 -4.75
CA CYS A 244 -26.91 -0.33 -4.25
C CYS A 244 -25.99 -0.67 -3.07
N LEU A 245 -24.72 -0.30 -3.19
CA LEU A 245 -23.72 -0.54 -2.16
C LEU A 245 -23.63 0.67 -1.24
N GLU A 246 -24.15 0.55 -0.01
CA GLU A 246 -24.24 1.72 0.89
C GLU A 246 -22.88 2.29 1.27
N ASP A 247 -21.89 1.44 1.58
CA ASP A 247 -20.61 1.94 2.07
C ASP A 247 -19.57 0.82 2.10
N ALA A 248 -18.34 1.13 2.56
CA ALA A 248 -17.21 0.24 2.43
C ALA A 248 -17.24 -0.91 3.45
N SER A 249 -18.26 -0.97 4.31
CA SER A 249 -18.46 -2.11 5.19
C SER A 249 -18.96 -3.33 4.41
N GLY A 250 -19.43 -3.10 3.17
CA GLY A 250 -20.07 -4.13 2.38
C GLY A 250 -21.60 -4.00 2.40
N LEU A 251 -22.14 -3.33 3.42
CA LEU A 251 -23.62 -3.23 3.57
C LEU A 251 -24.23 -2.87 2.21
N SER A 252 -25.27 -3.60 1.79
CA SER A 252 -25.85 -3.37 0.48
C SER A 252 -27.35 -3.64 0.57
N PHE A 253 -28.12 -3.12 -0.39
CA PHE A 253 -29.51 -3.54 -0.53
C PHE A 253 -29.93 -3.50 -2.00
N GLY A 254 -31.04 -4.17 -2.33
CA GLY A 254 -31.51 -4.21 -3.70
C GLY A 254 -33.00 -3.91 -3.79
N VAL A 255 -33.45 -3.46 -4.96
CA VAL A 255 -34.86 -3.20 -5.21
C VAL A 255 -35.28 -3.89 -6.50
N PHE A 256 -36.50 -4.43 -6.50
CA PHE A 256 -37.05 -5.16 -7.64
C PHE A 256 -38.50 -4.77 -7.81
N LEU A 257 -38.89 -4.33 -9.00
CA LEU A 257 -40.28 -3.98 -9.29
C LEU A 257 -40.87 -5.06 -10.20
N MET A 258 -41.95 -5.71 -9.76
CA MET A 258 -42.63 -6.72 -10.56
C MET A 258 -43.71 -6.04 -11.42
N ASN A 259 -43.37 -5.64 -12.66
CA ASN A 259 -44.29 -4.96 -13.57
C ASN A 259 -43.85 -5.23 -15.02
N SER A 260 -44.78 -5.65 -15.89
CA SER A 260 -44.42 -6.04 -17.25
C SER A 260 -44.78 -4.98 -18.28
N ASN A 261 -45.42 -3.88 -17.87
CA ASN A 261 -45.81 -2.83 -18.81
C ASN A 261 -44.58 -2.05 -19.26
N ALA A 262 -44.69 -1.32 -20.38
CA ALA A 262 -43.64 -0.43 -20.87
C ALA A 262 -43.36 0.66 -19.84
N MET A 263 -42.09 0.99 -19.66
CA MET A 263 -41.72 1.91 -18.61
C MET A 263 -40.38 2.58 -18.89
N GLU A 264 -40.05 3.59 -18.07
CA GLU A 264 -38.73 4.18 -18.09
C GLU A 264 -38.25 4.44 -16.67
N VAL A 265 -36.94 4.38 -16.49
CA VAL A 265 -36.29 4.58 -15.15
C VAL A 265 -35.37 5.80 -15.23
N ALA A 266 -35.54 6.75 -14.33
CA ALA A 266 -34.88 8.06 -14.34
C ALA A 266 -33.98 8.21 -13.12
N LEU A 267 -32.66 8.34 -13.38
CA LEU A 267 -31.69 8.52 -12.28
C LEU A 267 -31.49 10.03 -12.05
N GLN A 268 -31.22 10.43 -10.81
CA GLN A 268 -31.11 11.88 -10.50
C GLN A 268 -29.94 12.08 -9.52
N PRO A 269 -29.13 13.14 -9.65
CA PRO A 269 -27.93 13.35 -8.78
C PRO A 269 -28.38 13.79 -7.38
N ALA A 270 -29.36 13.08 -6.82
CA ALA A 270 -29.90 13.45 -5.48
C ALA A 270 -29.12 12.74 -4.36
N PRO A 271 -28.91 11.39 -4.34
CA PRO A 271 -29.18 10.45 -5.48
C PRO A 271 -30.61 9.92 -5.40
N ALA A 272 -31.22 9.68 -6.56
CA ALA A 272 -32.64 9.24 -6.57
C ALA A 272 -32.98 8.50 -7.86
N VAL A 273 -33.86 7.49 -7.76
CA VAL A 273 -34.33 6.71 -8.95
C VAL A 273 -35.84 6.88 -9.03
N THR A 274 -36.43 6.85 -10.23
CA THR A 274 -37.89 7.01 -10.38
C THR A 274 -38.42 6.13 -11.47
N TYR A 275 -39.39 5.27 -11.16
CA TYR A 275 -40.02 4.36 -12.12
C TYR A 275 -41.32 4.94 -12.60
N ARG A 276 -41.47 5.09 -13.91
CA ARG A 276 -42.65 5.62 -14.57
C ARG A 276 -43.21 4.58 -15.53
N THR A 277 -44.41 4.04 -15.26
CA THR A 277 -44.93 2.93 -16.07
C THR A 277 -46.28 3.29 -16.69
N THR A 278 -46.71 2.50 -17.68
CA THR A 278 -47.88 2.82 -18.49
C THR A 278 -49.08 2.00 -18.03
N GLY A 279 -48.92 1.21 -16.96
CA GLY A 279 -50.04 0.41 -16.46
C GLY A 279 -49.63 -0.58 -15.38
N GLY A 280 -50.58 -1.45 -14.99
CA GLY A 280 -50.38 -2.45 -13.95
C GLY A 280 -50.47 -1.87 -12.53
N ILE A 281 -49.72 -2.46 -11.59
CA ILE A 281 -49.67 -2.02 -10.20
C ILE A 281 -48.22 -1.82 -9.77
N LEU A 282 -48.02 -1.10 -8.66
CA LEU A 282 -46.68 -0.93 -8.10
C LEU A 282 -46.44 -2.02 -7.04
N ASP A 283 -45.61 -3.00 -7.40
CA ASP A 283 -45.35 -4.20 -6.60
C ASP A 283 -43.86 -4.34 -6.28
N PHE A 284 -43.42 -3.81 -5.13
CA PHE A 284 -42.00 -3.66 -4.86
C PHE A 284 -41.49 -4.70 -3.87
N TYR A 285 -40.21 -5.09 -4.04
CA TYR A 285 -39.48 -5.90 -3.08
C TYR A 285 -38.19 -5.18 -2.71
N VAL A 286 -37.92 -5.06 -1.41
CA VAL A 286 -36.67 -4.53 -0.91
C VAL A 286 -35.91 -5.68 -0.28
N LEU A 287 -34.67 -5.88 -0.68
CA LEU A 287 -33.88 -7.03 -0.29
C LEU A 287 -32.63 -6.51 0.39
N LEU A 288 -32.32 -7.00 1.59
CA LEU A 288 -31.20 -6.50 2.37
C LEU A 288 -30.13 -7.57 2.41
N GLY A 289 -28.86 -7.14 2.50
CA GLY A 289 -27.77 -8.08 2.72
C GLY A 289 -26.55 -7.38 3.31
N ASN A 290 -25.66 -8.18 3.90
CA ASN A 290 -24.45 -7.64 4.52
C ASN A 290 -23.39 -7.39 3.45
N THR A 291 -23.50 -8.06 2.29
CA THR A 291 -22.56 -7.87 1.19
C THR A 291 -23.32 -7.79 -0.13
N PRO A 292 -22.70 -7.31 -1.23
CA PRO A 292 -23.34 -7.39 -2.55
C PRO A 292 -23.79 -8.81 -2.93
N GLU A 293 -22.96 -9.82 -2.67
CA GLU A 293 -23.30 -11.17 -3.07
C GLU A 293 -24.54 -11.66 -2.32
N GLN A 294 -24.73 -11.25 -1.07
CA GLN A 294 -25.89 -11.70 -0.33
C GLN A 294 -27.18 -11.07 -0.84
N VAL A 295 -27.08 -9.87 -1.39
CA VAL A 295 -28.24 -9.22 -1.98
C VAL A 295 -28.65 -9.98 -3.23
N VAL A 296 -27.66 -10.40 -4.03
CA VAL A 296 -27.93 -11.15 -5.25
C VAL A 296 -28.54 -12.50 -4.93
N GLN A 297 -28.05 -13.18 -3.89
CA GLN A 297 -28.60 -14.46 -3.49
C GLN A 297 -30.05 -14.32 -3.05
N GLU A 298 -30.35 -13.27 -2.28
CA GLU A 298 -31.71 -13.03 -1.86
C GLU A 298 -32.64 -12.88 -3.07
N TYR A 299 -32.20 -12.10 -4.07
CA TYR A 299 -33.00 -11.83 -5.25
C TYR A 299 -33.25 -13.11 -6.03
N LEU A 300 -32.23 -13.95 -6.20
CA LEU A 300 -32.36 -15.13 -7.04
C LEU A 300 -33.19 -16.20 -6.36
N GLN A 301 -33.17 -16.22 -5.02
CA GLN A 301 -34.04 -17.14 -4.31
C GLN A 301 -35.51 -16.78 -4.48
N LEU A 302 -35.81 -15.48 -4.69
CA LEU A 302 -37.17 -15.02 -4.89
C LEU A 302 -37.68 -15.30 -6.31
N ILE A 303 -36.87 -15.03 -7.36
CA ILE A 303 -37.36 -15.11 -8.73
C ILE A 303 -37.09 -16.49 -9.36
N GLY A 304 -36.14 -17.28 -8.82
CA GLY A 304 -35.87 -18.61 -9.33
C GLY A 304 -34.39 -18.81 -9.68
N LEU A 305 -33.81 -19.93 -9.23
CA LEU A 305 -32.36 -20.13 -9.32
C LEU A 305 -31.97 -20.56 -10.71
N PRO A 306 -30.78 -20.15 -11.24
CA PRO A 306 -30.38 -20.50 -12.58
C PRO A 306 -30.28 -21.99 -12.84
N ALA A 307 -30.53 -22.38 -14.10
CA ALA A 307 -30.39 -23.75 -14.56
C ALA A 307 -28.92 -24.16 -14.56
N LEU A 308 -28.63 -25.44 -14.26
CA LEU A 308 -27.29 -25.98 -14.42
C LEU A 308 -27.11 -26.43 -15.87
N PRO A 309 -26.15 -25.90 -16.67
CA PRO A 309 -26.04 -26.26 -18.08
C PRO A 309 -25.38 -27.62 -18.31
N PRO A 310 -25.55 -28.30 -19.47
CA PRO A 310 -24.80 -29.51 -19.74
C PRO A 310 -23.32 -29.20 -19.88
N TYR A 311 -22.45 -30.12 -19.46
CA TYR A 311 -21.01 -29.89 -19.44
C TYR A 311 -20.49 -29.51 -20.83
N TRP A 312 -21.07 -30.09 -21.89
CA TRP A 312 -20.57 -29.82 -23.26
C TRP A 312 -20.84 -28.35 -23.67
N ALA A 313 -21.88 -27.73 -23.11
CA ALA A 313 -22.20 -26.36 -23.46
C ALA A 313 -21.14 -25.37 -22.96
N LEU A 314 -20.27 -25.79 -22.03
CA LEU A 314 -19.21 -24.91 -21.53
C LEU A 314 -17.99 -24.90 -22.46
N GLY A 315 -17.96 -25.76 -23.49
CA GLY A 315 -16.92 -25.72 -24.51
C GLY A 315 -17.05 -24.51 -25.44
N PHE A 316 -16.33 -24.56 -26.57
CA PHE A 316 -16.38 -23.45 -27.57
C PHE A 316 -17.43 -23.77 -28.63
N HIS A 317 -18.09 -22.73 -29.14
CA HIS A 317 -19.14 -22.88 -30.15
C HIS A 317 -18.81 -22.10 -31.43
N LEU A 318 -19.21 -22.63 -32.60
CA LEU A 318 -18.92 -22.02 -33.88
C LEU A 318 -20.22 -21.83 -34.66
N SER A 319 -20.39 -20.67 -35.30
CA SER A 319 -21.67 -20.40 -36.00
C SER A 319 -21.49 -19.32 -37.07
N ARG A 320 -22.38 -19.29 -38.07
CA ARG A 320 -22.34 -18.25 -39.14
C ARG A 320 -23.76 -18.09 -39.70
N TYR A 321 -24.13 -16.86 -40.10
CA TYR A 321 -25.51 -16.62 -40.59
C TYR A 321 -25.76 -17.40 -41.87
N ASP A 322 -24.98 -17.14 -42.93
CA ASP A 322 -25.28 -17.81 -44.23
C ASP A 322 -24.17 -18.77 -44.64
N TYR A 323 -24.39 -20.08 -44.46
CA TYR A 323 -23.41 -21.10 -44.94
C TYR A 323 -23.81 -21.44 -46.36
N GLU A 324 -24.96 -20.92 -46.82
CA GLU A 324 -25.44 -21.13 -48.22
C GLU A 324 -25.83 -22.60 -48.41
N THR A 325 -24.87 -23.52 -48.30
CA THR A 325 -25.07 -24.93 -48.59
C THR A 325 -24.48 -25.77 -47.46
N LEU A 326 -24.89 -27.05 -47.38
CA LEU A 326 -24.38 -27.96 -46.38
C LEU A 326 -22.87 -28.17 -46.58
N ASP A 327 -22.41 -28.16 -47.84
CA ASP A 327 -21.02 -28.43 -48.17
C ASP A 327 -20.08 -27.37 -47.59
N ASN A 328 -20.49 -26.10 -47.68
CA ASN A 328 -19.70 -25.00 -47.14
C ASN A 328 -19.58 -25.15 -45.62
N MET A 329 -20.68 -25.52 -44.97
CA MET A 329 -20.70 -25.73 -43.53
C MET A 329 -19.71 -26.86 -43.19
N ARG A 330 -19.72 -27.95 -43.98
CA ARG A 330 -18.90 -29.11 -43.73
C ARG A 330 -17.41 -28.77 -43.82
N GLU A 331 -17.06 -27.90 -44.77
CA GLU A 331 -15.68 -27.48 -44.98
C GLU A 331 -15.15 -26.74 -43.76
N VAL A 332 -15.99 -25.89 -43.15
CA VAL A 332 -15.61 -25.15 -41.96
C VAL A 332 -15.36 -26.11 -40.81
N VAL A 333 -16.24 -27.10 -40.66
CA VAL A 333 -16.09 -28.09 -39.60
C VAL A 333 -14.73 -28.77 -39.76
N GLU A 334 -14.40 -29.20 -40.98
CA GLU A 334 -13.21 -30.01 -41.22
C GLU A 334 -11.94 -29.20 -41.01
N ARG A 335 -11.93 -27.95 -41.46
CA ARG A 335 -10.79 -27.06 -41.35
C ARG A 335 -10.36 -26.86 -39.89
N ASN A 336 -11.34 -26.62 -39.03
CA ASN A 336 -11.10 -26.29 -37.63
C ASN A 336 -10.70 -27.54 -36.86
N ARG A 337 -11.28 -28.68 -37.24
CA ARG A 337 -10.87 -29.95 -36.67
C ARG A 337 -9.39 -30.21 -37.00
N ALA A 338 -9.03 -29.99 -38.26
CA ALA A 338 -7.67 -30.23 -38.73
C ALA A 338 -6.66 -29.36 -37.96
N ALA A 339 -7.10 -28.18 -37.50
CA ALA A 339 -6.23 -27.24 -36.79
C ALA A 339 -6.07 -27.62 -35.32
N GLN A 340 -6.88 -28.60 -34.86
CA GLN A 340 -6.84 -29.09 -33.49
C GLN A 340 -7.25 -27.99 -32.52
N LEU A 341 -8.21 -27.16 -32.95
CA LEU A 341 -8.71 -26.07 -32.07
C LEU A 341 -9.81 -26.63 -31.16
N PRO A 342 -9.80 -26.35 -29.84
CA PRO A 342 -10.91 -26.80 -28.94
C PRO A 342 -12.25 -26.37 -29.53
N TYR A 343 -13.05 -27.33 -30.00
CA TYR A 343 -14.34 -27.03 -30.66
C TYR A 343 -15.31 -28.13 -30.30
N ASP A 344 -16.50 -27.80 -29.81
CA ASP A 344 -17.44 -28.85 -29.34
C ASP A 344 -18.83 -28.69 -29.97
N VAL A 345 -19.31 -27.46 -30.15
CA VAL A 345 -20.71 -27.29 -30.64
C VAL A 345 -20.75 -26.53 -31.98
N GLN A 346 -21.53 -27.03 -32.94
CA GLN A 346 -21.71 -26.34 -34.24
C GLN A 346 -23.17 -25.89 -34.34
N HIS A 347 -23.41 -24.61 -34.65
CA HIS A 347 -24.80 -24.09 -34.69
C HIS A 347 -25.29 -24.04 -36.15
N ALA A 348 -26.60 -24.12 -36.34
CA ALA A 348 -27.18 -24.03 -37.71
C ALA A 348 -28.21 -22.90 -37.73
N ASP A 349 -28.10 -21.97 -38.68
CA ASP A 349 -29.02 -20.80 -38.73
C ASP A 349 -30.23 -21.13 -39.62
N ILE A 350 -30.96 -20.12 -40.09
CA ILE A 350 -32.22 -20.36 -40.87
C ILE A 350 -31.91 -20.90 -42.28
N ASP A 351 -30.63 -21.12 -42.60
CA ASP A 351 -30.24 -21.65 -43.94
C ASP A 351 -30.88 -23.02 -44.18
N TYR A 352 -30.74 -23.94 -43.23
CA TYR A 352 -31.26 -25.32 -43.43
C TYR A 352 -32.74 -25.23 -43.80
N MET A 353 -33.49 -24.39 -43.09
CA MET A 353 -34.96 -24.27 -43.33
C MET A 353 -35.21 -23.85 -44.78
N ASP A 354 -35.91 -24.67 -45.56
CA ASP A 354 -36.28 -24.28 -46.95
C ASP A 354 -37.31 -23.16 -46.87
N LYS A 355 -37.16 -22.11 -47.69
CA LYS A 355 -38.07 -20.94 -47.63
C LYS A 355 -38.20 -20.50 -46.17
N ARG A 356 -37.09 -20.49 -45.44
CA ARG A 356 -37.10 -20.06 -44.01
C ARG A 356 -38.39 -20.53 -43.33
N ARG A 357 -38.70 -21.82 -43.39
CA ARG A 357 -39.89 -22.36 -42.69
C ARG A 357 -39.43 -23.29 -41.56
N ASP A 358 -40.00 -23.16 -40.37
CA ASP A 358 -39.54 -23.97 -39.19
C ASP A 358 -39.92 -25.43 -39.38
N PHE A 359 -39.22 -26.34 -38.68
CA PHE A 359 -39.57 -27.79 -38.71
C PHE A 359 -39.42 -28.35 -40.12
N THR A 360 -38.67 -27.68 -40.98
CA THR A 360 -38.42 -28.17 -42.36
C THR A 360 -36.97 -27.93 -42.69
N TYR A 361 -36.41 -28.67 -43.66
CA TYR A 361 -35.01 -28.42 -44.08
C TYR A 361 -34.93 -28.46 -45.62
N ASN A 362 -33.96 -27.75 -46.20
CA ASN A 362 -33.82 -27.69 -47.68
C ASN A 362 -33.60 -29.10 -48.22
N PRO A 363 -34.42 -29.59 -49.17
CA PRO A 363 -34.33 -30.98 -49.71
C PRO A 363 -33.15 -31.13 -50.66
N VAL A 364 -32.61 -30.03 -51.18
CA VAL A 364 -31.52 -30.13 -52.20
C VAL A 364 -30.23 -29.50 -51.65
N ASP A 365 -30.25 -28.21 -51.33
CA ASP A 365 -29.02 -27.51 -50.87
C ASP A 365 -28.52 -28.15 -49.56
N PHE A 366 -29.44 -28.52 -48.67
CA PHE A 366 -29.04 -29.08 -47.35
C PHE A 366 -29.38 -30.57 -47.31
N LYS A 367 -29.44 -31.22 -48.48
CA LYS A 367 -29.68 -32.68 -48.52
C LYS A 367 -28.53 -33.37 -47.77
N GLY A 368 -28.85 -34.27 -46.84
CA GLY A 368 -27.80 -34.92 -46.03
C GLY A 368 -27.66 -34.25 -44.68
N PHE A 369 -28.51 -33.27 -44.39
CA PHE A 369 -28.49 -32.60 -43.06
C PHE A 369 -28.45 -33.68 -41.95
N PRO A 370 -29.32 -34.71 -41.94
CA PRO A 370 -29.24 -35.76 -40.94
C PRO A 370 -27.87 -36.44 -40.82
N GLU A 371 -27.18 -36.57 -41.96
CA GLU A 371 -25.88 -37.21 -41.99
C GLU A 371 -24.87 -36.31 -41.29
N LEU A 372 -25.03 -34.99 -41.43
CA LEU A 372 -24.13 -34.05 -40.77
C LEU A 372 -24.25 -34.24 -39.25
N ALA A 373 -25.49 -34.34 -38.75
CA ALA A 373 -25.72 -34.50 -37.32
C ALA A 373 -24.99 -35.74 -36.81
N GLN A 374 -25.07 -36.84 -37.58
CA GLN A 374 -24.42 -38.09 -37.22
C GLN A 374 -22.90 -37.95 -37.29
N ASP A 375 -22.40 -37.24 -38.31
CA ASP A 375 -20.97 -37.01 -38.47
C ASP A 375 -20.41 -36.25 -37.26
N LEU A 376 -21.11 -35.18 -36.84
CA LEU A 376 -20.70 -34.44 -35.66
C LEU A 376 -20.60 -35.38 -34.46
N HIS A 377 -21.64 -36.19 -34.25
CA HIS A 377 -21.71 -37.06 -33.06
C HIS A 377 -20.55 -38.06 -33.05
N ASN A 378 -20.15 -38.56 -34.22
CA ASN A 378 -19.09 -39.56 -34.31
C ASN A 378 -17.73 -38.94 -34.01
N ASN A 379 -17.66 -37.60 -33.90
CA ASN A 379 -16.43 -36.91 -33.57
C ASN A 379 -16.58 -36.19 -32.22
N GLY A 380 -17.59 -36.60 -31.44
CA GLY A 380 -17.81 -36.00 -30.10
C GLY A 380 -18.17 -34.53 -30.19
N GLN A 381 -18.89 -34.13 -31.24
CA GLN A 381 -19.33 -32.72 -31.37
C GLN A 381 -20.87 -32.67 -31.31
N LYS A 382 -21.45 -31.48 -31.15
CA LYS A 382 -22.93 -31.38 -30.99
C LYS A 382 -23.55 -30.50 -32.08
N LEU A 383 -24.87 -30.55 -32.21
CA LEU A 383 -25.60 -29.70 -33.21
C LEU A 383 -26.69 -28.92 -32.48
N VAL A 384 -26.67 -27.60 -32.60
CA VAL A 384 -27.73 -26.75 -32.09
C VAL A 384 -28.42 -26.11 -33.30
N ILE A 385 -29.76 -26.25 -33.40
CA ILE A 385 -30.54 -25.71 -34.51
C ILE A 385 -31.38 -24.52 -34.05
N ILE A 386 -31.66 -23.57 -34.96
CA ILE A 386 -32.45 -22.39 -34.66
C ILE A 386 -33.95 -22.66 -34.91
N VAL A 387 -34.84 -21.99 -34.16
CA VAL A 387 -36.28 -22.15 -34.31
C VAL A 387 -36.92 -20.79 -34.06
N ASP A 388 -37.84 -20.36 -34.93
CA ASP A 388 -38.51 -19.08 -34.80
C ASP A 388 -39.95 -19.28 -34.34
N PRO A 389 -40.56 -18.29 -33.64
CA PRO A 389 -41.93 -18.41 -33.16
C PRO A 389 -42.97 -18.28 -34.27
N ALA A 390 -42.68 -17.49 -35.31
CA ALA A 390 -43.64 -17.21 -36.36
C ALA A 390 -43.82 -18.40 -37.29
N ILE A 391 -45.07 -18.80 -37.56
CA ILE A 391 -45.38 -19.93 -38.45
C ILE A 391 -46.08 -19.38 -39.69
N SER A 392 -45.71 -19.85 -40.90
CA SER A 392 -46.28 -19.34 -42.16
C SER A 392 -47.74 -19.79 -42.31
N ASN A 393 -48.49 -19.16 -43.23
CA ASN A 393 -49.91 -19.48 -43.40
C ASN A 393 -50.16 -20.18 -44.74
N ASP A 394 -49.14 -20.25 -45.61
CA ASP A 394 -49.31 -20.83 -46.94
C ASP A 394 -49.35 -22.35 -46.85
N SER A 395 -50.45 -22.91 -46.34
CA SER A 395 -50.69 -24.34 -46.33
C SER A 395 -51.90 -24.69 -47.20
N SER A 396 -51.65 -25.20 -48.42
CA SER A 396 -52.71 -25.61 -49.31
C SER A 396 -52.79 -27.14 -49.38
N PRO A 397 -53.95 -27.76 -49.77
CA PRO A 397 -53.99 -29.19 -50.05
C PRO A 397 -52.96 -29.66 -51.08
N SER A 398 -52.60 -28.79 -52.03
CA SER A 398 -51.56 -29.09 -53.01
C SER A 398 -50.19 -29.22 -52.34
N SER A 399 -49.84 -28.26 -51.45
CA SER A 399 -48.57 -28.25 -50.76
C SER A 399 -48.79 -28.01 -49.26
N PRO A 400 -49.07 -29.06 -48.46
CA PRO A 400 -49.39 -28.88 -47.04
C PRO A 400 -48.19 -28.45 -46.20
N TYR A 401 -48.47 -27.67 -45.14
CA TYR A 401 -47.49 -27.28 -44.13
C TYR A 401 -48.03 -27.70 -42.76
N GLY A 402 -47.48 -28.79 -42.23
CA GLY A 402 -48.00 -29.48 -41.07
C GLY A 402 -48.09 -28.59 -39.82
N PRO A 403 -46.99 -27.89 -39.43
CA PRO A 403 -47.04 -27.02 -38.27
C PRO A 403 -48.25 -26.09 -38.26
N TYR A 404 -48.59 -25.51 -39.42
CA TYR A 404 -49.70 -24.58 -39.50
C TYR A 404 -51.04 -25.29 -39.35
N ASP A 405 -51.21 -26.41 -40.06
CA ASP A 405 -52.49 -27.14 -40.08
C ASP A 405 -52.86 -27.63 -38.68
N ARG A 406 -51.89 -28.25 -37.98
CA ARG A 406 -52.11 -28.81 -36.66
C ARG A 406 -52.41 -27.69 -35.65
N GLY A 407 -51.70 -26.56 -35.79
CA GLY A 407 -51.87 -25.42 -34.91
C GLY A 407 -53.23 -24.75 -35.08
N SER A 408 -53.67 -24.61 -36.33
CA SER A 408 -54.98 -24.06 -36.65
C SER A 408 -56.08 -24.95 -36.06
N ASP A 409 -55.89 -26.27 -36.15
CA ASP A 409 -56.84 -27.22 -35.60
C ASP A 409 -56.99 -27.06 -34.08
N ALA A 410 -55.90 -26.65 -33.41
CA ALA A 410 -55.87 -26.51 -31.96
C ALA A 410 -56.25 -25.09 -31.49
N LYS A 411 -56.32 -24.12 -32.43
CA LYS A 411 -56.74 -22.76 -32.15
C LYS A 411 -55.82 -22.11 -31.11
N ILE A 412 -54.53 -22.06 -31.44
CA ILE A 412 -53.50 -21.69 -30.48
C ILE A 412 -52.79 -20.41 -30.94
N TRP A 413 -53.41 -19.63 -31.84
CA TRP A 413 -52.77 -18.45 -32.36
C TRP A 413 -53.14 -17.23 -31.51
N VAL A 414 -52.29 -16.19 -31.56
CA VAL A 414 -52.61 -14.86 -31.05
C VAL A 414 -53.69 -14.28 -31.94
N ASN A 415 -54.71 -13.65 -31.33
CA ASN A 415 -55.87 -13.21 -32.08
C ASN A 415 -55.95 -11.68 -32.16
N ASP A 416 -56.66 -11.21 -33.20
CA ASP A 416 -57.06 -9.81 -33.33
C ASP A 416 -57.93 -9.40 -32.15
N PRO A 417 -58.22 -8.09 -31.96
CA PRO A 417 -59.04 -7.64 -30.84
C PRO A 417 -60.39 -8.36 -30.66
N ASP A 418 -60.95 -8.89 -31.76
CA ASP A 418 -62.23 -9.62 -31.73
C ASP A 418 -62.10 -10.95 -30.96
N GLY A 419 -60.87 -11.40 -30.69
CA GLY A 419 -60.60 -12.55 -29.84
C GLY A 419 -60.74 -13.89 -30.57
N VAL A 420 -61.04 -13.85 -31.88
CA VAL A 420 -61.34 -15.06 -32.64
C VAL A 420 -60.43 -15.20 -33.86
N THR A 421 -60.17 -14.10 -34.59
CA THR A 421 -59.44 -14.16 -35.84
C THR A 421 -57.93 -14.10 -35.56
N PRO A 422 -57.13 -15.07 -36.05
CA PRO A 422 -55.68 -14.98 -35.95
C PRO A 422 -55.09 -13.69 -36.52
N LEU A 423 -54.24 -13.03 -35.74
CA LEU A 423 -53.54 -11.83 -36.21
C LEU A 423 -52.46 -12.25 -37.20
N ILE A 424 -52.38 -11.56 -38.34
CA ILE A 424 -51.41 -11.93 -39.41
C ILE A 424 -50.26 -10.91 -39.43
N GLY A 425 -49.01 -11.37 -39.29
CA GLY A 425 -47.85 -10.48 -39.35
C GLY A 425 -46.92 -10.91 -40.47
N GLU A 426 -45.83 -10.16 -40.68
CA GLU A 426 -44.84 -10.54 -41.73
C GLU A 426 -43.44 -10.64 -41.10
N VAL A 427 -42.78 -11.79 -41.24
CA VAL A 427 -41.38 -11.95 -40.71
C VAL A 427 -40.54 -12.64 -41.80
N TRP A 428 -39.75 -13.65 -41.44
CA TRP A 428 -38.88 -14.35 -42.41
C TRP A 428 -39.74 -15.11 -43.45
N PRO A 429 -40.64 -16.03 -43.05
CA PRO A 429 -41.42 -16.86 -44.02
C PRO A 429 -42.37 -16.00 -44.84
N GLY A 430 -42.57 -14.74 -44.45
CA GLY A 430 -43.54 -13.88 -45.14
C GLY A 430 -44.76 -13.67 -44.28
N LYS A 431 -45.97 -13.73 -44.86
CA LYS A 431 -47.20 -13.63 -44.05
C LYS A 431 -47.15 -14.76 -43.01
N THR A 432 -47.30 -14.45 -41.73
CA THR A 432 -47.14 -15.48 -40.68
C THR A 432 -48.16 -15.31 -39.57
N VAL A 433 -48.37 -16.36 -38.77
CA VAL A 433 -49.27 -16.28 -37.60
C VAL A 433 -48.37 -16.49 -36.38
N PHE A 434 -48.81 -16.12 -35.17
CA PHE A 434 -47.98 -16.16 -33.97
C PHE A 434 -48.64 -17.07 -32.95
N PRO A 435 -47.92 -18.11 -32.47
CA PRO A 435 -48.41 -18.96 -31.40
C PRO A 435 -48.61 -18.23 -30.08
N ASP A 436 -49.69 -18.56 -29.37
CA ASP A 436 -49.92 -18.02 -28.03
C ASP A 436 -49.37 -18.99 -26.98
N TYR A 437 -48.14 -18.75 -26.50
CA TYR A 437 -47.49 -19.69 -25.61
C TYR A 437 -48.03 -19.62 -24.18
N THR A 438 -48.87 -18.61 -23.89
CA THR A 438 -49.51 -18.49 -22.58
C THR A 438 -50.72 -19.42 -22.51
N ASN A 439 -51.13 -19.95 -23.68
CA ASN A 439 -52.19 -20.96 -23.79
C ASN A 439 -51.61 -22.37 -23.60
N PRO A 440 -52.10 -23.15 -22.61
CA PRO A 440 -51.66 -24.53 -22.38
C PRO A 440 -51.71 -25.48 -23.58
N LYS A 441 -52.73 -25.33 -24.42
CA LYS A 441 -52.86 -26.16 -25.62
C LYS A 441 -51.70 -25.89 -26.58
N CYS A 442 -51.17 -24.66 -26.53
CA CYS A 442 -50.06 -24.28 -27.39
C CYS A 442 -48.83 -25.09 -27.03
N THR A 443 -48.63 -25.29 -25.71
CA THR A 443 -47.47 -26.02 -25.21
C THR A 443 -47.49 -27.45 -25.74
N THR A 444 -48.68 -28.08 -25.78
CA THR A 444 -48.84 -29.43 -26.29
C THR A 444 -48.49 -29.54 -27.78
N TRP A 445 -49.01 -28.59 -28.58
CA TRP A 445 -48.71 -28.50 -30.01
C TRP A 445 -47.21 -28.38 -30.25
N TRP A 446 -46.57 -27.49 -29.47
CA TRP A 446 -45.16 -27.15 -29.60
C TRP A 446 -44.31 -28.41 -29.39
N GLU A 447 -44.67 -29.17 -28.35
CA GLU A 447 -43.97 -30.40 -28.00
C GLU A 447 -43.96 -31.38 -29.18
N ASN A 448 -45.13 -31.56 -29.79
CA ASN A 448 -45.32 -32.53 -30.86
C ASN A 448 -44.45 -32.17 -32.07
N GLU A 449 -44.38 -30.87 -32.42
CA GLU A 449 -43.64 -30.41 -33.58
C GLU A 449 -42.15 -30.75 -33.47
N PHE A 450 -41.62 -30.56 -32.26
CA PHE A 450 -40.22 -30.84 -31.98
C PHE A 450 -39.97 -32.33 -32.14
N LYS A 451 -40.93 -33.15 -31.71
CA LYS A 451 -40.78 -34.60 -31.73
C LYS A 451 -40.63 -35.12 -33.16
N LEU A 452 -41.49 -34.64 -34.08
CA LEU A 452 -41.47 -35.08 -35.45
C LEU A 452 -40.16 -34.70 -36.14
N PHE A 453 -39.63 -33.51 -35.84
CA PHE A 453 -38.46 -33.00 -36.54
C PHE A 453 -37.21 -33.66 -35.94
N HIS A 454 -37.26 -33.94 -34.63
CA HIS A 454 -36.14 -34.61 -33.98
C HIS A 454 -35.95 -36.01 -34.57
N ASN A 455 -37.06 -36.66 -34.94
CA ASN A 455 -37.04 -37.98 -35.57
C ASN A 455 -36.35 -37.94 -36.93
N GLN A 456 -36.32 -36.77 -37.57
CA GLN A 456 -35.67 -36.63 -38.86
C GLN A 456 -34.22 -36.20 -38.70
N VAL A 457 -33.97 -35.19 -37.84
CA VAL A 457 -32.64 -34.67 -37.60
C VAL A 457 -32.37 -34.71 -36.10
N ASP A 458 -31.26 -35.36 -35.73
CA ASP A 458 -30.96 -35.65 -34.33
C ASP A 458 -30.14 -34.53 -33.70
N PHE A 459 -30.80 -33.41 -33.37
CA PHE A 459 -30.15 -32.22 -32.79
C PHE A 459 -30.04 -32.38 -31.29
N ASP A 460 -29.25 -31.52 -30.65
CA ASP A 460 -28.86 -31.70 -29.23
C ASP A 460 -29.37 -30.53 -28.38
N GLY A 461 -29.60 -29.38 -28.99
CA GLY A 461 -30.16 -28.22 -28.28
C GLY A 461 -30.89 -27.28 -29.22
N ILE A 462 -31.52 -26.25 -28.66
CA ILE A 462 -32.45 -25.38 -29.35
C ILE A 462 -32.05 -23.92 -29.10
N TRP A 463 -32.01 -23.17 -30.19
CA TRP A 463 -31.80 -21.74 -30.15
C TRP A 463 -33.06 -21.00 -30.62
N ILE A 464 -33.75 -20.31 -29.71
CA ILE A 464 -35.00 -19.62 -30.03
C ILE A 464 -34.70 -18.14 -30.25
N ASP A 465 -35.25 -17.54 -31.32
CA ASP A 465 -34.88 -16.18 -31.74
C ASP A 465 -36.14 -15.36 -32.07
N MET A 466 -35.96 -14.07 -32.28
CA MET A 466 -37.08 -13.16 -32.61
C MET A 466 -38.25 -13.44 -31.69
N ASN A 467 -38.00 -13.72 -30.42
CA ASN A 467 -39.09 -13.98 -29.44
C ASN A 467 -39.43 -12.68 -28.70
N GLU A 468 -39.33 -11.53 -29.35
CA GLU A 468 -39.55 -10.25 -28.63
C GLU A 468 -41.05 -9.99 -28.41
N VAL A 469 -41.89 -9.87 -29.45
CA VAL A 469 -41.90 -10.62 -30.74
C VAL A 469 -41.41 -9.61 -31.78
N ALA A 470 -41.32 -9.99 -33.05
CA ALA A 470 -40.72 -9.05 -34.00
C ALA A 470 -41.40 -9.13 -35.36
N ASN A 471 -42.30 -8.20 -35.64
CA ASN A 471 -42.92 -8.12 -36.97
C ASN A 471 -42.07 -7.24 -37.86
N PHE A 472 -41.96 -7.54 -39.12
CA PHE A 472 -41.32 -6.68 -40.12
C PHE A 472 -42.24 -5.53 -40.50
N VAL A 473 -43.52 -5.61 -40.10
CA VAL A 473 -44.48 -4.53 -40.31
C VAL A 473 -44.85 -3.95 -38.94
N ASP A 474 -45.63 -2.85 -38.93
CA ASP A 474 -46.08 -2.24 -37.69
C ASP A 474 -47.48 -2.74 -37.32
N GLY A 475 -47.56 -3.54 -36.26
CA GLY A 475 -48.82 -4.07 -35.77
C GLY A 475 -49.23 -5.34 -36.52
N SER A 476 -49.92 -5.16 -37.64
CA SER A 476 -50.39 -6.25 -38.48
C SER A 476 -50.29 -5.83 -39.94
N VAL A 477 -50.59 -6.76 -40.86
CA VAL A 477 -50.57 -6.46 -42.29
C VAL A 477 -51.69 -5.45 -42.63
N SER A 478 -52.74 -5.39 -41.81
CA SER A 478 -53.84 -4.47 -42.01
C SER A 478 -53.69 -3.19 -41.19
N GLY A 479 -52.61 -3.05 -40.40
CA GLY A 479 -52.43 -1.91 -39.51
C GLY A 479 -53.14 -2.11 -38.17
N CYS A 480 -53.06 -1.09 -37.28
CA CYS A 480 -53.65 -1.16 -35.94
C CYS A 480 -54.82 -0.16 -35.80
N SER A 481 -55.76 -0.52 -34.92
CA SER A 481 -56.93 0.30 -34.64
C SER A 481 -56.51 1.57 -33.87
N THR A 482 -57.41 2.58 -33.90
CA THR A 482 -57.22 3.80 -33.14
C THR A 482 -57.82 3.62 -31.75
N SER A 483 -57.00 3.10 -30.83
CA SER A 483 -57.38 2.83 -29.46
C SER A 483 -56.36 3.46 -28.51
N ASN A 484 -56.73 3.66 -27.24
CA ASN A 484 -55.85 4.27 -26.25
C ASN A 484 -54.73 3.29 -25.87
N LEU A 485 -54.85 2.02 -26.28
CA LEU A 485 -53.80 1.03 -26.07
C LEU A 485 -52.69 1.19 -27.10
N ASN A 486 -53.06 1.40 -28.39
CA ASN A 486 -52.08 1.61 -29.45
C ASN A 486 -51.50 3.02 -29.35
N TYR A 487 -52.29 3.97 -28.84
CA TYR A 487 -51.90 5.37 -28.68
C TYR A 487 -52.17 5.82 -27.25
N PRO A 488 -51.36 5.41 -26.24
CA PRO A 488 -51.64 5.80 -24.87
C PRO A 488 -51.37 7.29 -24.61
N PRO A 489 -51.93 7.89 -23.54
CA PRO A 489 -51.62 9.27 -23.18
C PRO A 489 -50.16 9.54 -22.80
N PHE A 490 -49.45 8.53 -22.28
CA PHE A 490 -48.02 8.66 -22.00
C PHE A 490 -47.25 7.53 -22.71
N THR A 491 -46.16 7.88 -23.39
CA THR A 491 -45.32 6.86 -24.04
C THR A 491 -43.90 7.03 -23.56
N PRO A 492 -43.21 5.99 -23.04
CA PRO A 492 -41.76 6.10 -22.63
C PRO A 492 -40.89 6.53 -23.81
N ARG A 493 -39.63 6.88 -23.53
CA ARG A 493 -38.70 7.34 -24.59
C ARG A 493 -38.26 6.12 -25.42
N ILE A 494 -39.21 5.39 -26.00
CA ILE A 494 -38.89 4.16 -26.78
C ILE A 494 -38.41 4.57 -28.18
N LEU A 495 -37.72 3.67 -28.89
CA LEU A 495 -37.30 3.96 -30.28
C LEU A 495 -38.55 4.18 -31.15
N ASP A 496 -38.48 5.09 -32.12
CA ASP A 496 -39.62 5.39 -33.04
C ASP A 496 -40.69 6.20 -32.31
N GLY A 497 -41.25 5.66 -31.23
CA GLY A 497 -42.25 6.41 -30.43
C GLY A 497 -43.62 5.74 -30.47
N TYR A 498 -43.74 4.63 -31.20
CA TYR A 498 -45.02 3.88 -31.25
C TYR A 498 -44.82 2.50 -30.60
N LEU A 499 -45.69 2.15 -29.65
CA LEU A 499 -45.53 0.87 -28.91
C LEU A 499 -45.71 -0.31 -29.88
N PHE A 500 -46.33 -0.09 -31.05
CA PHE A 500 -46.61 -1.20 -31.96
C PHE A 500 -45.63 -1.20 -33.14
N SER A 501 -44.54 -0.43 -33.06
CA SER A 501 -43.54 -0.42 -34.11
C SER A 501 -42.71 -1.70 -34.07
N LYS A 502 -42.64 -2.39 -35.22
CA LYS A 502 -41.89 -3.63 -35.38
C LYS A 502 -42.27 -4.65 -34.31
N THR A 503 -43.57 -4.72 -34.00
CA THR A 503 -44.12 -5.72 -33.09
C THR A 503 -45.61 -5.83 -33.41
N LEU A 504 -46.40 -6.45 -32.52
CA LEU A 504 -47.82 -6.68 -32.74
C LEU A 504 -48.62 -5.50 -32.22
N CYS A 505 -49.91 -5.43 -32.60
CA CYS A 505 -50.78 -4.37 -32.14
C CYS A 505 -51.02 -4.56 -30.64
N MET A 506 -51.16 -3.45 -29.90
CA MET A 506 -51.21 -3.53 -28.45
C MET A 506 -52.58 -4.05 -27.97
N ASP A 507 -53.56 -4.10 -28.87
CA ASP A 507 -54.88 -4.62 -28.55
C ASP A 507 -55.02 -6.09 -28.93
N ALA A 508 -53.95 -6.72 -29.45
CA ALA A 508 -54.01 -8.14 -29.76
C ALA A 508 -54.23 -8.94 -28.47
N VAL A 509 -54.92 -10.09 -28.58
CA VAL A 509 -55.39 -10.81 -27.40
C VAL A 509 -54.65 -12.14 -27.26
N GLN A 510 -54.18 -12.40 -26.03
CA GLN A 510 -53.58 -13.67 -25.65
C GLN A 510 -54.28 -14.20 -24.41
N HIS A 511 -53.89 -15.42 -23.99
CA HIS A 511 -54.52 -16.09 -22.87
C HIS A 511 -54.29 -15.34 -21.56
N TRP A 512 -53.09 -14.79 -21.33
CA TRP A 512 -52.79 -14.06 -20.11
C TRP A 512 -53.32 -12.62 -20.14
N GLY A 513 -53.68 -12.10 -21.32
CA GLY A 513 -54.16 -10.74 -21.41
C GLY A 513 -53.87 -10.13 -22.77
N LYS A 514 -53.88 -8.79 -22.81
CA LYS A 514 -53.66 -8.04 -24.03
C LYS A 514 -52.18 -7.81 -24.22
N GLN A 515 -51.77 -7.68 -25.48
CA GLN A 515 -50.39 -7.44 -25.83
C GLN A 515 -49.86 -6.23 -25.04
N TYR A 516 -50.72 -5.24 -24.75
CA TYR A 516 -50.32 -4.05 -23.98
C TYR A 516 -49.70 -4.43 -22.64
N ASP A 517 -50.19 -5.51 -21.99
CA ASP A 517 -49.76 -5.93 -20.66
C ASP A 517 -48.71 -7.03 -20.68
N VAL A 518 -48.72 -7.87 -21.73
CA VAL A 518 -47.91 -9.09 -21.73
C VAL A 518 -46.80 -9.02 -22.77
N HIS A 519 -46.59 -7.87 -23.44
CA HIS A 519 -45.59 -7.77 -24.49
C HIS A 519 -44.21 -8.19 -23.98
N ASN A 520 -43.82 -7.71 -22.80
CA ASN A 520 -42.51 -8.01 -22.25
C ASN A 520 -42.43 -9.48 -21.76
N LEU A 521 -43.52 -10.24 -21.83
CA LEU A 521 -43.54 -11.61 -21.32
C LEU A 521 -43.54 -12.65 -22.43
N TYR A 522 -43.47 -12.24 -23.70
CA TYR A 522 -43.60 -13.19 -24.80
C TYR A 522 -42.44 -14.17 -24.81
N GLY A 523 -41.21 -13.64 -24.77
CA GLY A 523 -40.01 -14.45 -24.75
C GLY A 523 -39.96 -15.38 -23.54
N TYR A 524 -40.34 -14.85 -22.37
CA TYR A 524 -40.39 -15.63 -21.14
C TYR A 524 -41.34 -16.83 -21.29
N SER A 525 -42.53 -16.60 -21.84
CA SER A 525 -43.53 -17.65 -21.99
C SER A 525 -43.08 -18.73 -22.96
N MET A 526 -42.40 -18.35 -24.04
CA MET A 526 -41.92 -19.28 -25.03
C MET A 526 -40.82 -20.16 -24.45
N ALA A 527 -39.92 -19.57 -23.65
CA ALA A 527 -38.84 -20.33 -23.05
C ALA A 527 -39.38 -21.40 -22.10
N ILE A 528 -40.40 -21.06 -21.34
CA ILE A 528 -41.07 -22.02 -20.47
C ILE A 528 -41.60 -23.19 -21.32
N ALA A 529 -42.36 -22.88 -22.37
CA ALA A 529 -42.96 -23.91 -23.21
C ALA A 529 -41.88 -24.78 -23.84
N THR A 530 -40.75 -24.18 -24.24
CA THR A 530 -39.69 -24.95 -24.90
C THR A 530 -39.04 -25.88 -23.90
N ALA A 531 -38.86 -25.40 -22.67
CA ALA A 531 -38.26 -26.22 -21.62
C ALA A 531 -39.12 -27.46 -21.37
N GLU A 532 -40.45 -27.31 -21.47
CA GLU A 532 -41.36 -28.42 -21.35
C GLU A 532 -41.23 -29.39 -22.53
N ALA A 533 -41.13 -28.87 -23.74
CA ALA A 533 -40.98 -29.71 -24.92
C ALA A 533 -39.74 -30.61 -24.78
N VAL A 534 -38.65 -30.07 -24.22
CA VAL A 534 -37.38 -30.76 -24.15
C VAL A 534 -37.50 -31.98 -23.23
N LYS A 535 -38.32 -31.85 -22.18
CA LYS A 535 -38.52 -32.94 -21.24
C LYS A 535 -39.06 -34.17 -21.94
N THR A 536 -39.84 -33.98 -23.02
CA THR A 536 -40.46 -35.07 -23.75
C THR A 536 -39.53 -35.60 -24.84
N VAL A 537 -38.89 -34.70 -25.60
CA VAL A 537 -38.12 -35.09 -26.77
C VAL A 537 -36.84 -35.78 -26.35
N PHE A 538 -36.13 -35.18 -25.42
CA PHE A 538 -34.85 -35.74 -24.92
C PHE A 538 -35.15 -36.36 -23.56
N SER A 539 -34.85 -37.65 -23.38
CA SER A 539 -35.21 -38.34 -22.12
C SER A 539 -34.05 -38.31 -21.14
N ASN A 540 -34.32 -38.00 -19.86
CA ASN A 540 -33.25 -37.93 -18.82
C ASN A 540 -32.02 -37.26 -19.44
N LYS A 541 -32.21 -36.17 -20.18
CA LYS A 541 -31.08 -35.45 -20.81
C LYS A 541 -31.38 -33.95 -20.82
N ARG A 542 -30.84 -33.21 -19.86
CA ARG A 542 -31.04 -31.74 -19.87
C ARG A 542 -30.42 -31.26 -21.18
N SER A 543 -31.06 -30.31 -21.83
CA SER A 543 -30.53 -29.89 -23.14
C SER A 543 -30.00 -28.47 -23.01
N PHE A 544 -30.05 -27.69 -24.08
CA PHE A 544 -29.59 -26.28 -24.00
C PHE A 544 -30.57 -25.43 -24.76
N ILE A 545 -31.20 -24.45 -24.11
CA ILE A 545 -32.09 -23.49 -24.81
C ILE A 545 -31.44 -22.11 -24.74
N LEU A 546 -31.02 -21.56 -25.85
CA LEU A 546 -30.48 -20.21 -25.97
C LEU A 546 -31.57 -19.27 -26.47
N THR A 547 -31.83 -18.19 -25.73
CA THR A 547 -32.92 -17.27 -26.07
C THR A 547 -32.37 -15.85 -26.23
N ARG A 548 -33.15 -14.98 -26.89
CA ARG A 548 -32.79 -13.58 -27.02
C ARG A 548 -33.60 -12.71 -26.05
N SER A 549 -34.93 -12.79 -26.12
CA SER A 549 -35.76 -11.96 -25.27
C SER A 549 -35.87 -12.58 -23.87
N THR A 550 -35.79 -11.74 -22.82
CA THR A 550 -35.75 -12.19 -21.43
C THR A 550 -36.61 -11.28 -20.53
N PHE A 551 -37.08 -11.87 -19.41
CA PHE A 551 -37.74 -11.16 -18.32
C PHE A 551 -37.19 -11.76 -17.04
N ALA A 552 -37.45 -11.13 -15.88
CA ALA A 552 -37.04 -11.67 -14.59
C ALA A 552 -37.49 -13.13 -14.43
N GLY A 553 -36.54 -14.05 -14.23
CA GLY A 553 -36.86 -15.45 -13.98
C GLY A 553 -36.58 -16.35 -15.19
N SER A 554 -36.10 -15.77 -16.30
CA SER A 554 -35.78 -16.50 -17.51
C SER A 554 -34.57 -17.41 -17.33
N GLY A 555 -33.67 -17.09 -16.39
CA GLY A 555 -32.42 -17.82 -16.26
C GLY A 555 -32.61 -19.24 -15.72
N LYS A 556 -33.79 -19.50 -15.18
CA LYS A 556 -34.18 -20.83 -14.73
C LYS A 556 -34.38 -21.76 -15.91
N PHE A 557 -34.51 -21.22 -17.14
CA PHE A 557 -34.86 -22.05 -18.27
C PHE A 557 -33.84 -21.93 -19.39
N ALA A 558 -33.27 -20.76 -19.63
CA ALA A 558 -32.47 -20.57 -20.83
C ALA A 558 -31.16 -19.83 -20.56
N ALA A 559 -30.19 -19.93 -21.50
CA ALA A 559 -29.05 -19.04 -21.59
C ALA A 559 -29.40 -17.84 -22.48
N HIS A 560 -28.52 -16.85 -22.57
CA HIS A 560 -28.79 -15.63 -23.32
C HIS A 560 -27.52 -15.16 -24.02
N TRP A 561 -27.63 -14.57 -25.22
CA TRP A 561 -26.48 -13.93 -25.84
C TRP A 561 -26.83 -12.45 -26.04
N LEU A 562 -25.83 -11.58 -26.13
CA LEU A 562 -26.08 -10.16 -26.01
C LEU A 562 -26.47 -9.50 -27.35
N GLY A 563 -26.86 -10.27 -28.37
CA GLY A 563 -27.40 -9.69 -29.59
C GLY A 563 -26.34 -9.43 -30.68
N ASP A 564 -26.71 -8.61 -31.68
CA ASP A 564 -25.96 -8.39 -32.91
C ASP A 564 -24.98 -7.22 -32.81
N ASN A 565 -23.77 -7.49 -32.34
CA ASN A 565 -22.77 -6.45 -32.20
C ASN A 565 -22.12 -6.22 -33.56
N ALA A 566 -21.18 -5.26 -33.62
CA ALA A 566 -20.39 -5.01 -34.80
C ALA A 566 -18.92 -5.23 -34.50
N ALA A 567 -18.13 -5.53 -35.53
CA ALA A 567 -16.70 -5.77 -35.39
C ALA A 567 -15.95 -4.44 -35.24
N THR A 568 -16.10 -3.78 -34.07
CA THR A 568 -15.41 -2.53 -33.74
C THR A 568 -14.76 -2.63 -32.35
N TRP A 569 -13.81 -1.72 -32.05
CA TRP A 569 -13.14 -1.71 -30.75
C TRP A 569 -14.09 -1.24 -29.64
N ASP A 570 -15.13 -0.44 -29.93
CA ASP A 570 -16.12 -0.07 -28.93
C ASP A 570 -16.94 -1.26 -28.44
N ASP A 571 -17.32 -2.12 -29.38
CA ASP A 571 -18.14 -3.27 -29.07
C ASP A 571 -17.35 -4.25 -28.24
N LEU A 572 -16.04 -4.36 -28.52
CA LEU A 572 -15.19 -5.21 -27.73
C LEU A 572 -15.24 -4.73 -26.29
N ARG A 573 -15.12 -3.42 -26.10
CA ARG A 573 -15.06 -2.84 -24.77
C ARG A 573 -16.39 -3.01 -24.03
N TRP A 574 -17.51 -2.80 -24.74
CA TRP A 574 -18.83 -2.85 -24.15
C TRP A 574 -19.24 -4.26 -23.73
N SER A 575 -18.57 -5.29 -24.26
CA SER A 575 -19.00 -6.66 -23.99
C SER A 575 -18.91 -6.97 -22.49
N ILE A 576 -17.95 -6.37 -21.77
CA ILE A 576 -17.67 -6.79 -20.41
C ILE A 576 -18.75 -6.28 -19.44
N PRO A 577 -19.08 -4.97 -19.36
CA PRO A 577 -20.16 -4.57 -18.45
C PRO A 577 -21.49 -5.25 -18.75
N GLY A 578 -21.74 -5.58 -20.02
CA GLY A 578 -22.98 -6.27 -20.37
C GLY A 578 -23.09 -7.64 -19.70
N MET A 579 -22.00 -8.40 -19.81
CA MET A 579 -21.86 -9.70 -19.19
C MET A 579 -22.01 -9.62 -17.67
N LEU A 580 -21.39 -8.62 -17.03
CA LEU A 580 -21.46 -8.49 -15.58
C LEU A 580 -22.89 -8.21 -15.09
N GLU A 581 -23.65 -7.37 -15.79
CA GLU A 581 -25.01 -7.08 -15.36
C GLU A 581 -25.92 -8.30 -15.43
N PHE A 582 -25.76 -9.14 -16.45
CA PHE A 582 -26.61 -10.30 -16.61
C PHE A 582 -26.36 -11.34 -15.53
N ASN A 583 -25.14 -11.40 -15.01
CA ASN A 583 -24.85 -12.25 -13.89
C ASN A 583 -25.69 -11.81 -12.69
N LEU A 584 -25.87 -10.50 -12.48
CA LEU A 584 -26.73 -10.03 -11.41
C LEU A 584 -28.15 -10.52 -11.60
N PHE A 585 -28.61 -10.58 -12.85
CA PHE A 585 -29.99 -10.88 -13.15
C PHE A 585 -30.27 -12.39 -13.09
N GLY A 586 -29.24 -13.18 -12.82
CA GLY A 586 -29.46 -14.61 -12.62
C GLY A 586 -29.40 -15.40 -13.91
N ILE A 587 -28.70 -14.88 -14.91
CA ILE A 587 -28.52 -15.58 -16.17
C ILE A 587 -27.02 -15.68 -16.38
N PRO A 588 -26.31 -16.54 -15.62
CA PRO A 588 -24.86 -16.61 -15.70
C PRO A 588 -24.30 -17.11 -17.02
N MET A 589 -25.03 -17.98 -17.72
CA MET A 589 -24.57 -18.50 -19.00
C MET A 589 -24.83 -17.43 -20.06
N VAL A 590 -23.87 -16.53 -20.29
CA VAL A 590 -24.07 -15.37 -21.15
C VAL A 590 -22.75 -14.98 -21.81
N GLY A 591 -22.83 -14.46 -23.06
CA GLY A 591 -21.69 -13.87 -23.73
C GLY A 591 -22.08 -13.10 -24.99
N SER A 592 -21.12 -12.34 -25.55
CA SER A 592 -21.28 -11.61 -26.81
C SER A 592 -20.69 -12.42 -27.97
N ASP A 593 -20.94 -11.99 -29.23
CA ASP A 593 -20.41 -12.66 -30.42
C ASP A 593 -18.96 -12.25 -30.62
N ILE A 594 -18.07 -13.24 -30.55
CA ILE A 594 -16.60 -12.93 -30.63
C ILE A 594 -16.22 -12.46 -32.05
N CYS A 595 -15.31 -11.48 -32.15
CA CYS A 595 -14.83 -10.96 -33.45
C CYS A 595 -15.96 -10.19 -34.17
N GLY A 596 -17.07 -9.91 -33.48
CA GLY A 596 -18.15 -9.11 -34.07
C GLY A 596 -19.06 -9.93 -34.96
N PHE A 597 -20.32 -9.52 -35.10
CA PHE A 597 -21.27 -10.24 -36.00
C PHE A 597 -21.42 -9.43 -37.29
N LEU A 598 -21.62 -8.12 -37.15
CA LEU A 598 -21.77 -7.24 -38.33
C LEU A 598 -20.40 -6.67 -38.74
N LEU A 599 -20.27 -6.16 -39.96
CA LEU A 599 -18.99 -5.54 -40.44
C LEU A 599 -17.92 -6.63 -40.66
N ASP A 600 -16.72 -6.23 -41.07
CA ASP A 600 -15.61 -7.20 -41.25
C ASP A 600 -14.60 -7.00 -40.11
N THR A 601 -14.04 -8.08 -39.57
CA THR A 601 -13.14 -7.97 -38.41
C THR A 601 -11.70 -7.92 -38.87
N SER A 602 -10.83 -7.24 -38.11
CA SER A 602 -9.38 -7.21 -38.42
C SER A 602 -8.68 -8.31 -37.62
N GLU A 603 -7.48 -8.73 -38.06
CA GLU A 603 -6.77 -9.82 -37.36
C GLU A 603 -6.55 -9.41 -35.88
N GLU A 604 -6.10 -8.18 -35.65
CA GLU A 604 -5.80 -7.73 -34.26
C GLU A 604 -7.09 -7.77 -33.41
N LEU A 605 -8.17 -7.16 -33.91
CA LEU A 605 -9.44 -7.11 -33.14
C LEU A 605 -9.91 -8.55 -32.89
N CYS A 606 -9.92 -9.39 -33.92
CA CYS A 606 -10.39 -10.79 -33.78
C CYS A 606 -9.45 -11.52 -32.81
N ARG A 607 -8.14 -11.27 -32.90
CA ARG A 607 -7.16 -11.91 -31.98
C ARG A 607 -7.45 -11.43 -30.54
N ARG A 608 -7.44 -10.12 -30.30
CA ARG A 608 -7.65 -9.65 -28.95
C ARG A 608 -9.04 -10.02 -28.43
N TRP A 609 -10.01 -10.26 -29.32
CA TRP A 609 -11.34 -10.70 -28.92
C TRP A 609 -11.34 -12.19 -28.59
N MET A 610 -10.62 -13.01 -29.37
CA MET A 610 -10.56 -14.43 -29.09
C MET A 610 -9.90 -14.67 -27.74
N GLN A 611 -8.99 -13.77 -27.33
CA GLN A 611 -8.24 -13.94 -26.10
C GLN A 611 -9.16 -13.77 -24.91
N VAL A 612 -9.93 -12.68 -24.88
CA VAL A 612 -10.86 -12.42 -23.79
C VAL A 612 -12.09 -13.31 -23.93
N GLY A 613 -12.49 -13.61 -25.17
CA GLY A 613 -13.68 -14.42 -25.40
C GLY A 613 -13.51 -15.85 -24.89
N ALA A 614 -12.27 -16.30 -24.74
CA ALA A 614 -12.02 -17.61 -24.18
C ALA A 614 -12.50 -17.67 -22.72
N PHE A 615 -12.75 -16.50 -22.10
CA PHE A 615 -13.18 -16.49 -20.71
C PHE A 615 -14.59 -15.95 -20.54
N TYR A 616 -15.40 -15.86 -21.59
CA TYR A 616 -16.82 -15.63 -21.41
C TYR A 616 -17.46 -16.91 -20.85
N PRO A 617 -18.46 -16.84 -19.95
CA PRO A 617 -19.22 -18.05 -19.60
C PRO A 617 -19.77 -18.80 -20.82
N PHE A 618 -20.46 -18.09 -21.72
CA PHE A 618 -20.87 -18.65 -23.01
C PHE A 618 -19.95 -18.11 -24.11
N SER A 619 -19.07 -18.96 -24.68
CA SER A 619 -18.04 -18.52 -25.61
C SER A 619 -18.34 -18.98 -27.04
N ARG A 620 -18.76 -18.05 -27.91
CA ARG A 620 -19.19 -18.39 -29.26
C ARG A 620 -18.64 -17.38 -30.28
N ASN A 621 -18.10 -17.87 -31.40
CA ASN A 621 -17.76 -17.05 -32.54
C ASN A 621 -18.90 -17.13 -33.55
N HIS A 622 -19.54 -15.99 -33.83
CA HIS A 622 -20.70 -15.94 -34.71
C HIS A 622 -20.52 -14.80 -35.71
N ASN A 623 -20.59 -15.12 -37.01
CA ASN A 623 -20.44 -14.08 -38.07
C ASN A 623 -21.80 -13.81 -38.73
N GLY A 624 -21.91 -12.71 -39.48
CA GLY A 624 -23.18 -12.35 -40.12
C GLY A 624 -23.25 -12.89 -41.55
N GLN A 625 -23.95 -12.18 -42.43
CA GLN A 625 -24.12 -12.65 -43.84
C GLN A 625 -23.30 -11.76 -44.79
N GLY A 626 -22.52 -12.37 -45.68
CA GLY A 626 -21.74 -11.60 -46.68
C GLY A 626 -20.57 -10.87 -46.06
N TYR A 627 -19.86 -11.51 -45.12
CA TYR A 627 -18.65 -10.89 -44.51
C TYR A 627 -17.49 -11.88 -44.63
N LYS A 628 -16.26 -11.41 -44.42
CA LYS A 628 -15.08 -12.31 -44.47
C LYS A 628 -15.22 -13.42 -43.42
N VAL A 629 -14.94 -14.67 -43.80
CA VAL A 629 -14.99 -15.80 -42.82
C VAL A 629 -14.07 -15.46 -41.65
N GLN A 630 -14.52 -15.68 -40.41
CA GLN A 630 -13.71 -15.28 -39.24
C GLN A 630 -13.46 -16.48 -38.31
N ASP A 631 -13.76 -17.70 -38.74
CA ASP A 631 -13.45 -18.84 -37.89
C ASP A 631 -11.93 -18.91 -37.69
N PRO A 632 -11.39 -19.30 -36.50
CA PRO A 632 -9.96 -19.15 -36.24
C PRO A 632 -9.03 -19.79 -37.28
N ALA A 633 -9.41 -20.96 -37.81
CA ALA A 633 -8.59 -21.67 -38.80
C ALA A 633 -8.57 -20.98 -40.16
N SER A 634 -9.52 -20.05 -40.42
CA SER A 634 -9.51 -19.21 -41.62
C SER A 634 -8.26 -18.33 -41.73
N PHE A 635 -7.68 -17.92 -40.59
CA PHE A 635 -6.63 -16.91 -40.61
C PHE A 635 -5.27 -17.54 -40.92
N GLY A 636 -5.27 -18.87 -41.14
CA GLY A 636 -4.07 -19.57 -41.59
C GLY A 636 -3.57 -20.53 -40.50
N ALA A 637 -3.03 -21.67 -40.94
CA ALA A 637 -2.65 -22.76 -40.05
C ALA A 637 -1.49 -22.37 -39.12
N ASP A 638 -0.66 -21.38 -39.48
CA ASP A 638 0.41 -20.95 -38.58
C ASP A 638 0.29 -19.47 -38.26
N SER A 639 -0.93 -18.93 -38.27
CA SER A 639 -1.12 -17.53 -37.93
C SER A 639 -0.90 -17.32 -36.43
N LEU A 640 -0.51 -16.09 -36.04
CA LEU A 640 -0.46 -15.72 -34.63
C LEU A 640 -1.86 -15.82 -34.01
N LEU A 641 -2.91 -15.44 -34.76
CA LEU A 641 -4.27 -15.51 -34.24
C LEU A 641 -4.64 -16.94 -33.88
N LEU A 642 -4.39 -17.91 -34.78
CA LEU A 642 -4.77 -19.30 -34.52
C LEU A 642 -4.00 -19.87 -33.34
N ASN A 643 -2.69 -19.62 -33.28
CA ASN A 643 -1.84 -20.10 -32.20
C ASN A 643 -2.33 -19.57 -30.86
N SER A 644 -2.54 -18.25 -30.79
CA SER A 644 -3.08 -17.59 -29.61
C SER A 644 -4.42 -18.21 -29.22
N SER A 645 -5.34 -18.35 -30.18
CA SER A 645 -6.67 -18.88 -29.92
C SER A 645 -6.58 -20.27 -29.32
N ARG A 646 -5.74 -21.13 -29.91
CA ARG A 646 -5.60 -22.50 -29.45
C ARG A 646 -5.05 -22.54 -28.04
N HIS A 647 -4.15 -21.61 -27.70
CA HIS A 647 -3.48 -21.58 -26.40
C HIS A 647 -4.43 -21.25 -25.27
N TYR A 648 -5.24 -20.20 -25.44
CA TYR A 648 -6.11 -19.74 -24.37
C TYR A 648 -7.37 -20.60 -24.30
N LEU A 649 -7.74 -21.28 -25.40
CA LEU A 649 -8.91 -22.14 -25.39
C LEU A 649 -8.55 -23.44 -24.68
N SER A 650 -7.28 -23.82 -24.74
CA SER A 650 -6.80 -24.98 -24.00
C SER A 650 -6.78 -24.70 -22.50
N ILE A 651 -6.46 -23.46 -22.13
CA ILE A 651 -6.50 -23.07 -20.72
C ILE A 651 -7.93 -23.12 -20.22
N ARG A 652 -8.88 -22.58 -20.97
CA ARG A 652 -10.28 -22.72 -20.61
C ARG A 652 -10.66 -24.18 -20.38
N TYR A 653 -10.25 -25.10 -21.25
CA TYR A 653 -10.66 -26.49 -21.12
C TYR A 653 -10.02 -27.16 -19.91
N THR A 654 -8.81 -26.73 -19.54
CA THR A 654 -8.15 -27.24 -18.36
C THR A 654 -8.94 -26.89 -17.11
N LEU A 655 -9.61 -25.74 -17.12
CA LEU A 655 -10.25 -25.23 -15.93
C LEU A 655 -11.75 -25.51 -15.94
N LEU A 656 -12.26 -26.38 -16.82
CA LEU A 656 -13.71 -26.58 -16.85
C LEU A 656 -14.23 -27.18 -15.53
N PRO A 657 -13.56 -28.12 -14.84
CA PRO A 657 -14.06 -28.57 -13.55
C PRO A 657 -14.29 -27.42 -12.57
N TYR A 658 -13.41 -26.41 -12.61
CA TYR A 658 -13.56 -25.25 -11.75
C TYR A 658 -14.79 -24.44 -12.18
N LEU A 659 -14.96 -24.20 -13.48
CA LEU A 659 -16.08 -23.43 -13.98
C LEU A 659 -17.39 -24.15 -13.68
N TYR A 660 -17.40 -25.48 -13.86
CA TYR A 660 -18.62 -26.24 -13.66
C TYR A 660 -19.07 -26.15 -12.20
N THR A 661 -18.13 -26.14 -11.27
CA THR A 661 -18.49 -26.05 -9.87
C THR A 661 -19.08 -24.67 -9.55
N LEU A 662 -18.65 -23.63 -10.25
CA LEU A 662 -19.21 -22.30 -10.05
C LEU A 662 -20.69 -22.29 -10.44
N PHE A 663 -21.03 -22.95 -11.54
CA PHE A 663 -22.41 -23.07 -11.99
C PHE A 663 -23.23 -23.87 -10.99
N TYR A 664 -22.60 -24.86 -10.35
CA TYR A 664 -23.28 -25.58 -9.30
C TYR A 664 -23.67 -24.63 -8.17
N HIS A 665 -22.78 -23.75 -7.72
CA HIS A 665 -23.11 -22.86 -6.62
C HIS A 665 -24.15 -21.82 -7.04
N ALA A 666 -24.15 -21.42 -8.31
CA ALA A 666 -25.18 -20.50 -8.78
C ALA A 666 -26.52 -21.23 -8.71
N HIS A 667 -26.54 -22.50 -9.09
CA HIS A 667 -27.76 -23.26 -9.24
C HIS A 667 -28.34 -23.63 -7.88
N SER A 668 -27.48 -23.78 -6.88
CA SER A 668 -27.91 -24.28 -5.57
C SER A 668 -28.17 -23.14 -4.59
N ARG A 669 -27.46 -22.02 -4.71
CA ARG A 669 -27.46 -20.99 -3.68
C ARG A 669 -27.72 -19.59 -4.23
N GLY A 670 -27.35 -19.34 -5.50
CA GLY A 670 -27.58 -18.05 -6.13
C GLY A 670 -26.32 -17.17 -6.20
N ASP A 671 -25.12 -17.75 -6.32
CA ASP A 671 -23.91 -16.97 -6.53
C ASP A 671 -23.76 -16.51 -8.00
N THR A 672 -22.91 -15.50 -8.25
CA THR A 672 -22.57 -15.08 -9.62
C THR A 672 -21.42 -15.94 -10.14
N VAL A 673 -21.29 -16.05 -11.48
CA VAL A 673 -20.21 -16.86 -12.06
C VAL A 673 -19.08 -15.93 -12.53
N ALA A 674 -19.34 -15.05 -13.52
CA ALA A 674 -18.44 -13.96 -13.83
C ALA A 674 -18.79 -12.79 -12.93
N ARG A 675 -17.82 -12.34 -12.14
CA ARG A 675 -18.08 -11.42 -11.00
C ARG A 675 -17.28 -10.12 -11.18
N PRO A 676 -17.84 -8.95 -10.82
CA PRO A 676 -17.08 -7.71 -10.70
C PRO A 676 -16.15 -7.72 -9.49
N LEU A 677 -15.02 -7.01 -9.56
CA LEU A 677 -14.08 -6.88 -8.45
C LEU A 677 -14.76 -6.40 -7.17
N LEU A 678 -15.77 -5.52 -7.24
CA LEU A 678 -16.31 -4.94 -6.02
C LEU A 678 -17.08 -5.98 -5.21
N HIS A 679 -17.50 -7.09 -5.83
CA HIS A 679 -18.19 -8.14 -5.10
C HIS A 679 -17.28 -8.90 -4.14
N GLU A 680 -15.98 -8.95 -4.44
CA GLU A 680 -14.99 -9.59 -3.59
C GLU A 680 -14.22 -8.57 -2.76
N PHE A 681 -13.85 -7.45 -3.37
CA PHE A 681 -12.90 -6.51 -2.76
C PHE A 681 -13.60 -5.23 -2.49
N TYR A 682 -14.73 -5.30 -1.77
CA TYR A 682 -15.58 -4.09 -1.57
C TYR A 682 -14.97 -3.17 -0.50
N GLU A 683 -14.05 -3.69 0.30
CA GLU A 683 -13.47 -2.88 1.40
C GLU A 683 -12.77 -1.65 0.80
N ASP A 684 -12.26 -1.77 -0.43
CA ASP A 684 -11.54 -0.65 -1.09
C ASP A 684 -12.52 0.10 -1.99
N SER A 685 -12.28 1.40 -2.21
CA SER A 685 -13.20 2.23 -3.03
C SER A 685 -12.69 2.30 -4.48
N ASN A 686 -11.47 1.80 -4.72
CA ASN A 686 -10.88 1.83 -6.09
C ASN A 686 -11.49 0.72 -6.95
N THR A 687 -12.29 -0.17 -6.34
CA THR A 687 -12.86 -1.31 -7.07
C THR A 687 -14.32 -1.06 -7.38
N TRP A 688 -14.85 0.12 -7.03
CA TRP A 688 -16.31 0.37 -7.20
C TRP A 688 -16.60 0.98 -8.57
N ASP A 689 -15.62 1.02 -9.47
CA ASP A 689 -15.81 1.66 -10.80
C ASP A 689 -15.15 0.80 -11.89
N VAL A 690 -14.34 -0.19 -11.50
CA VAL A 690 -13.60 -1.02 -12.48
C VAL A 690 -14.63 -1.77 -13.34
N TYR A 691 -14.41 -1.83 -14.65
CA TYR A 691 -15.36 -2.44 -15.62
C TYR A 691 -14.58 -2.97 -16.77
N GLN A 692 -13.27 -3.06 -16.61
CA GLN A 692 -12.37 -3.46 -17.72
C GLN A 692 -11.62 -4.70 -17.29
N GLN A 693 -12.02 -5.30 -16.18
CA GLN A 693 -11.38 -6.47 -15.57
C GLN A 693 -12.45 -7.22 -14.79
N PHE A 694 -12.39 -8.55 -14.74
CA PHE A 694 -13.42 -9.33 -14.07
C PHE A 694 -12.83 -10.60 -13.49
N LEU A 695 -13.62 -11.29 -12.64
CA LEU A 695 -13.23 -12.57 -12.06
C LEU A 695 -14.10 -13.72 -12.54
N TRP A 696 -13.51 -14.91 -12.57
CA TRP A 696 -14.25 -16.17 -12.52
C TRP A 696 -14.40 -16.60 -11.07
N GLY A 697 -15.60 -16.58 -10.52
CA GLY A 697 -15.75 -16.88 -9.10
C GLY A 697 -14.87 -15.98 -8.25
N PRO A 698 -14.37 -16.42 -7.08
CA PRO A 698 -13.52 -15.56 -6.26
C PRO A 698 -12.04 -15.66 -6.56
N GLY A 699 -11.62 -16.54 -7.48
CA GLY A 699 -10.23 -16.99 -7.50
C GLY A 699 -9.39 -16.54 -8.69
N LEU A 700 -10.00 -16.24 -9.84
CA LEU A 700 -9.22 -16.06 -11.05
C LEU A 700 -9.47 -14.67 -11.60
N LEU A 701 -8.44 -13.83 -11.61
CA LEU A 701 -8.56 -12.49 -12.17
C LEU A 701 -8.15 -12.47 -13.64
N ILE A 702 -9.01 -11.85 -14.47
CA ILE A 702 -8.78 -11.71 -15.92
C ILE A 702 -8.57 -10.24 -16.28
N THR A 703 -7.43 -9.94 -16.91
CA THR A 703 -7.06 -8.58 -17.30
C THR A 703 -6.77 -8.54 -18.81
N PRO A 704 -7.75 -8.11 -19.64
CA PRO A 704 -7.55 -8.04 -21.09
C PRO A 704 -6.98 -6.71 -21.61
N VAL A 705 -6.45 -6.76 -22.86
CA VAL A 705 -6.11 -5.61 -23.71
C VAL A 705 -7.31 -5.27 -24.60
N LEU A 706 -7.86 -4.06 -24.47
CA LEU A 706 -9.12 -3.73 -25.13
C LEU A 706 -8.93 -2.56 -26.10
N ASP A 707 -7.67 -2.21 -26.40
CA ASP A 707 -7.38 -1.03 -27.19
C ASP A 707 -6.51 -1.38 -28.39
N GLU A 708 -6.77 -0.66 -29.50
CA GLU A 708 -6.09 -0.88 -30.76
C GLU A 708 -4.62 -0.52 -30.62
N GLY A 709 -3.74 -1.46 -31.02
CA GLY A 709 -2.31 -1.22 -31.13
C GLY A 709 -1.56 -1.24 -29.79
N ALA A 710 -2.27 -1.42 -28.67
CA ALA A 710 -1.68 -1.40 -27.33
C ALA A 710 -0.96 -2.72 -27.02
N GLU A 711 0.18 -2.63 -26.32
CA GLU A 711 0.88 -3.78 -25.77
C GLU A 711 1.07 -3.65 -24.25
N LYS A 712 0.32 -2.71 -23.67
CA LYS A 712 0.38 -2.43 -22.25
C LYS A 712 -1.03 -1.98 -21.82
N VAL A 713 -1.38 -2.28 -20.56
CA VAL A 713 -2.67 -1.93 -19.99
C VAL A 713 -2.44 -1.29 -18.62
N THR A 714 -3.28 -0.31 -18.26
CA THR A 714 -3.36 0.12 -16.87
C THR A 714 -4.42 -0.72 -16.16
N ALA A 715 -3.99 -1.45 -15.12
CA ALA A 715 -4.88 -2.34 -14.40
C ALA A 715 -4.76 -2.09 -12.90
N TYR A 716 -5.89 -2.25 -12.19
CA TYR A 716 -5.87 -2.25 -10.75
C TYR A 716 -5.73 -3.67 -10.21
N VAL A 717 -4.79 -3.88 -9.28
CA VAL A 717 -4.57 -5.17 -8.62
C VAL A 717 -5.12 -5.08 -7.19
N PRO A 718 -6.22 -5.78 -6.82
CA PRO A 718 -6.77 -5.69 -5.47
C PRO A 718 -5.88 -6.29 -4.38
N ASP A 719 -6.27 -6.10 -3.12
CA ASP A 719 -5.48 -6.47 -1.95
C ASP A 719 -5.57 -7.96 -1.61
N ALA A 720 -4.69 -8.75 -2.25
CA ALA A 720 -4.60 -10.18 -2.04
C ALA A 720 -3.24 -10.69 -2.51
N VAL A 721 -2.89 -11.94 -2.20
CA VAL A 721 -1.74 -12.58 -2.82
C VAL A 721 -2.16 -13.03 -4.22
N TRP A 722 -1.36 -12.75 -5.25
CA TRP A 722 -1.70 -13.10 -6.63
C TRP A 722 -0.54 -13.86 -7.23
N TYR A 723 -0.83 -14.93 -7.97
CA TYR A 723 0.20 -15.71 -8.64
C TYR A 723 -0.06 -15.66 -10.12
N ASP A 724 1.00 -15.50 -10.91
CA ASP A 724 0.88 -15.56 -12.36
C ASP A 724 0.51 -16.97 -12.75
N TYR A 725 -0.59 -17.12 -13.51
CA TYR A 725 -1.15 -18.43 -13.80
C TYR A 725 -0.16 -19.25 -14.61
N GLU A 726 0.50 -18.58 -15.56
CA GLU A 726 1.30 -19.29 -16.55
C GLU A 726 2.63 -19.76 -15.96
N THR A 727 3.25 -18.99 -15.04
CA THR A 727 4.55 -19.35 -14.46
C THR A 727 4.36 -20.01 -13.09
N GLY A 728 3.41 -19.51 -12.30
CA GLY A 728 3.20 -19.95 -10.93
C GLY A 728 3.90 -19.03 -9.92
N GLY A 729 4.72 -18.10 -10.42
CA GLY A 729 5.45 -17.20 -9.55
C GLY A 729 4.56 -16.11 -8.97
N ARG A 730 4.81 -15.71 -7.73
CA ARG A 730 4.02 -14.67 -7.09
C ARG A 730 4.33 -13.32 -7.72
N VAL A 731 3.32 -12.46 -7.87
CA VAL A 731 3.53 -11.10 -8.35
C VAL A 731 3.74 -10.22 -7.12
N THR A 732 4.31 -9.02 -7.31
CA THR A 732 4.68 -8.16 -6.19
C THR A 732 3.66 -7.04 -5.99
N TRP A 733 2.67 -6.95 -6.88
CA TRP A 733 1.67 -5.89 -6.83
C TRP A 733 0.62 -6.21 -5.77
N ARG A 734 0.16 -5.20 -5.03
CA ARG A 734 -0.95 -5.39 -4.12
C ARG A 734 -1.63 -4.04 -3.87
N LYS A 735 -2.96 -4.00 -3.97
CA LYS A 735 -3.75 -2.81 -3.72
C LYS A 735 -3.17 -1.59 -4.42
N GLN A 736 -2.89 -1.68 -5.73
CA GLN A 736 -2.32 -0.58 -6.48
C GLN A 736 -2.59 -0.68 -7.98
N LYS A 737 -2.43 0.45 -8.72
CA LYS A 737 -2.52 0.44 -10.17
C LYS A 737 -1.17 0.11 -10.78
N VAL A 738 -1.17 -0.62 -11.91
CA VAL A 738 0.08 -1.02 -12.53
C VAL A 738 -0.04 -0.86 -14.04
N GLU A 739 1.10 -0.69 -14.73
CA GLU A 739 1.17 -0.85 -16.18
C GLU A 739 1.66 -2.26 -16.50
N MET A 740 0.78 -3.06 -17.11
CA MET A 740 1.03 -4.47 -17.39
C MET A 740 1.53 -4.63 -18.83
N GLU A 741 2.60 -5.39 -19.04
CA GLU A 741 3.12 -5.59 -20.39
C GLU A 741 2.48 -6.85 -20.99
N LEU A 742 1.54 -6.65 -21.91
CA LEU A 742 0.83 -7.79 -22.53
C LEU A 742 1.10 -7.81 -24.04
N PRO A 743 2.05 -8.63 -24.53
CA PRO A 743 2.36 -8.74 -25.99
C PRO A 743 1.13 -9.16 -26.77
N GLY A 744 1.17 -9.05 -28.10
CA GLY A 744 -0.01 -9.36 -28.94
C GLY A 744 -0.62 -10.71 -28.60
N ASP A 745 0.21 -11.68 -28.17
CA ASP A 745 -0.30 -13.05 -27.91
C ASP A 745 -0.31 -13.34 -26.41
N LYS A 746 -0.67 -12.35 -25.58
CA LYS A 746 -0.76 -12.64 -24.13
C LYS A 746 -1.92 -11.88 -23.48
N ILE A 747 -2.60 -12.53 -22.53
CA ILE A 747 -3.68 -11.87 -21.74
C ILE A 747 -3.31 -12.03 -20.27
N GLY A 748 -3.73 -11.10 -19.40
CA GLY A 748 -3.33 -11.19 -18.00
C GLY A 748 -4.18 -12.15 -17.16
N LEU A 749 -3.56 -13.23 -16.61
CA LEU A 749 -4.27 -14.22 -15.80
C LEU A 749 -3.56 -14.43 -14.45
N HIS A 750 -4.29 -14.31 -13.33
CA HIS A 750 -3.67 -14.43 -12.02
C HIS A 750 -4.58 -15.17 -11.05
N LEU A 751 -3.99 -16.09 -10.27
CA LEU A 751 -4.69 -16.88 -9.28
C LEU A 751 -4.58 -16.23 -7.91
N ARG A 752 -5.69 -16.21 -7.18
CA ARG A 752 -5.71 -15.62 -5.86
C ARG A 752 -5.21 -16.64 -4.83
N GLY A 753 -4.34 -16.23 -3.92
CA GLY A 753 -3.90 -17.10 -2.84
C GLY A 753 -5.05 -17.42 -1.88
N GLY A 754 -5.07 -18.64 -1.34
CA GLY A 754 -6.12 -19.05 -0.41
C GLY A 754 -7.18 -19.95 -1.05
N TYR A 755 -6.98 -20.35 -2.31
CA TYR A 755 -7.99 -21.10 -3.04
C TYR A 755 -7.37 -22.35 -3.66
N ILE A 756 -8.17 -23.40 -3.80
CA ILE A 756 -7.72 -24.62 -4.45
C ILE A 756 -8.55 -24.81 -5.73
N PHE A 757 -7.87 -25.07 -6.86
CA PHE A 757 -8.53 -25.16 -8.16
C PHE A 757 -8.46 -26.60 -8.72
N PRO A 758 -9.60 -27.28 -8.94
CA PRO A 758 -9.58 -28.56 -9.62
C PRO A 758 -9.37 -28.39 -11.12
N THR A 759 -8.52 -29.24 -11.70
CA THR A 759 -8.16 -29.13 -13.12
C THR A 759 -8.31 -30.50 -13.77
N GLN A 760 -8.44 -30.49 -15.10
CA GLN A 760 -8.53 -31.77 -15.86
C GLN A 760 -7.77 -31.60 -17.19
N GLN A 761 -6.84 -32.52 -17.49
CA GLN A 761 -6.04 -32.45 -18.70
C GLN A 761 -6.94 -32.24 -19.91
N PRO A 762 -6.69 -31.18 -20.73
CA PRO A 762 -7.59 -30.80 -21.81
C PRO A 762 -7.48 -31.69 -23.05
N ALA A 763 -8.54 -31.68 -23.87
CA ALA A 763 -8.58 -32.32 -25.18
C ALA A 763 -9.32 -31.41 -26.15
N THR A 764 -9.56 -31.86 -27.40
CA THR A 764 -10.20 -31.00 -28.38
C THR A 764 -11.73 -30.96 -28.18
N THR A 765 -12.30 -31.89 -27.38
CA THR A 765 -13.71 -31.85 -27.05
C THR A 765 -13.92 -32.16 -25.58
N THR A 766 -15.09 -31.80 -25.04
CA THR A 766 -15.40 -32.09 -23.63
C THR A 766 -15.57 -33.58 -23.45
N VAL A 767 -16.04 -34.27 -24.49
CA VAL A 767 -16.24 -35.71 -24.43
C VAL A 767 -14.90 -36.40 -24.14
N ALA A 768 -13.86 -36.02 -24.87
CA ALA A 768 -12.54 -36.68 -24.71
C ALA A 768 -11.86 -36.16 -23.44
N SER A 769 -12.23 -34.96 -22.97
CA SER A 769 -11.55 -34.35 -21.79
C SER A 769 -12.07 -35.00 -20.49
N ARG A 770 -13.33 -35.40 -20.45
CA ARG A 770 -13.92 -35.94 -19.20
C ARG A 770 -13.43 -37.38 -18.95
N GLN A 771 -12.49 -37.87 -19.77
CA GLN A 771 -11.91 -39.22 -19.56
C GLN A 771 -10.42 -39.09 -19.20
N ASN A 772 -9.92 -37.86 -19.14
CA ASN A 772 -8.52 -37.63 -18.80
C ASN A 772 -8.34 -37.49 -17.29
N PRO A 773 -7.11 -37.66 -16.75
CA PRO A 773 -6.82 -37.47 -15.33
C PRO A 773 -7.06 -36.08 -14.77
N LEU A 774 -7.31 -36.00 -13.45
CA LEU A 774 -7.54 -34.74 -12.74
C LEU A 774 -6.26 -34.24 -12.07
N GLY A 775 -6.29 -32.98 -11.60
CA GLY A 775 -5.20 -32.39 -10.84
C GLY A 775 -5.69 -31.32 -9.87
N LEU A 776 -4.80 -30.81 -9.02
CA LEU A 776 -5.10 -29.71 -8.13
C LEU A 776 -4.04 -28.64 -8.28
N ILE A 777 -4.46 -27.37 -8.29
CA ILE A 777 -3.55 -26.26 -8.04
C ILE A 777 -3.87 -25.65 -6.67
N ILE A 778 -2.85 -25.60 -5.80
CA ILE A 778 -3.04 -25.07 -4.47
C ILE A 778 -2.32 -23.74 -4.38
N ALA A 779 -3.07 -22.64 -4.29
CA ALA A 779 -2.45 -21.32 -4.18
C ALA A 779 -2.52 -20.86 -2.74
N LEU A 780 -1.38 -20.88 -2.04
CA LEU A 780 -1.38 -20.55 -0.59
C LEU A 780 -1.48 -19.04 -0.36
N ASP A 781 -1.89 -18.63 0.84
CA ASP A 781 -2.07 -17.19 1.15
C ASP A 781 -0.94 -16.72 2.08
N ASP A 782 -1.18 -15.63 2.83
CA ASP A 782 -0.17 -15.09 3.79
C ASP A 782 -0.02 -16.06 4.96
N ASN A 783 -1.11 -16.73 5.37
CA ASN A 783 -1.08 -17.66 6.53
C ASN A 783 -0.82 -19.09 6.01
N LYS A 784 -0.40 -19.22 4.75
CA LYS A 784 -0.09 -20.55 4.15
C LYS A 784 -1.32 -21.47 4.30
N GLU A 785 -2.48 -21.02 3.82
CA GLU A 785 -3.72 -21.84 3.90
C GLU A 785 -4.50 -21.71 2.58
N ALA A 786 -5.37 -22.68 2.29
CA ALA A 786 -6.19 -22.66 1.08
C ALA A 786 -7.40 -23.58 1.25
N LYS A 787 -8.46 -23.32 0.49
CA LYS A 787 -9.68 -24.13 0.49
C LYS A 787 -10.28 -24.22 -0.90
N GLY A 788 -11.05 -25.28 -1.16
CA GLY A 788 -11.67 -25.45 -2.48
C GLY A 788 -12.80 -26.45 -2.44
N GLU A 789 -13.50 -26.63 -3.58
CA GLU A 789 -14.63 -27.56 -3.74
C GLU A 789 -14.62 -28.14 -5.15
N LEU A 790 -15.13 -29.37 -5.33
CA LEU A 790 -15.39 -29.94 -6.68
C LEU A 790 -16.77 -30.60 -6.67
N PHE A 791 -17.63 -30.18 -7.59
CA PHE A 791 -18.89 -30.84 -7.88
C PHE A 791 -18.72 -31.69 -9.13
N TRP A 792 -19.07 -32.97 -9.10
CA TRP A 792 -18.91 -33.86 -10.27
C TRP A 792 -20.20 -34.64 -10.48
N ASP A 793 -20.60 -34.82 -11.75
CA ASP A 793 -21.82 -35.61 -12.08
C ASP A 793 -21.69 -36.08 -13.53
N ASP A 794 -22.70 -36.80 -14.04
CA ASP A 794 -22.68 -37.26 -15.45
C ASP A 794 -22.48 -36.06 -16.38
N GLY A 795 -23.22 -34.97 -16.12
CA GLY A 795 -23.12 -33.75 -16.95
C GLY A 795 -24.15 -33.70 -18.05
N GLU A 796 -25.12 -34.62 -18.04
CA GLU A 796 -26.13 -34.68 -19.13
C GLU A 796 -27.53 -34.96 -18.54
N ALA A 797 -27.62 -35.79 -17.50
CA ALA A 797 -28.94 -36.15 -16.93
C ALA A 797 -29.55 -34.94 -16.23
N LYS A 798 -30.87 -34.97 -15.99
CA LYS A 798 -31.55 -33.81 -15.37
C LYS A 798 -31.89 -34.12 -13.90
N ASP A 799 -31.92 -33.08 -13.06
CA ASP A 799 -32.28 -33.26 -11.62
C ASP A 799 -31.28 -34.16 -10.90
N THR A 800 -30.00 -34.12 -11.30
CA THR A 800 -28.96 -34.90 -10.60
C THR A 800 -28.87 -34.37 -9.18
N VAL A 801 -28.84 -33.05 -9.02
CA VAL A 801 -28.74 -32.41 -7.68
C VAL A 801 -30.02 -32.71 -6.89
N ALA A 802 -31.18 -32.61 -7.55
CA ALA A 802 -32.47 -32.84 -6.86
C ALA A 802 -32.57 -34.29 -6.39
N ASN A 803 -32.15 -35.24 -7.23
CA ASN A 803 -32.22 -36.68 -6.88
C ASN A 803 -30.97 -37.07 -6.07
N LYS A 804 -30.10 -36.10 -5.79
CA LYS A 804 -28.88 -36.36 -4.99
C LYS A 804 -28.07 -37.51 -5.63
N VAL A 805 -27.67 -37.36 -6.89
CA VAL A 805 -26.82 -38.40 -7.56
C VAL A 805 -25.55 -37.70 -8.06
N TYR A 806 -24.63 -37.35 -7.16
CA TYR A 806 -23.43 -36.60 -7.57
C TYR A 806 -22.37 -36.60 -6.48
N LEU A 807 -21.12 -36.34 -6.85
CA LEU A 807 -20.04 -36.20 -5.87
C LEU A 807 -19.86 -34.74 -5.46
N LEU A 808 -19.58 -34.52 -4.18
CA LEU A 808 -19.16 -33.21 -3.74
C LEU A 808 -17.99 -33.31 -2.78
N TYR A 809 -16.87 -32.70 -3.16
CA TYR A 809 -15.64 -32.72 -2.39
C TYR A 809 -15.42 -31.39 -1.67
N GLU A 810 -14.57 -31.41 -0.64
CA GLU A 810 -14.11 -30.21 0.03
C GLU A 810 -12.63 -30.37 0.38
N PHE A 811 -11.77 -29.57 -0.26
CA PHE A 811 -10.33 -29.63 -0.07
C PHE A 811 -9.89 -28.56 0.91
N SER A 812 -8.89 -28.84 1.75
CA SER A 812 -8.35 -27.81 2.66
C SER A 812 -6.88 -28.07 2.96
N VAL A 813 -6.06 -27.02 2.95
CA VAL A 813 -4.66 -27.12 3.30
C VAL A 813 -4.37 -26.25 4.52
N THR A 814 -3.67 -26.83 5.50
CA THR A 814 -3.18 -26.10 6.66
C THR A 814 -2.02 -26.89 7.28
N GLN A 815 -0.94 -26.20 7.65
CA GLN A 815 0.18 -26.82 8.34
C GLN A 815 0.78 -27.96 7.50
N ASN A 816 0.96 -27.72 6.21
CA ASN A 816 1.59 -28.67 5.32
C ASN A 816 0.82 -29.99 5.29
N ARG A 817 -0.51 -29.93 5.48
CA ARG A 817 -1.42 -31.10 5.31
C ARG A 817 -2.64 -30.76 4.43
N LEU A 818 -2.79 -31.45 3.30
CA LEU A 818 -4.00 -31.46 2.43
C LEU A 818 -4.97 -32.53 2.90
N ASP A 819 -6.22 -32.16 3.06
CA ASP A 819 -7.34 -33.05 3.42
C ASP A 819 -8.44 -33.03 2.36
N VAL A 820 -8.47 -34.01 1.47
CA VAL A 820 -9.64 -34.38 0.63
C VAL A 820 -10.69 -35.09 1.49
N LYS A 821 -11.96 -34.83 1.21
CA LYS A 821 -13.07 -35.13 2.15
C LYS A 821 -14.39 -35.06 1.38
N ILE A 822 -15.11 -36.16 1.27
CA ILE A 822 -16.29 -36.27 0.35
C ILE A 822 -17.56 -36.08 1.19
N LEU A 823 -18.31 -35.02 0.91
CA LEU A 823 -19.47 -34.57 1.70
C LEU A 823 -20.75 -35.19 1.13
N GLN A 824 -20.63 -35.70 -0.13
CA GLN A 824 -21.77 -36.46 -0.72
C GLN A 824 -21.22 -37.35 -1.83
N SER A 825 -21.55 -38.71 -1.72
CA SER A 825 -21.03 -39.65 -2.75
C SER A 825 -22.10 -40.66 -3.15
N THR A 826 -23.06 -40.24 -3.97
CA THR A 826 -24.08 -41.16 -4.48
C THR A 826 -23.90 -41.33 -5.96
N TYR A 827 -22.76 -40.91 -6.50
CA TYR A 827 -22.48 -41.14 -7.94
C TYR A 827 -21.17 -41.83 -8.05
N THR A 828 -21.11 -42.73 -9.01
CA THR A 828 -19.86 -43.41 -9.31
C THR A 828 -19.50 -43.18 -10.78
N ASP A 829 -18.30 -42.66 -11.01
CA ASP A 829 -17.85 -42.36 -12.35
C ASP A 829 -17.37 -43.65 -13.01
N PRO A 830 -17.81 -43.96 -14.25
CA PRO A 830 -17.38 -45.19 -14.93
C PRO A 830 -15.99 -45.16 -15.56
N ASN A 831 -15.27 -44.02 -15.51
CA ASN A 831 -14.01 -43.92 -16.23
C ASN A 831 -12.78 -44.12 -15.33
N ASN A 832 -13.00 -44.44 -14.04
CA ASN A 832 -11.92 -44.68 -13.09
C ASN A 832 -10.90 -43.55 -13.08
N LEU A 833 -11.38 -42.34 -12.78
CA LEU A 833 -10.52 -41.16 -12.79
C LEU A 833 -9.71 -41.08 -11.51
N VAL A 834 -8.54 -40.44 -11.60
CA VAL A 834 -7.65 -40.23 -10.47
C VAL A 834 -7.02 -38.84 -10.51
N PHE A 835 -6.73 -38.27 -9.34
CA PHE A 835 -5.84 -37.11 -9.25
C PHE A 835 -4.38 -37.58 -9.33
N LYS A 836 -3.68 -37.15 -10.37
CA LYS A 836 -2.32 -37.60 -10.64
C LYS A 836 -1.24 -36.59 -10.23
N GLU A 837 -1.57 -35.29 -10.22
CA GLU A 837 -0.62 -34.24 -9.91
C GLU A 837 -1.18 -33.27 -8.88
N ILE A 838 -0.29 -32.73 -8.03
CA ILE A 838 -0.63 -31.62 -7.15
C ILE A 838 0.39 -30.53 -7.35
N LYS A 839 -0.05 -29.30 -7.68
CA LYS A 839 0.86 -28.19 -7.82
C LYS A 839 0.68 -27.20 -6.68
N ILE A 840 1.76 -26.86 -5.95
CA ILE A 840 1.68 -25.96 -4.81
C ILE A 840 2.46 -24.68 -5.10
N LEU A 841 1.77 -23.53 -4.98
CA LEU A 841 2.36 -22.22 -5.23
C LEU A 841 2.59 -21.50 -3.91
N GLY A 842 3.77 -20.90 -3.80
CA GLY A 842 4.18 -20.17 -2.62
C GLY A 842 4.59 -21.07 -1.45
N THR A 843 5.32 -22.16 -1.74
CA THR A 843 5.73 -23.10 -0.71
C THR A 843 7.25 -23.22 -0.69
N GLN A 844 7.79 -23.78 0.39
CA GLN A 844 9.18 -24.25 0.43
C GLN A 844 9.17 -25.68 -0.08
N GLU A 845 10.34 -26.25 -0.40
CA GLU A 845 10.43 -27.55 -1.03
C GLU A 845 9.76 -28.61 -0.17
N PRO A 846 8.70 -29.29 -0.66
CA PRO A 846 8.02 -30.35 0.09
C PRO A 846 8.91 -31.58 0.11
N SER A 847 8.91 -32.31 1.23
CA SER A 847 9.73 -33.54 1.34
C SER A 847 9.00 -34.59 2.20
N ASN A 848 9.40 -35.86 2.11
CA ASN A 848 8.75 -36.96 2.87
C ASN A 848 7.22 -36.89 2.77
N VAL A 849 6.68 -37.04 1.56
CA VAL A 849 5.20 -36.94 1.35
C VAL A 849 4.55 -38.27 1.79
N ILE A 850 3.59 -38.21 2.71
CA ILE A 850 2.91 -39.44 3.20
C ILE A 850 1.42 -39.36 2.82
N VAL A 851 0.93 -40.36 2.08
CA VAL A 851 -0.52 -40.38 1.69
C VAL A 851 -1.23 -41.49 2.50
N LYS A 852 -2.33 -41.14 3.18
CA LYS A 852 -3.10 -42.16 3.94
C LYS A 852 -4.59 -41.98 3.62
N GLN A 853 -5.32 -43.10 3.50
CA GLN A 853 -6.78 -43.04 3.20
C GLN A 853 -7.56 -43.47 4.45
N ASN A 854 -8.41 -42.59 4.98
CA ASN A 854 -9.20 -42.90 6.20
C ASN A 854 -8.24 -43.41 7.29
N ASP A 855 -7.10 -42.74 7.47
CA ASP A 855 -6.11 -43.12 8.52
C ASP A 855 -5.51 -44.50 8.21
N ILE A 856 -5.46 -44.88 6.93
CA ILE A 856 -4.81 -46.17 6.54
C ILE A 856 -3.69 -45.86 5.55
N PRO A 857 -2.40 -46.11 5.88
CA PRO A 857 -1.26 -45.76 4.98
C PRO A 857 -1.44 -46.33 3.59
N VAL A 858 -1.22 -45.50 2.57
CA VAL A 858 -1.34 -45.95 1.14
C VAL A 858 0.08 -46.08 0.57
N GLN A 859 0.43 -47.26 0.04
CA GLN A 859 1.80 -47.47 -0.50
C GLN A 859 1.99 -46.62 -1.76
N VAL A 860 2.90 -45.64 -1.72
CA VAL A 860 3.12 -44.74 -2.89
C VAL A 860 4.52 -44.12 -2.76
N SER A 861 5.10 -43.68 -3.88
CA SER A 861 6.42 -43.00 -3.84
C SER A 861 6.30 -41.59 -4.44
N PRO A 862 5.68 -40.62 -3.73
CA PRO A 862 5.44 -39.25 -4.27
C PRO A 862 6.76 -38.63 -4.71
N ASN A 863 6.83 -38.21 -5.97
CA ASN A 863 8.07 -37.56 -6.51
C ASN A 863 7.86 -36.04 -6.59
N VAL A 864 8.70 -35.25 -5.92
CA VAL A 864 8.51 -33.77 -5.88
C VAL A 864 9.54 -33.07 -6.76
N ALA A 865 9.18 -31.95 -7.39
CA ALA A 865 10.09 -31.16 -8.25
C ALA A 865 9.88 -29.69 -7.95
N TYR A 866 10.92 -28.99 -7.47
CA TYR A 866 10.73 -27.60 -7.02
C TYR A 866 11.60 -26.62 -7.75
N ASP A 867 11.01 -25.57 -8.32
CA ASP A 867 11.77 -24.46 -8.95
C ASP A 867 12.12 -23.48 -7.84
N SER A 868 13.41 -23.33 -7.52
CA SER A 868 13.84 -22.50 -6.38
C SER A 868 13.43 -21.04 -6.54
N ASN A 869 13.53 -20.48 -7.74
CA ASN A 869 13.25 -19.03 -7.91
C ASN A 869 11.76 -18.73 -7.75
N LEU A 870 10.89 -19.52 -8.40
CA LEU A 870 9.43 -19.23 -8.40
C LEU A 870 8.75 -19.87 -7.19
N GLN A 871 9.47 -20.65 -6.40
CA GLN A 871 8.90 -21.35 -5.22
C GLN A 871 7.64 -22.12 -5.62
N VAL A 872 7.72 -22.95 -6.67
CA VAL A 872 6.57 -23.76 -7.17
C VAL A 872 6.97 -25.23 -7.12
N ALA A 873 6.11 -26.11 -6.60
CA ALA A 873 6.42 -27.55 -6.48
C ALA A 873 5.37 -28.39 -7.20
N LEU A 874 5.73 -29.58 -7.67
CA LEU A 874 4.77 -30.47 -8.35
C LEU A 874 4.89 -31.89 -7.76
N ILE A 875 4.01 -32.25 -6.83
CA ILE A 875 4.02 -33.63 -6.25
C ILE A 875 3.35 -34.58 -7.26
N THR A 876 4.14 -35.45 -7.90
CA THR A 876 3.59 -36.35 -8.94
C THR A 876 3.70 -37.78 -8.46
N GLU A 877 3.49 -38.75 -9.35
CA GLU A 877 3.60 -40.19 -9.00
C GLU A 877 2.63 -40.51 -7.85
N ILE A 878 1.46 -39.85 -7.82
CA ILE A 878 0.44 -40.14 -6.78
C ILE A 878 -0.89 -40.43 -7.51
N GLU A 879 -1.71 -41.32 -6.94
CA GLU A 879 -3.04 -41.61 -7.56
C GLU A 879 -4.13 -41.56 -6.47
N LEU A 880 -4.91 -40.47 -6.46
CA LEU A 880 -6.03 -40.37 -5.49
C LEU A 880 -7.33 -40.76 -6.21
N GLU A 881 -7.82 -41.97 -5.99
CA GLU A 881 -9.03 -42.46 -6.70
C GLU A 881 -10.21 -41.51 -6.43
N LEU A 882 -10.85 -41.00 -7.48
CA LEU A 882 -11.99 -40.14 -7.31
C LEU A 882 -13.05 -40.90 -6.50
N GLY A 883 -13.60 -40.26 -5.46
CA GLY A 883 -14.71 -40.82 -4.69
C GLY A 883 -14.32 -41.30 -3.29
N LYS A 884 -13.05 -41.15 -2.87
CA LYS A 884 -12.60 -41.67 -1.57
C LYS A 884 -11.90 -40.59 -0.73
N ASN A 885 -12.02 -40.66 0.62
CA ASN A 885 -11.37 -39.70 1.50
C ASN A 885 -9.87 -39.95 1.57
N TYR A 886 -9.06 -38.91 1.87
CA TYR A 886 -7.60 -39.03 1.86
C TYR A 886 -6.96 -37.91 2.68
N THR A 887 -5.68 -38.09 3.00
CA THR A 887 -4.85 -37.07 3.68
C THR A 887 -3.47 -37.15 3.11
N VAL A 888 -2.90 -36.04 2.64
CA VAL A 888 -1.49 -36.03 2.17
C VAL A 888 -0.72 -35.03 3.04
N GLU A 889 0.34 -35.49 3.71
CA GLU A 889 1.18 -34.66 4.54
C GLU A 889 2.60 -34.63 4.00
N TRP A 890 3.25 -33.49 4.22
CA TRP A 890 4.63 -33.30 3.76
C TRP A 890 5.39 -32.51 4.80
N ASP A 891 6.72 -32.64 4.87
CA ASP A 891 7.51 -31.81 5.80
C ASP A 891 8.39 -30.93 4.91
N VAL A 892 8.74 -29.71 5.35
CA VAL A 892 9.43 -28.76 4.42
C VAL A 892 10.95 -28.67 4.66
N LYS A 893 11.71 -28.35 3.61
CA LYS A 893 13.14 -28.15 3.71
C LYS A 893 13.45 -26.65 3.82
N ILE A 894 14.36 -26.30 4.73
CA ILE A 894 14.78 -24.88 4.89
C ILE A 894 16.09 -24.66 4.12
N ARG A 895 16.19 -23.58 3.34
CA ARG A 895 17.43 -23.28 2.58
C ARG A 895 18.52 -22.84 3.56
N ASP A 896 19.78 -22.77 3.10
CA ASP A 896 20.91 -22.43 4.01
C ASP A 896 20.92 -20.92 4.31
N GLU A 897 20.28 -20.12 3.45
CA GLU A 897 20.30 -18.65 3.63
C GLU A 897 19.20 -18.22 4.61
N GLU A 898 18.13 -19.02 4.71
CA GLU A 898 16.99 -18.67 5.59
C GLU A 898 17.12 -19.40 6.93
N LYS A 899 18.33 -19.84 7.29
CA LYS A 899 18.55 -20.58 8.56
C LYS A 899 18.78 -19.58 9.69
N ILE A 900 18.13 -19.79 10.85
CA ILE A 900 18.24 -18.87 11.97
C ILE A 900 18.90 -19.62 13.13
N ASP A 901 20.01 -19.10 13.67
CA ASP A 901 20.77 -19.78 14.71
C ASP A 901 19.90 -20.05 15.93
N CYS A 902 19.80 -21.34 16.31
CA CYS A 902 19.03 -21.76 17.46
C CYS A 902 19.92 -21.85 18.71
N TYR A 903 21.24 -21.78 18.52
CA TYR A 903 22.18 -21.84 19.67
C TYR A 903 23.16 -20.67 19.60
N PRO A 904 22.77 -19.45 20.03
CA PRO A 904 23.67 -18.27 20.05
C PRO A 904 24.42 -18.19 21.38
N ASP A 905 24.28 -19.20 22.22
CA ASP A 905 24.92 -19.19 23.57
C ASP A 905 26.44 -19.23 23.42
N GLU A 906 27.16 -18.70 24.41
CA GLU A 906 28.64 -18.64 24.35
C GLU A 906 29.22 -20.06 24.27
N THR A 907 28.72 -20.98 25.10
CA THR A 907 29.24 -22.37 25.12
C THR A 907 28.07 -23.35 25.20
N GLY A 908 28.32 -24.62 24.90
CA GLY A 908 27.27 -25.66 25.04
C GLY A 908 26.76 -26.14 23.69
N ALA A 909 27.29 -25.60 22.59
CA ALA A 909 26.79 -25.99 21.24
C ALA A 909 27.01 -27.48 21.02
N SER A 910 25.91 -28.25 20.93
CA SER A 910 26.00 -29.72 20.71
C SER A 910 24.68 -30.25 20.14
N GLU A 911 24.73 -31.38 19.45
CA GLU A 911 23.49 -31.99 18.87
C GLU A 911 22.52 -32.32 20.02
N GLY A 912 23.06 -32.82 21.14
CA GLY A 912 22.22 -33.17 22.30
C GLY A 912 21.50 -31.95 22.83
N ASN A 913 22.18 -30.80 22.86
CA ASN A 913 21.58 -29.55 23.41
C ASN A 913 20.57 -28.98 22.40
N CYS A 914 20.76 -29.25 21.11
CA CYS A 914 19.79 -28.78 20.10
C CYS A 914 18.51 -29.63 20.15
N VAL A 915 18.66 -30.94 20.04
CA VAL A 915 17.46 -31.75 20.00
C VAL A 915 16.57 -31.36 21.19
N ALA A 916 17.21 -31.03 22.33
CA ALA A 916 16.49 -30.64 23.55
C ALA A 916 15.73 -29.32 23.37
N ARG A 917 16.43 -28.29 22.88
CA ARG A 917 15.79 -27.01 22.56
C ARG A 917 14.66 -27.20 21.56
N GLY A 918 14.78 -28.18 20.66
CA GLY A 918 13.67 -28.49 19.76
C GLY A 918 14.04 -28.07 18.34
N CYS A 919 15.35 -28.02 18.08
CA CYS A 919 15.95 -27.48 16.88
C CYS A 919 16.58 -28.62 16.10
N ALA A 920 17.08 -28.30 14.89
CA ALA A 920 17.65 -29.27 13.98
C ALA A 920 19.15 -29.05 13.85
N TRP A 921 19.91 -30.14 13.77
CA TRP A 921 21.39 -30.04 13.71
C TRP A 921 21.89 -30.48 12.33
N GLU A 922 22.70 -29.65 11.68
CA GLU A 922 23.28 -30.00 10.35
C GLU A 922 24.65 -29.33 10.24
N ALA A 923 25.71 -30.12 10.10
CA ALA A 923 27.08 -29.55 10.03
C ALA A 923 27.30 -28.95 8.64
N SER A 924 26.98 -27.67 8.49
CA SER A 924 27.08 -27.01 7.15
C SER A 924 28.56 -26.78 6.80
N THR A 925 29.01 -27.31 5.66
CA THR A 925 30.40 -27.06 5.21
C THR A 925 30.52 -25.60 4.85
N SER A 926 29.48 -25.02 4.26
CA SER A 926 29.49 -23.58 3.88
C SER A 926 29.71 -22.73 5.14
N PRO A 927 30.61 -21.71 5.10
CA PRO A 927 30.91 -20.86 6.29
C PRO A 927 29.73 -19.97 6.64
N GLY A 928 29.64 -19.58 7.92
CA GLY A 928 28.55 -18.67 8.35
C GLY A 928 27.26 -19.42 8.63
N VAL A 929 26.81 -20.25 7.69
CA VAL A 929 25.50 -20.96 7.87
C VAL A 929 25.50 -21.63 9.25
N PRO A 930 24.45 -21.42 10.09
CA PRO A 930 24.41 -21.98 11.47
C PRO A 930 24.37 -23.50 11.45
N HIS A 931 24.83 -24.13 12.53
CA HIS A 931 24.82 -25.62 12.62
C HIS A 931 23.50 -26.05 13.28
N CYS A 932 23.09 -25.36 14.34
CA CYS A 932 21.80 -25.69 14.95
C CYS A 932 20.75 -24.65 14.54
N TYR A 933 19.73 -25.04 13.78
CA TYR A 933 18.76 -24.09 13.25
C TYR A 933 17.37 -24.38 13.81
N PHE A 934 16.48 -23.39 13.75
CA PHE A 934 15.12 -23.53 14.24
C PHE A 934 14.26 -24.21 13.18
N VAL A 935 13.21 -24.92 13.62
CA VAL A 935 12.28 -25.56 12.69
C VAL A 935 10.82 -25.37 13.08
N ASP A 936 10.50 -24.92 14.31
CA ASP A 936 9.11 -24.80 14.74
C ASP A 936 8.87 -23.47 15.47
N GLU A 937 7.58 -23.10 15.64
CA GLU A 937 7.20 -21.84 16.26
C GLU A 937 6.79 -22.09 17.72
N LEU A 938 7.03 -21.11 18.61
CA LEU A 938 6.75 -21.25 20.04
C LEU A 938 5.46 -20.54 20.42
N TYR A 939 4.98 -19.60 19.59
CA TYR A 939 3.88 -18.72 19.95
C TYR A 939 2.80 -18.81 18.88
N SER A 940 1.54 -18.57 19.27
CA SER A 940 0.41 -18.46 18.36
C SER A 940 -0.28 -17.10 18.48
N VAL A 941 -0.97 -16.70 17.40
CA VAL A 941 -1.62 -15.40 17.26
C VAL A 941 -3.13 -15.59 17.24
N SER A 942 -3.83 -14.66 17.88
CA SER A 942 -5.28 -14.70 17.93
C SER A 942 -5.83 -13.29 18.19
N ASP A 943 -7.13 -13.12 17.96
CA ASP A 943 -7.83 -11.89 18.33
C ASP A 943 -7.28 -10.71 17.53
N VAL A 944 -7.10 -10.90 16.22
CA VAL A 944 -6.52 -9.82 15.37
C VAL A 944 -7.64 -8.82 15.01
N GLN A 945 -7.49 -7.56 15.43
CA GLN A 945 -8.52 -6.53 15.15
C GLN A 945 -7.86 -5.32 14.49
N TYR A 946 -8.31 -4.95 13.29
CA TYR A 946 -7.76 -3.76 12.58
C TYR A 946 -8.67 -2.56 12.82
N ASP A 947 -8.12 -1.48 13.38
CA ASP A 947 -8.92 -0.27 13.70
C ASP A 947 -8.62 0.82 12.67
N SER A 948 -9.28 1.97 12.79
CA SER A 948 -9.03 3.11 11.86
C SER A 948 -7.63 3.69 12.13
N PHE A 949 -7.22 3.76 13.39
CA PHE A 949 -5.90 4.36 13.73
C PHE A 949 -5.03 3.35 14.49
N GLY A 950 -5.17 2.06 14.19
CA GLY A 950 -4.29 1.06 14.83
C GLY A 950 -4.67 -0.37 14.52
N ALA A 951 -3.94 -1.33 15.09
CA ALA A 951 -4.25 -2.78 14.91
C ALA A 951 -3.70 -3.53 16.12
N THR A 952 -4.43 -4.53 16.63
CA THR A 952 -3.97 -5.23 17.86
C THR A 952 -4.13 -6.72 17.71
N ALA A 953 -3.41 -7.49 18.55
CA ALA A 953 -3.51 -8.94 18.51
C ALA A 953 -2.96 -9.53 19.81
N ALA A 954 -3.45 -10.73 20.17
CA ALA A 954 -2.96 -11.43 21.34
C ALA A 954 -2.01 -12.55 20.92
N ILE A 955 -0.91 -12.73 21.65
CA ILE A 955 0.10 -13.71 21.32
C ILE A 955 0.28 -14.61 22.52
N SER A 956 0.14 -15.93 22.34
CA SER A 956 0.11 -16.87 23.46
C SER A 956 1.13 -18.01 23.28
N LEU A 957 1.83 -18.36 24.36
CA LEU A 957 2.84 -19.41 24.30
C LEU A 957 2.15 -20.75 24.06
N LYS A 958 2.65 -21.52 23.08
CA LYS A 958 2.13 -22.87 22.83
C LYS A 958 3.11 -23.89 23.40
N SER A 959 4.40 -23.83 23.00
CA SER A 959 5.41 -24.79 23.43
C SER A 959 6.12 -24.32 24.70
N SER A 960 5.58 -24.68 25.87
CA SER A 960 6.21 -24.27 27.15
C SER A 960 7.56 -24.97 27.34
N LEU A 961 7.62 -26.28 27.08
CA LEU A 961 8.86 -27.05 27.31
C LEU A 961 10.03 -26.49 26.48
N TYR A 962 9.83 -26.35 25.16
CA TYR A 962 10.94 -25.90 24.28
C TYR A 962 11.34 -24.46 24.66
N ALA A 963 10.36 -23.62 24.96
CA ALA A 963 10.64 -22.22 25.33
C ALA A 963 11.49 -22.20 26.60
N SER A 964 11.21 -23.10 27.55
CA SER A 964 11.97 -23.17 28.82
C SER A 964 13.44 -23.52 28.53
N ALA A 965 13.67 -24.40 27.55
CA ALA A 965 15.05 -24.80 27.19
C ALA A 965 15.86 -23.58 26.75
N LEU A 966 15.20 -22.63 26.07
CA LEU A 966 15.89 -21.39 25.63
C LEU A 966 16.28 -20.57 26.87
N PRO A 967 17.35 -19.73 26.84
CA PRO A 967 17.84 -19.01 28.06
C PRO A 967 16.73 -18.23 28.75
N SER A 968 16.71 -18.23 30.09
CA SER A 968 15.72 -17.44 30.89
C SER A 968 14.34 -18.13 30.96
N VAL A 969 13.40 -17.53 31.69
CA VAL A 969 12.03 -18.13 31.86
C VAL A 969 11.09 -17.54 30.80
N PRO A 970 10.25 -18.35 30.12
CA PRO A 970 9.36 -17.86 29.02
C PRO A 970 8.19 -17.03 29.54
N VAL A 971 7.77 -16.02 28.76
CA VAL A 971 6.56 -15.22 29.13
C VAL A 971 5.37 -15.88 28.42
N ASN A 972 4.22 -15.99 29.08
CA ASN A 972 3.08 -16.73 28.48
C ASN A 972 2.20 -15.83 27.62
N SER A 973 1.71 -14.71 28.16
CA SER A 973 0.77 -13.89 27.41
C SER A 973 1.42 -12.56 26.98
N LEU A 974 1.23 -12.19 25.70
CA LEU A 974 1.80 -10.98 25.14
C LEU A 974 0.74 -10.27 24.30
N ARG A 975 0.86 -8.95 24.17
CA ARG A 975 -0.03 -8.15 23.34
C ARG A 975 0.78 -7.47 22.24
N LEU A 976 0.21 -7.39 21.03
CA LEU A 976 0.82 -6.62 19.95
C LEU A 976 -0.03 -5.38 19.73
N SER A 977 0.59 -4.20 19.77
CA SER A 977 -0.13 -2.97 19.52
C SER A 977 0.51 -2.14 18.41
N VAL A 978 -0.27 -1.80 17.37
CA VAL A 978 0.22 -0.97 16.29
C VAL A 978 -0.53 0.36 16.30
N THR A 979 0.17 1.49 16.23
CA THR A 979 -0.47 2.80 16.28
C THR A 979 -0.07 3.62 15.05
N TYR A 980 -1.04 4.22 14.36
CA TYR A 980 -0.74 5.02 13.19
C TYR A 980 -0.67 6.50 13.55
N HIS A 981 0.51 6.95 14.02
CA HIS A 981 0.67 8.29 14.56
C HIS A 981 0.47 9.39 13.51
N LYS A 982 1.17 9.28 12.37
CA LYS A 982 1.17 10.32 11.34
C LYS A 982 1.10 9.65 9.97
N GLU A 983 1.01 10.45 8.91
CA GLU A 983 1.00 9.94 7.54
C GLU A 983 2.31 9.26 7.16
N ASN A 984 3.40 9.60 7.87
CA ASN A 984 4.74 9.07 7.48
C ASN A 984 5.45 8.38 8.65
N MET A 985 4.75 8.15 9.77
CA MET A 985 5.38 7.51 10.95
C MET A 985 4.40 6.55 11.62
N LEU A 986 4.89 5.42 12.15
CA LEU A 986 4.02 4.47 12.88
C LEU A 986 4.85 3.79 13.99
N GLN A 987 4.18 3.23 14.99
CA GLN A 987 4.87 2.54 16.06
C GLN A 987 4.25 1.16 16.30
N PHE A 988 5.05 0.14 16.53
CA PHE A 988 4.50 -1.14 16.94
C PHE A 988 5.27 -1.69 18.12
N LYS A 989 4.55 -2.28 19.06
CA LYS A 989 5.08 -2.63 20.37
C LYS A 989 4.60 -4.00 20.80
N ILE A 990 5.49 -4.83 21.34
CA ILE A 990 5.15 -6.15 21.88
C ILE A 990 5.55 -6.17 23.35
N TYR A 991 4.58 -6.43 24.22
CA TYR A 991 4.83 -6.29 25.65
C TYR A 991 3.94 -7.24 26.44
N ASP A 992 4.29 -7.39 27.72
CA ASP A 992 3.55 -8.22 28.66
C ASP A 992 2.45 -7.40 29.31
N PRO A 993 1.16 -7.67 29.01
CA PRO A 993 0.06 -6.86 29.56
C PRO A 993 -0.17 -7.08 31.06
N SER A 994 0.33 -8.21 31.59
CA SER A 994 0.04 -8.66 32.95
C SER A 994 1.06 -8.11 33.95
N ASN A 995 2.31 -7.87 33.49
CA ASN A 995 3.38 -7.40 34.35
C ASN A 995 4.05 -6.17 33.75
N ASN A 996 4.36 -5.19 34.59
CA ASN A 996 5.22 -4.09 34.19
C ASN A 996 6.65 -4.60 34.01
N ARG A 997 7.19 -4.41 32.80
CA ARG A 997 8.59 -4.66 32.52
C ARG A 997 9.23 -3.30 32.23
N TYR A 998 10.57 -3.22 32.35
CA TYR A 998 11.27 -1.96 32.16
C TYR A 998 11.01 -1.39 30.77
N GLU A 999 10.69 -0.09 30.75
CA GLU A 999 10.58 0.69 29.53
C GLU A 999 11.56 1.87 29.59
N VAL A 1000 12.23 2.18 28.46
CA VAL A 1000 13.26 3.21 28.43
C VAL A 1000 12.63 4.55 28.83
N PRO A 1001 13.17 5.27 29.84
CA PRO A 1001 12.66 6.57 30.26
C PRO A 1001 13.31 7.73 29.51
N VAL A 1002 13.29 7.62 28.18
CA VAL A 1002 13.79 8.72 27.30
C VAL A 1002 12.55 9.22 26.53
N PRO A 1003 12.07 10.46 26.79
CA PRO A 1003 10.85 10.95 26.17
C PRO A 1003 10.99 11.21 24.68
N LEU A 1004 9.97 10.82 23.91
CA LEU A 1004 9.91 11.04 22.48
C LEU A 1004 8.73 11.95 22.15
N ASN A 1005 8.80 12.61 20.97
CA ASN A 1005 7.79 13.56 20.55
C ASN A 1005 6.87 12.90 19.52
N VAL A 1006 5.72 12.41 19.98
CA VAL A 1006 4.73 11.77 19.07
C VAL A 1006 3.46 12.64 19.06
N PRO A 1007 2.63 12.63 18.00
CA PRO A 1007 1.36 13.40 17.95
C PRO A 1007 0.40 12.91 19.04
N ARG A 1008 -0.22 13.84 19.76
CA ARG A 1008 -1.19 13.46 20.83
C ARG A 1008 -2.39 12.74 20.21
N VAL A 1009 -2.87 13.23 19.06
CA VAL A 1009 -4.02 12.58 18.35
C VAL A 1009 -3.50 11.96 17.05
N PRO A 1010 -3.77 10.67 16.77
CA PRO A 1010 -3.28 9.98 15.53
C PRO A 1010 -3.80 10.67 14.29
N SER A 1011 -2.94 10.83 13.27
CA SER A 1011 -3.37 11.43 11.99
C SER A 1011 -3.13 10.44 10.84
N GLY A 1012 -2.86 9.18 11.16
CA GLY A 1012 -2.63 8.15 10.13
C GLY A 1012 -3.92 7.80 9.43
N THR A 1013 -4.55 8.80 8.78
CA THR A 1013 -5.84 8.58 8.13
C THR A 1013 -5.61 7.69 6.91
N SER A 1014 -6.55 6.78 6.66
CA SER A 1014 -6.38 5.79 5.62
C SER A 1014 -6.02 6.42 4.27
N GLU A 1015 -6.54 7.62 4.00
CA GLU A 1015 -6.38 8.25 2.69
C GLU A 1015 -4.97 8.83 2.53
N SER A 1016 -4.46 9.45 3.61
CA SER A 1016 -3.26 10.26 3.55
C SER A 1016 -2.00 9.43 3.82
N ARG A 1017 -2.15 8.28 4.50
CA ARG A 1017 -0.98 7.62 5.06
C ARG A 1017 -0.18 6.93 3.95
N LEU A 1018 1.13 6.79 4.17
CA LEU A 1018 2.04 6.30 3.14
C LEU A 1018 2.26 4.79 3.23
N TYR A 1019 1.62 4.12 4.20
CA TYR A 1019 1.92 2.73 4.50
C TYR A 1019 0.66 1.93 4.79
N ASP A 1020 0.80 0.58 4.71
CA ASP A 1020 -0.22 -0.36 5.19
C ASP A 1020 0.39 -1.45 6.07
N VAL A 1021 -0.39 -1.97 7.03
CA VAL A 1021 0.09 -3.00 7.96
C VAL A 1021 -0.75 -4.26 7.84
N LEU A 1022 -0.10 -5.44 7.95
CA LEU A 1022 -0.78 -6.72 7.89
C LEU A 1022 -0.23 -7.69 8.93
N ILE A 1023 -1.06 -8.19 9.85
CA ILE A 1023 -0.59 -9.17 10.88
C ILE A 1023 -0.85 -10.58 10.34
N LYS A 1024 0.17 -11.42 10.28
CA LYS A 1024 0.06 -12.74 9.62
C LYS A 1024 0.22 -13.84 10.66
N LYS A 1025 0.05 -15.11 10.27
CA LYS A 1025 0.09 -16.24 11.22
C LYS A 1025 0.82 -17.43 10.59
N ASN A 1026 1.25 -18.40 11.40
CA ASN A 1026 1.86 -19.62 10.89
C ASN A 1026 3.04 -19.36 9.94
N PRO A 1027 4.26 -18.93 10.39
CA PRO A 1027 4.52 -18.39 11.72
C PRO A 1027 4.00 -16.97 11.92
N PHE A 1028 3.93 -16.48 13.17
CA PHE A 1028 3.45 -15.13 13.46
C PHE A 1028 4.41 -14.11 12.87
N GLY A 1029 3.90 -12.96 12.42
CA GLY A 1029 4.75 -11.91 11.90
C GLY A 1029 3.95 -10.65 11.56
N ILE A 1030 4.66 -9.53 11.44
CA ILE A 1030 4.01 -8.27 11.03
C ILE A 1030 4.63 -7.92 9.69
N GLU A 1031 3.85 -7.39 8.78
CA GLU A 1031 4.34 -6.91 7.50
C GLU A 1031 3.95 -5.45 7.33
N ILE A 1032 4.90 -4.60 6.94
CA ILE A 1032 4.63 -3.20 6.66
C ILE A 1032 5.02 -2.93 5.22
N ARG A 1033 4.15 -2.27 4.47
CA ARG A 1033 4.34 -2.09 3.04
C ARG A 1033 4.19 -0.62 2.64
N ARG A 1034 5.00 -0.19 1.67
CA ARG A 1034 4.91 1.15 1.13
C ARG A 1034 3.78 1.17 0.12
N LYS A 1035 2.77 2.01 0.35
CA LYS A 1035 1.56 2.05 -0.48
C LYS A 1035 1.90 2.36 -1.95
N SER A 1036 2.81 3.31 -2.20
CA SER A 1036 3.04 3.77 -3.55
C SER A 1036 3.65 2.69 -4.44
N THR A 1037 4.59 1.89 -3.93
CA THR A 1037 5.31 0.98 -4.82
C THR A 1037 4.95 -0.46 -4.48
N GLY A 1038 4.32 -0.66 -3.32
CA GLY A 1038 3.97 -1.99 -2.85
C GLY A 1038 5.18 -2.77 -2.37
N THR A 1039 6.29 -2.09 -2.04
CA THR A 1039 7.46 -2.74 -1.50
C THR A 1039 7.28 -3.00 -0.01
N VAL A 1040 7.69 -4.19 0.45
CA VAL A 1040 7.58 -4.56 1.85
C VAL A 1040 8.86 -4.13 2.58
N ILE A 1041 8.73 -3.21 3.55
CA ILE A 1041 9.92 -2.64 4.17
C ILE A 1041 10.20 -3.35 5.49
N TRP A 1042 9.21 -4.01 6.08
CA TRP A 1042 9.45 -4.82 7.31
C TRP A 1042 8.67 -6.11 7.20
N ASP A 1043 9.33 -7.27 7.30
CA ASP A 1043 8.63 -8.58 7.28
C ASP A 1043 9.21 -9.47 8.38
N SER A 1044 8.39 -9.90 9.34
CA SER A 1044 8.92 -10.65 10.50
C SER A 1044 8.55 -12.13 10.43
N GLN A 1045 7.91 -12.61 9.37
CA GLN A 1045 7.49 -14.03 9.39
C GLN A 1045 8.71 -14.94 9.18
N LEU A 1046 9.65 -14.96 10.12
CA LEU A 1046 10.84 -15.85 10.07
C LEU A 1046 10.78 -16.67 11.36
N LEU A 1047 11.57 -17.72 11.51
CA LEU A 1047 11.47 -18.58 12.71
C LEU A 1047 12.47 -18.09 13.77
N GLY A 1048 12.07 -18.08 15.05
CA GLY A 1048 13.02 -17.71 16.11
C GLY A 1048 12.42 -16.78 17.15
N PHE A 1049 11.23 -16.25 16.91
CA PHE A 1049 10.65 -15.25 17.87
C PHE A 1049 10.63 -15.86 19.27
N THR A 1050 11.27 -15.19 20.22
CA THR A 1050 11.30 -15.66 21.62
C THR A 1050 11.10 -14.48 22.54
N PHE A 1051 10.31 -14.64 23.60
CA PHE A 1051 10.15 -13.54 24.58
C PHE A 1051 10.34 -14.10 26.00
N ASN A 1052 11.58 -14.51 26.32
CA ASN A 1052 11.87 -14.98 27.70
C ASN A 1052 12.13 -13.77 28.59
N ASP A 1053 12.19 -13.95 29.90
CA ASP A 1053 12.37 -12.80 30.82
C ASP A 1053 13.66 -12.04 30.49
N MET A 1054 14.77 -12.76 30.30
CA MET A 1054 16.07 -12.10 30.05
C MET A 1054 16.64 -12.53 28.69
N PHE A 1055 15.77 -12.88 27.75
CA PHE A 1055 16.23 -13.24 26.38
C PHE A 1055 15.08 -13.02 25.40
N ILE A 1056 15.15 -11.95 24.60
CA ILE A 1056 14.13 -11.67 23.62
C ILE A 1056 14.74 -11.62 22.23
N GLN A 1057 14.17 -12.34 21.25
CA GLN A 1057 14.74 -12.42 19.91
C GLN A 1057 13.67 -12.11 18.88
N ILE A 1058 14.02 -11.41 17.80
CA ILE A 1058 13.10 -11.12 16.70
C ILE A 1058 13.90 -10.74 15.45
N SER A 1059 13.39 -11.17 14.31
CA SER A 1059 14.11 -10.98 13.02
C SER A 1059 13.18 -10.38 11.98
N THR A 1060 13.76 -9.69 10.98
CA THR A 1060 12.98 -9.07 9.90
C THR A 1060 13.68 -9.35 8.59
N ARG A 1061 12.94 -9.27 7.48
CA ARG A 1061 13.55 -9.44 6.14
C ARG A 1061 13.85 -8.05 5.55
N LEU A 1062 15.10 -7.79 5.17
CA LEU A 1062 15.49 -6.46 4.66
C LEU A 1062 15.03 -6.30 3.20
N PRO A 1063 14.65 -5.09 2.74
CA PRO A 1063 14.22 -4.84 1.34
C PRO A 1063 15.37 -5.04 0.37
N SER A 1064 16.59 -4.62 0.76
CA SER A 1064 17.74 -4.70 -0.17
C SER A 1064 19.04 -5.03 0.60
N GLN A 1065 20.18 -4.99 -0.08
CA GLN A 1065 21.48 -5.32 0.57
C GLN A 1065 22.13 -4.04 1.13
N TYR A 1066 21.43 -2.90 1.04
CA TYR A 1066 22.03 -1.62 1.49
C TYR A 1066 21.47 -1.23 2.86
N LEU A 1067 22.32 -1.29 3.89
CA LEU A 1067 21.90 -0.88 5.26
C LEU A 1067 22.98 0.04 5.85
N TYR A 1068 22.60 1.18 6.39
CA TYR A 1068 23.56 2.12 7.00
C TYR A 1068 23.11 2.42 8.39
N GLY A 1069 24.00 2.33 9.38
CA GLY A 1069 23.63 2.70 10.76
C GLY A 1069 24.13 1.69 11.77
N PHE A 1070 23.57 1.70 12.99
CA PHE A 1070 24.00 0.79 14.08
C PHE A 1070 25.37 1.21 14.58
N GLY A 1071 25.45 1.68 15.83
CA GLY A 1071 26.73 2.17 16.37
C GLY A 1071 26.57 2.36 17.85
N GLU A 1072 27.64 2.63 18.57
CA GLU A 1072 28.92 3.12 18.02
C GLU A 1072 29.92 1.98 17.99
N THR A 1073 30.35 1.58 16.78
CA THR A 1073 31.32 0.47 16.61
C THR A 1073 32.08 0.73 15.33
N GLU A 1074 33.41 0.61 15.37
CA GLU A 1074 34.23 0.94 14.17
C GLU A 1074 33.89 -0.05 13.05
N HIS A 1075 33.66 0.46 11.83
CA HIS A 1075 33.31 -0.42 10.68
C HIS A 1075 34.24 -0.07 9.50
N THR A 1076 34.46 -1.03 8.60
CA THR A 1076 35.35 -0.82 7.46
C THR A 1076 34.64 0.02 6.43
N ALA A 1077 33.36 0.31 6.62
CA ALA A 1077 32.68 1.05 5.54
C ALA A 1077 31.41 1.70 6.06
N PHE A 1078 30.79 2.57 5.24
CA PHE A 1078 29.51 3.21 5.63
C PHE A 1078 28.41 2.18 5.48
N ARG A 1079 28.47 1.40 4.39
CA ARG A 1079 27.48 0.32 4.14
C ARG A 1079 27.81 -0.85 5.05
N ARG A 1080 26.84 -1.69 5.39
CA ARG A 1080 27.09 -2.79 6.34
C ARG A 1080 27.16 -4.12 5.57
N ASN A 1081 28.20 -4.93 5.83
CA ASN A 1081 28.36 -6.25 5.17
C ASN A 1081 27.40 -7.25 5.82
N LEU A 1082 26.51 -7.88 5.05
CA LEU A 1082 25.48 -8.80 5.61
C LEU A 1082 25.92 -10.26 5.43
N ASN A 1083 27.23 -10.53 5.50
CA ASN A 1083 27.73 -11.93 5.38
C ASN A 1083 27.92 -12.54 6.78
N TRP A 1084 26.82 -12.91 7.44
CA TRP A 1084 26.91 -13.56 8.78
C TRP A 1084 27.82 -12.75 9.71
N HIS A 1085 27.39 -11.55 10.12
CA HIS A 1085 28.19 -10.70 11.03
C HIS A 1085 27.35 -10.37 12.27
N THR A 1086 27.97 -10.42 13.46
CA THR A 1086 27.25 -10.10 14.72
C THR A 1086 27.93 -8.94 15.42
N TRP A 1087 27.16 -7.92 15.81
CA TRP A 1087 27.72 -6.71 16.46
C TRP A 1087 27.01 -6.45 17.79
N GLY A 1088 27.75 -6.38 18.90
CA GLY A 1088 27.14 -6.04 20.19
C GLY A 1088 26.93 -4.54 20.43
N MET A 1089 26.06 -4.19 21.38
CA MET A 1089 25.83 -2.80 21.77
C MET A 1089 25.60 -2.65 23.27
N PHE A 1090 26.59 -2.08 23.98
CA PHE A 1090 26.52 -1.84 25.42
C PHE A 1090 27.64 -0.86 25.77
N SER A 1091 27.33 0.33 26.25
CA SER A 1091 28.40 1.32 26.48
C SER A 1091 29.64 0.72 27.17
N ARG A 1092 30.83 0.98 26.66
CA ARG A 1092 32.09 0.52 27.30
C ARG A 1092 33.21 1.51 27.01
N ASP A 1093 34.19 1.65 27.90
CA ASP A 1093 35.35 2.53 27.65
C ASP A 1093 36.35 1.75 26.80
N GLN A 1094 36.07 1.63 25.50
CA GLN A 1094 36.94 0.84 24.60
C GLN A 1094 37.21 1.63 23.33
N PRO A 1095 38.48 1.96 22.98
CA PRO A 1095 38.80 2.66 21.71
C PRO A 1095 38.07 1.98 20.56
N PRO A 1096 37.31 2.73 19.74
CA PRO A 1096 36.49 2.12 18.64
C PRO A 1096 37.32 1.12 17.85
N GLY A 1097 36.81 -0.11 17.72
CA GLY A 1097 37.54 -1.16 16.98
C GLY A 1097 36.57 -2.13 16.32
N TYR A 1098 37.07 -3.03 15.47
CA TYR A 1098 36.18 -3.96 14.73
C TYR A 1098 35.54 -4.94 15.72
N LYS A 1099 34.21 -5.09 15.66
CA LYS A 1099 33.48 -6.02 16.55
C LYS A 1099 33.80 -5.71 18.02
N MET A 1100 33.80 -4.42 18.39
CA MET A 1100 34.06 -4.03 19.80
C MET A 1100 32.99 -3.02 20.24
N ASN A 1101 32.20 -3.34 21.27
CA ASN A 1101 31.21 -2.36 21.80
C ASN A 1101 31.99 -1.12 22.26
N SER A 1102 31.52 0.08 21.89
CA SER A 1102 32.28 1.31 22.21
C SER A 1102 31.53 2.21 23.20
N TYR A 1103 31.69 3.53 23.08
CA TYR A 1103 31.11 4.48 24.07
C TYR A 1103 29.61 4.62 23.95
N GLY A 1104 29.06 4.70 22.72
CA GLY A 1104 27.62 4.98 22.58
C GLY A 1104 26.80 3.81 22.08
N VAL A 1105 25.49 3.81 22.34
CA VAL A 1105 24.58 2.74 21.84
C VAL A 1105 23.45 3.43 21.06
N HIS A 1106 23.39 3.23 19.75
CA HIS A 1106 22.34 3.85 18.90
C HIS A 1106 21.64 2.77 18.07
N PRO A 1107 20.55 2.18 18.56
CA PRO A 1107 19.81 1.09 17.84
C PRO A 1107 18.94 1.68 16.74
N TYR A 1108 19.55 2.21 15.69
CA TYR A 1108 18.82 2.85 14.61
C TYR A 1108 19.49 2.48 13.29
N TYR A 1109 18.70 2.23 12.24
CA TYR A 1109 19.29 2.02 10.93
C TYR A 1109 18.43 2.74 9.90
N MET A 1110 19.05 3.04 8.75
CA MET A 1110 18.35 3.48 7.56
C MET A 1110 18.66 2.51 6.42
N ALA A 1111 17.64 2.10 5.66
CA ALA A 1111 17.82 1.18 4.55
C ALA A 1111 17.27 1.75 3.26
N LEU A 1112 17.98 1.43 2.17
CA LEU A 1112 17.60 1.79 0.80
C LEU A 1112 16.86 0.62 0.18
N GLU A 1113 15.72 0.91 -0.45
CA GLU A 1113 14.99 -0.06 -1.26
C GLU A 1113 15.61 -0.06 -2.66
N GLU A 1114 15.37 -1.12 -3.46
CA GLU A 1114 16.03 -1.28 -4.76
C GLU A 1114 15.69 -0.16 -5.75
N ASP A 1115 14.56 0.53 -5.54
CA ASP A 1115 14.12 1.61 -6.41
C ASP A 1115 14.66 2.98 -5.96
N GLY A 1116 15.39 3.01 -4.84
CA GLY A 1116 15.99 4.24 -4.32
C GLY A 1116 15.14 4.94 -3.25
N ASN A 1117 13.97 4.38 -2.90
CA ASN A 1117 13.21 4.87 -1.76
C ASN A 1117 13.93 4.47 -0.47
N ALA A 1118 13.74 5.24 0.60
CA ALA A 1118 14.49 5.00 1.84
C ALA A 1118 13.54 5.02 3.03
N HIS A 1119 13.85 4.24 4.09
CA HIS A 1119 13.07 4.25 5.32
C HIS A 1119 14.05 4.11 6.48
N GLY A 1120 13.57 4.36 7.71
CA GLY A 1120 14.38 4.21 8.90
C GLY A 1120 13.61 3.54 10.03
N VAL A 1121 14.34 2.82 10.90
CA VAL A 1121 13.76 2.03 11.97
C VAL A 1121 14.54 2.29 13.25
N LEU A 1122 13.85 2.64 14.34
CA LEU A 1122 14.44 2.75 15.66
C LEU A 1122 13.88 1.69 16.60
N LEU A 1123 14.74 0.95 17.30
CA LEU A 1123 14.33 0.14 18.43
C LEU A 1123 14.70 0.87 19.72
N LEU A 1124 13.72 1.30 20.50
CA LEU A 1124 13.98 2.01 21.73
C LEU A 1124 14.18 1.02 22.88
N ASN A 1125 15.44 0.62 23.12
CA ASN A 1125 15.79 -0.38 24.13
C ASN A 1125 17.17 -0.03 24.68
N SER A 1126 17.39 -0.15 26.00
CA SER A 1126 18.67 0.22 26.59
C SER A 1126 19.38 -0.98 27.23
N ASN A 1127 18.83 -2.19 27.17
CA ASN A 1127 19.51 -3.36 27.72
C ASN A 1127 20.64 -3.79 26.78
N ALA A 1128 21.57 -4.60 27.27
CA ALA A 1128 22.69 -5.07 26.45
C ALA A 1128 22.12 -5.92 25.32
N MET A 1129 22.68 -5.82 24.12
CA MET A 1129 22.04 -6.42 22.97
C MET A 1129 23.05 -6.72 21.87
N ASP A 1130 22.64 -7.45 20.84
CA ASP A 1130 23.46 -7.60 19.65
C ASP A 1130 22.58 -7.71 18.40
N VAL A 1131 23.17 -7.51 17.22
CA VAL A 1131 22.46 -7.62 15.96
C VAL A 1131 23.29 -8.49 15.01
N THR A 1132 22.60 -9.36 14.27
CA THR A 1132 23.24 -10.25 13.33
C THR A 1132 22.71 -9.97 11.93
N PHE A 1133 23.61 -9.99 10.93
CA PHE A 1133 23.20 -9.67 9.53
C PHE A 1133 23.34 -10.91 8.66
N GLN A 1134 22.20 -11.53 8.32
CA GLN A 1134 22.22 -12.73 7.43
C GLN A 1134 22.13 -12.26 5.97
N PRO A 1135 22.76 -12.96 5.00
CA PRO A 1135 22.74 -12.59 3.56
C PRO A 1135 21.45 -13.07 2.89
N LEU A 1136 20.31 -12.90 3.55
CA LEU A 1136 19.01 -13.30 2.97
C LEU A 1136 18.56 -12.24 1.93
N PRO A 1137 18.37 -10.94 2.26
CA PRO A 1137 18.99 -10.25 3.43
C PRO A 1137 18.09 -10.30 4.65
N ALA A 1138 18.69 -10.59 5.82
CA ALA A 1138 17.88 -10.68 7.07
C ALA A 1138 18.63 -10.01 8.22
N LEU A 1139 17.89 -9.50 9.20
CA LEU A 1139 18.51 -8.87 10.39
C LEU A 1139 17.82 -9.44 11.64
N THR A 1140 18.62 -9.88 12.60
CA THR A 1140 18.08 -10.43 13.85
C THR A 1140 18.57 -9.59 15.03
N TYR A 1141 17.71 -9.35 16.00
CA TYR A 1141 18.02 -8.59 17.20
C TYR A 1141 17.89 -9.54 18.39
N ARG A 1142 18.83 -9.49 19.34
CA ARG A 1142 18.73 -10.29 20.56
C ARG A 1142 19.04 -9.40 21.76
N THR A 1143 18.10 -9.21 22.68
CA THR A 1143 18.30 -8.33 23.82
C THR A 1143 18.16 -9.13 25.12
N THR A 1144 18.67 -8.57 26.22
CA THR A 1144 18.73 -9.24 27.50
C THR A 1144 17.65 -8.69 28.41
N GLY A 1145 16.68 -7.95 27.87
CA GLY A 1145 15.62 -7.46 28.73
C GLY A 1145 14.74 -6.42 28.06
N GLY A 1146 13.74 -5.97 28.84
CA GLY A 1146 12.86 -4.88 28.48
C GLY A 1146 11.71 -5.39 27.62
N ILE A 1147 11.18 -4.52 26.75
CA ILE A 1147 10.09 -4.87 25.83
C ILE A 1147 10.54 -4.51 24.41
N LEU A 1148 9.70 -4.77 23.40
CA LEU A 1148 10.06 -4.49 22.02
C LEU A 1148 9.28 -3.27 21.56
N ASP A 1149 9.96 -2.13 21.34
CA ASP A 1149 9.27 -0.90 20.98
C ASP A 1149 9.88 -0.27 19.74
N PHE A 1150 9.21 -0.42 18.58
CA PHE A 1150 9.77 -0.04 17.29
C PHE A 1150 9.09 1.22 16.78
N TYR A 1151 9.87 2.14 16.20
CA TYR A 1151 9.34 3.24 15.43
C TYR A 1151 9.81 3.13 13.98
N VAL A 1152 8.94 3.38 13.00
CA VAL A 1152 9.30 3.26 11.56
C VAL A 1152 9.01 4.58 10.86
N LEU A 1153 9.94 5.13 10.08
CA LEU A 1153 9.80 6.42 9.36
C LEU A 1153 9.73 6.07 7.88
N LEU A 1154 8.69 6.49 7.16
CA LEU A 1154 8.44 5.99 5.78
C LEU A 1154 9.16 6.77 4.68
N GLY A 1155 9.87 7.82 4.97
CA GLY A 1155 10.69 8.46 3.92
C GLY A 1155 9.95 9.62 3.26
N PRO A 1156 10.03 9.79 1.92
CA PRO A 1156 10.48 8.75 0.97
C PRO A 1156 11.86 9.00 0.40
N THR A 1157 12.63 9.94 0.94
CA THR A 1157 13.95 10.32 0.38
C THR A 1157 14.96 10.28 1.48
N PRO A 1158 16.25 9.96 1.22
CA PRO A 1158 17.26 9.78 2.29
C PRO A 1158 17.43 10.99 3.20
N GLU A 1159 16.86 12.13 2.84
CA GLU A 1159 17.08 13.38 3.61
C GLU A 1159 15.81 13.76 4.36
N LEU A 1160 14.73 13.02 4.14
CA LEU A 1160 13.43 13.30 4.80
C LEU A 1160 13.26 12.31 5.95
N VAL A 1161 13.94 11.17 5.86
CA VAL A 1161 13.98 10.18 6.97
C VAL A 1161 14.76 10.80 8.13
N THR A 1162 15.75 11.65 7.84
CA THR A 1162 16.51 12.27 8.92
C THR A 1162 15.71 13.40 9.57
N GLN A 1163 14.93 14.11 8.76
CA GLN A 1163 14.05 15.15 9.26
C GLN A 1163 12.92 14.54 10.05
N GLN A 1164 12.49 13.32 9.68
CA GLN A 1164 11.44 12.64 10.40
C GLN A 1164 11.97 12.06 11.70
N TYR A 1165 13.18 11.52 11.65
CA TYR A 1165 13.78 10.90 12.82
C TYR A 1165 14.00 11.94 13.89
N THR A 1166 14.54 13.11 13.50
CA THR A 1166 14.96 14.12 14.47
C THR A 1166 13.75 14.85 15.02
N GLU A 1167 12.68 14.91 14.25
CA GLU A 1167 11.42 15.38 14.81
C GLU A 1167 10.95 14.49 15.97
N LEU A 1168 11.15 13.17 15.87
CA LEU A 1168 10.71 12.24 16.89
C LEU A 1168 11.64 12.25 18.10
N ILE A 1169 12.96 12.26 17.88
CA ILE A 1169 13.91 12.17 19.03
C ILE A 1169 14.26 13.57 19.54
N GLY A 1170 14.21 14.60 18.69
CA GLY A 1170 14.59 15.95 19.08
C GLY A 1170 15.68 16.49 18.17
N ARG A 1171 15.58 17.76 17.76
CA ARG A 1171 16.50 18.33 16.79
C ARG A 1171 17.83 18.70 17.44
N PRO A 1172 18.98 18.65 16.70
CA PRO A 1172 20.33 18.94 17.26
C PRO A 1172 20.39 20.32 17.92
N VAL A 1173 21.39 20.53 18.78
CA VAL A 1173 21.53 21.83 19.52
C VAL A 1173 22.21 22.87 18.61
N MET A 1174 21.95 24.15 18.85
CA MET A 1174 22.64 25.21 18.06
C MET A 1174 23.93 25.61 18.81
N VAL A 1175 25.09 25.38 18.18
CA VAL A 1175 26.38 25.65 18.87
C VAL A 1175 26.69 27.15 18.83
N PRO A 1176 27.48 27.70 19.78
CA PRO A 1176 27.91 29.13 19.75
C PRO A 1176 28.84 29.36 18.57
N TYR A 1177 28.81 30.57 17.99
CA TYR A 1177 29.62 30.85 16.78
C TYR A 1177 31.10 30.55 17.04
N TRP A 1178 31.59 30.91 18.22
CA TRP A 1178 33.02 30.75 18.50
C TRP A 1178 33.44 29.28 18.55
N SER A 1179 32.48 28.38 18.76
CA SER A 1179 32.80 26.96 18.88
C SER A 1179 33.09 26.35 17.52
N LEU A 1180 32.83 27.08 16.42
CA LEU A 1180 33.14 26.59 15.09
C LEU A 1180 34.57 26.97 14.69
N GLY A 1181 35.29 27.71 15.53
CA GLY A 1181 36.70 27.97 15.26
C GLY A 1181 37.56 26.74 15.58
N PHE A 1182 38.88 26.85 15.39
CA PHE A 1182 39.83 25.77 15.63
C PHE A 1182 40.18 25.71 17.12
N GLN A 1183 40.53 24.51 17.63
CA GLN A 1183 40.68 24.28 19.07
C GLN A 1183 41.97 23.53 19.36
N LEU A 1184 42.56 23.76 20.54
CA LEU A 1184 43.79 23.11 20.97
C LEU A 1184 43.66 22.46 22.35
N CYS A 1185 44.07 21.19 22.44
CA CYS A 1185 43.99 20.44 23.72
C CYS A 1185 45.23 19.55 23.82
N ARG A 1186 45.66 19.21 25.03
CA ARG A 1186 46.81 18.29 25.18
C ARG A 1186 46.85 17.69 26.59
N TYR A 1187 46.77 16.37 26.69
CA TYR A 1187 46.94 15.73 28.01
C TYR A 1187 48.40 15.73 28.31
N GLY A 1188 48.79 16.31 29.44
CA GLY A 1188 50.19 16.33 29.89
C GLY A 1188 50.69 17.75 30.12
N TYR A 1189 49.80 18.73 30.09
CA TYR A 1189 50.21 20.13 30.39
C TYR A 1189 50.93 20.12 31.74
N GLU A 1190 52.25 20.31 31.71
CA GLU A 1190 53.05 20.26 32.97
C GLU A 1190 52.63 21.40 33.90
N ASN A 1191 52.83 22.65 33.47
CA ASN A 1191 52.53 23.80 34.33
C ASN A 1191 51.76 24.85 33.54
N ASP A 1192 51.12 25.82 34.21
CA ASP A 1192 50.29 26.82 33.56
C ASP A 1192 51.10 27.61 32.53
N SER A 1193 52.35 27.83 32.87
CA SER A 1193 53.19 28.77 32.14
C SER A 1193 53.48 28.15 30.78
N GLU A 1194 53.08 26.91 30.62
CA GLU A 1194 53.26 26.22 29.32
C GLU A 1194 52.07 26.57 28.42
N ILE A 1195 50.87 26.66 28.98
CA ILE A 1195 49.65 26.94 28.21
C ILE A 1195 49.81 28.39 27.78
N ALA A 1196 50.40 29.23 28.61
CA ALA A 1196 50.64 30.63 28.24
C ALA A 1196 51.62 30.70 27.07
N SER A 1197 52.67 29.86 27.10
CA SER A 1197 53.67 29.86 26.05
C SER A 1197 53.04 29.51 24.70
N LEU A 1198 52.21 28.46 24.67
CA LEU A 1198 51.53 28.05 23.44
C LEU A 1198 50.72 29.21 22.90
N TYR A 1199 49.87 29.81 23.72
CA TYR A 1199 49.01 30.94 23.26
C TYR A 1199 49.88 31.96 22.55
N GLU A 1200 50.96 32.41 23.20
CA GLU A 1200 51.79 33.46 22.62
C GLU A 1200 52.37 33.02 21.28
N ASP A 1201 52.95 31.81 21.23
CA ASP A 1201 53.60 31.32 20.02
C ASP A 1201 52.60 31.19 18.87
N MET A 1202 51.36 30.78 19.18
CA MET A 1202 50.36 30.59 18.14
C MET A 1202 50.07 31.92 17.46
N VAL A 1203 49.88 32.98 18.27
CA VAL A 1203 49.58 34.29 17.73
C VAL A 1203 50.77 34.75 16.87
N ALA A 1204 51.99 34.56 17.37
CA ALA A 1204 53.20 34.94 16.65
C ALA A 1204 53.16 34.40 15.23
N ALA A 1205 52.89 33.10 15.08
CA ALA A 1205 52.90 32.45 13.76
C ALA A 1205 51.58 32.70 13.03
N GLN A 1206 50.66 33.45 13.65
CA GLN A 1206 49.41 33.84 13.02
C GLN A 1206 48.60 32.60 12.60
N ILE A 1207 48.58 31.57 13.45
CA ILE A 1207 47.72 30.38 13.17
C ILE A 1207 46.38 30.62 13.88
N PRO A 1208 45.26 30.83 13.17
CA PRO A 1208 43.95 31.18 13.80
C PRO A 1208 43.43 30.07 14.70
N TYR A 1209 42.99 30.42 15.91
CA TYR A 1209 42.38 29.42 16.84
C TYR A 1209 41.45 30.17 17.80
N ASP A 1210 40.49 29.47 18.42
CA ASP A 1210 39.48 30.18 19.25
C ASP A 1210 39.35 29.56 20.65
N VAL A 1211 39.62 28.26 20.81
CA VAL A 1211 39.36 27.61 22.14
C VAL A 1211 40.62 26.94 22.68
N GLN A 1212 40.86 27.05 23.99
CA GLN A 1212 41.98 26.37 24.63
C GLN A 1212 41.44 25.49 25.76
N TYR A 1213 41.66 24.17 25.66
CA TYR A 1213 41.11 23.23 26.66
C TYR A 1213 42.09 23.02 27.80
N SER A 1214 41.61 22.42 28.90
CA SER A 1214 42.50 22.08 30.03
C SER A 1214 42.11 20.68 30.55
N ASP A 1215 43.06 19.74 30.56
CA ASP A 1215 42.72 18.34 30.94
C ASP A 1215 42.78 18.20 32.47
N ILE A 1216 42.78 16.97 32.99
CA ILE A 1216 42.74 16.74 34.47
C ILE A 1216 43.98 17.34 35.15
N ASP A 1217 44.96 17.81 34.37
CA ASP A 1217 46.22 18.37 34.94
C ASP A 1217 45.90 19.56 35.87
N TYR A 1218 44.89 20.36 35.53
CA TYR A 1218 44.58 21.58 36.33
C TYR A 1218 44.03 21.18 37.71
N MET A 1219 43.52 19.96 37.83
CA MET A 1219 42.90 19.51 39.11
C MET A 1219 43.98 18.85 39.99
N GLU A 1220 43.87 19.00 41.31
CA GLU A 1220 44.84 18.40 42.25
C GLU A 1220 44.59 16.88 42.34
N ARG A 1221 45.65 16.07 42.26
CA ARG A 1221 45.50 14.59 42.31
C ARG A 1221 44.25 14.19 41.51
N GLN A 1222 44.01 14.84 40.38
CA GLN A 1222 42.88 14.49 39.53
C GLN A 1222 41.55 14.47 40.29
N LEU A 1223 41.41 15.29 41.33
CA LEU A 1223 40.14 15.38 42.06
C LEU A 1223 39.27 16.48 41.46
N ASP A 1224 37.98 16.20 41.22
CA ASP A 1224 37.06 17.15 40.63
C ASP A 1224 36.78 18.31 41.58
N PHE A 1225 36.63 19.51 41.00
CA PHE A 1225 36.30 20.75 41.69
C PHE A 1225 37.46 21.18 42.60
N THR A 1226 38.71 20.94 42.17
CA THR A 1226 39.89 21.43 42.87
C THR A 1226 40.86 22.06 41.87
N LEU A 1227 41.85 22.82 42.39
CA LEU A 1227 42.84 23.50 41.55
C LEU A 1227 44.24 23.14 42.06
N SER A 1228 45.08 22.60 41.15
CA SER A 1228 46.43 22.17 41.44
C SER A 1228 47.34 23.36 41.71
N PRO A 1229 48.29 23.29 42.69
CA PRO A 1229 49.26 24.40 42.95
C PRO A 1229 50.04 24.75 41.69
N LYS A 1230 50.29 23.76 40.83
CA LYS A 1230 51.05 24.01 39.57
C LYS A 1230 50.27 24.97 38.67
N PHE A 1231 48.94 24.99 38.79
CA PHE A 1231 48.09 25.86 37.94
C PHE A 1231 47.48 26.96 38.82
N ASP A 1232 48.29 27.53 39.71
CA ASP A 1232 47.80 28.62 40.61
C ASP A 1232 47.49 29.87 39.78
N GLY A 1233 48.28 30.14 38.73
CA GLY A 1233 48.07 31.34 37.91
C GLY A 1233 47.03 31.11 36.82
N PHE A 1234 46.56 29.88 36.67
CA PHE A 1234 45.55 29.53 35.64
C PHE A 1234 44.44 30.61 35.63
N PRO A 1235 43.74 30.90 36.75
CA PRO A 1235 42.64 31.86 36.72
C PRO A 1235 42.97 33.21 36.07
N ALA A 1236 44.14 33.77 36.41
CA ALA A 1236 44.60 35.00 35.79
C ALA A 1236 44.79 34.82 34.27
N LEU A 1237 45.39 33.70 33.87
CA LEU A 1237 45.62 33.43 32.46
C LEU A 1237 44.30 33.36 31.70
N ILE A 1238 43.31 32.68 32.28
CA ILE A 1238 42.00 32.58 31.65
C ILE A 1238 41.48 33.98 31.36
N ASN A 1239 41.58 34.89 32.33
CA ASN A 1239 41.01 36.22 32.21
C ASN A 1239 41.70 37.01 31.10
N ARG A 1240 43.02 36.89 31.03
CA ARG A 1240 43.81 37.57 30.02
C ARG A 1240 43.45 37.07 28.61
N MET A 1241 43.38 35.74 28.43
CA MET A 1241 43.04 35.16 27.14
C MET A 1241 41.64 35.59 26.72
N LYS A 1242 40.71 35.63 27.68
CA LYS A 1242 39.33 35.95 27.37
C LYS A 1242 39.21 37.40 26.93
N ALA A 1243 40.02 38.28 27.55
CA ALA A 1243 40.05 39.68 27.17
C ALA A 1243 40.43 39.85 25.69
N ASN A 1244 41.18 38.89 25.13
CA ASN A 1244 41.61 38.95 23.75
C ASN A 1244 40.69 38.13 22.83
N GLY A 1245 39.58 37.64 23.38
CA GLY A 1245 38.59 36.91 22.55
C GLY A 1245 38.73 35.41 22.55
N MET A 1246 39.64 34.87 23.36
CA MET A 1246 39.80 33.39 23.46
C MET A 1246 38.73 32.83 24.42
N ARG A 1247 38.47 31.53 24.34
CA ARG A 1247 37.43 30.89 25.17
C ARG A 1247 38.07 29.67 25.84
N VAL A 1248 37.55 29.21 26.96
CA VAL A 1248 38.14 28.10 27.71
C VAL A 1248 37.09 27.04 28.03
N ILE A 1249 37.44 25.77 27.79
CA ILE A 1249 36.60 24.64 28.16
C ILE A 1249 37.36 23.79 29.17
N LEU A 1250 36.67 23.34 30.23
CA LEU A 1250 37.26 22.50 31.27
C LEU A 1250 36.67 21.09 31.26
N ILE A 1251 37.47 20.09 31.65
CA ILE A 1251 37.02 18.70 31.69
C ILE A 1251 36.50 18.37 33.10
N LEU A 1252 35.39 17.61 33.18
CA LEU A 1252 34.85 17.11 34.45
C LEU A 1252 34.62 15.59 34.39
N ASP A 1253 35.06 14.85 35.40
CA ASP A 1253 34.71 13.43 35.51
C ASP A 1253 33.59 13.23 36.54
N PRO A 1254 32.77 12.15 36.43
CA PRO A 1254 31.60 12.00 37.29
C PRO A 1254 31.89 11.41 38.67
N ALA A 1255 32.97 10.63 38.80
CA ALA A 1255 33.24 9.88 40.03
C ALA A 1255 33.91 10.76 41.07
N ILE A 1256 33.45 10.63 42.33
CA ILE A 1256 33.88 11.50 43.41
C ILE A 1256 34.64 10.67 44.45
N SER A 1257 35.84 11.13 44.84
CA SER A 1257 36.69 10.40 45.77
C SER A 1257 36.13 10.43 47.19
N GLY A 1258 36.31 9.31 47.89
CA GLY A 1258 35.90 9.17 49.28
C GLY A 1258 37.09 9.08 50.24
N ASN A 1259 38.32 9.31 49.77
CA ASN A 1259 39.48 9.11 50.63
C ASN A 1259 40.25 10.40 50.92
N GLU A 1260 39.54 11.55 51.04
CA GLU A 1260 40.18 12.82 51.32
C GLU A 1260 40.28 13.05 52.83
N THR A 1261 41.47 13.51 53.28
CA THR A 1261 41.76 13.73 54.70
C THR A 1261 41.40 15.16 55.10
N LYS A 1262 41.62 16.12 54.19
CA LYS A 1262 41.30 17.52 54.43
C LYS A 1262 39.91 17.81 53.85
N PRO A 1263 39.26 18.96 54.17
CA PRO A 1263 37.86 19.25 53.71
C PRO A 1263 37.68 19.00 52.22
N TYR A 1264 36.67 18.20 51.86
CA TYR A 1264 36.34 17.96 50.43
C TYR A 1264 34.84 18.13 50.28
N PRO A 1265 34.31 19.36 50.14
CA PRO A 1265 32.84 19.62 50.08
C PRO A 1265 32.11 18.64 49.16
N PRO A 1266 32.51 18.43 47.88
CA PRO A 1266 31.75 17.57 46.93
C PRO A 1266 31.28 16.28 47.60
N PHE A 1267 32.22 15.48 48.10
CA PHE A 1267 31.85 14.17 48.69
C PHE A 1267 31.04 14.36 49.96
N THR A 1268 31.47 15.28 50.84
CA THR A 1268 30.76 15.48 52.12
C THR A 1268 29.32 15.83 51.86
N ARG A 1269 29.06 16.85 51.03
CA ARG A 1269 27.66 17.28 50.77
C ARG A 1269 26.92 16.18 50.01
N GLY A 1270 27.62 15.44 49.16
CA GLY A 1270 26.98 14.35 48.39
C GLY A 1270 26.42 13.30 49.31
N VAL A 1271 27.18 12.91 50.33
CA VAL A 1271 26.70 11.89 51.32
C VAL A 1271 25.49 12.46 52.07
N GLU A 1272 25.57 13.72 52.49
CA GLU A 1272 24.45 14.37 53.23
C GLU A 1272 23.19 14.38 52.35
N ASP A 1273 23.34 14.67 51.06
CA ASP A 1273 22.17 14.75 50.14
C ASP A 1273 21.90 13.36 49.54
N ASP A 1274 22.72 12.36 49.88
CA ASP A 1274 22.51 10.97 49.38
C ASP A 1274 22.37 11.01 47.85
N VAL A 1275 23.46 11.36 47.16
CA VAL A 1275 23.39 11.49 45.67
C VAL A 1275 24.16 10.34 45.01
N PHE A 1276 24.77 9.45 45.80
CA PHE A 1276 25.63 8.37 45.22
C PHE A 1276 24.83 7.10 45.02
N ILE A 1277 25.29 6.23 44.11
CA ILE A 1277 24.59 4.93 43.84
C ILE A 1277 24.96 3.93 44.93
N LYS A 1278 23.97 3.26 45.52
CA LYS A 1278 24.23 2.30 46.63
C LYS A 1278 23.63 0.93 46.27
N TYR A 1279 23.92 -0.10 47.08
CA TYR A 1279 23.42 -1.47 46.78
C TYR A 1279 21.89 -1.49 46.95
N PRO A 1280 21.14 -2.46 46.35
CA PRO A 1280 19.65 -2.47 46.41
C PRO A 1280 19.13 -2.01 47.77
N ASN A 1281 19.33 -2.82 48.80
CA ASN A 1281 18.78 -2.47 50.15
C ASN A 1281 19.92 -2.34 51.17
N ASP A 1282 20.98 -3.12 51.01
CA ASP A 1282 22.13 -3.06 51.95
C ASP A 1282 22.41 -1.60 52.33
N GLY A 1283 22.40 -0.71 51.33
CA GLY A 1283 22.60 0.74 51.61
C GLY A 1283 24.06 1.13 51.60
N SER A 1284 24.96 0.19 51.26
CA SER A 1284 26.41 0.51 51.17
C SER A 1284 26.73 1.11 49.79
N ILE A 1285 27.66 2.05 49.73
CA ILE A 1285 28.00 2.73 48.44
C ILE A 1285 28.83 1.77 47.58
N VAL A 1286 28.47 1.64 46.30
CA VAL A 1286 29.21 0.78 45.38
C VAL A 1286 30.50 1.52 45.01
N TRP A 1287 31.66 1.04 45.49
CA TRP A 1287 32.92 1.78 45.27
C TRP A 1287 33.61 1.33 43.98
N GLY A 1288 34.49 2.18 43.43
CA GLY A 1288 35.24 1.85 42.21
C GLY A 1288 36.57 2.57 42.21
N LYS A 1289 37.36 2.41 41.15
CA LYS A 1289 38.67 3.11 41.04
C LYS A 1289 38.83 3.70 39.63
N VAL A 1290 38.93 5.03 39.52
CA VAL A 1290 39.14 5.68 38.19
C VAL A 1290 40.47 6.44 38.23
N TRP A 1291 40.43 7.79 38.26
CA TRP A 1291 41.67 8.60 38.21
C TRP A 1291 42.07 9.14 39.59
N PRO A 1292 41.17 9.73 40.41
CA PRO A 1292 41.56 10.36 41.71
C PRO A 1292 42.56 9.49 42.46
N ASP A 1293 43.62 10.11 43.01
CA ASP A 1293 44.67 9.34 43.72
C ASP A 1293 44.53 9.48 45.24
N PHE A 1294 45.31 8.71 46.00
CA PHE A 1294 45.25 8.77 47.49
C PHE A 1294 46.07 9.94 48.00
N PRO A 1295 45.65 10.64 49.08
CA PRO A 1295 46.46 11.69 49.67
C PRO A 1295 47.67 11.12 50.40
N ASP A 1296 48.77 11.89 50.43
CA ASP A 1296 49.93 11.65 51.31
C ASP A 1296 50.71 10.40 50.89
N ILE A 1297 50.67 10.04 49.60
CA ILE A 1297 51.48 8.95 49.09
C ILE A 1297 52.39 9.50 47.99
N PHE A 1298 53.43 8.75 47.63
CA PHE A 1298 54.29 9.16 46.48
C PHE A 1298 53.96 8.24 45.31
N VAL A 1299 53.75 8.80 44.12
CA VAL A 1299 53.36 7.97 42.94
C VAL A 1299 54.60 7.71 42.07
N ASN A 1300 54.97 6.44 41.90
CA ASN A 1300 56.13 6.08 41.03
C ASN A 1300 55.56 5.68 39.66
N SER A 1301 55.89 6.44 38.62
CA SER A 1301 55.36 6.15 37.26
C SER A 1301 55.85 4.79 36.77
N SER A 1302 57.04 4.37 37.21
CA SER A 1302 57.62 3.08 36.73
C SER A 1302 56.65 1.93 37.02
N LEU A 1303 55.96 1.99 38.16
CA LEU A 1303 55.01 0.90 38.56
C LEU A 1303 54.08 0.57 37.38
N ASP A 1304 53.83 -0.71 37.13
CA ASP A 1304 52.92 -1.13 36.04
C ASP A 1304 51.51 -0.60 36.31
N TRP A 1305 50.73 -0.36 35.26
CA TRP A 1305 49.34 0.13 35.42
C TRP A 1305 48.63 -0.70 36.50
N ASP A 1306 48.71 -2.02 36.40
CA ASP A 1306 48.02 -2.88 37.35
C ASP A 1306 48.41 -2.53 38.79
N SER A 1307 49.70 -2.24 39.02
CA SER A 1307 50.21 -1.92 40.34
C SER A 1307 49.67 -0.57 40.80
N GLN A 1308 49.53 0.38 39.87
CA GLN A 1308 49.06 1.73 40.23
C GLN A 1308 47.59 1.65 40.66
N VAL A 1309 46.78 0.86 39.94
CA VAL A 1309 45.36 0.76 40.25
C VAL A 1309 45.19 0.15 41.64
N GLU A 1310 46.12 -0.73 42.04
CA GLU A 1310 46.01 -1.45 43.29
C GLU A 1310 46.61 -0.67 44.47
N GLN A 1311 47.53 0.28 44.20
CA GLN A 1311 48.28 0.91 45.27
C GLN A 1311 48.07 2.42 45.38
N TYR A 1312 47.90 3.09 44.22
CA TYR A 1312 47.84 4.57 44.20
C TYR A 1312 46.46 5.10 43.95
N ARG A 1313 45.57 4.34 43.32
CA ARG A 1313 44.25 4.88 42.95
C ARG A 1313 43.31 4.84 44.15
N ALA A 1314 42.43 5.84 44.29
CA ALA A 1314 41.56 5.96 45.47
C ALA A 1314 40.18 5.37 45.23
N TYR A 1315 39.38 5.33 46.29
CA TYR A 1315 38.06 4.75 46.15
C TYR A 1315 37.10 5.85 45.77
N VAL A 1316 36.23 5.63 44.77
CA VAL A 1316 35.38 6.69 44.24
C VAL A 1316 33.93 6.23 44.24
N ALA A 1317 33.00 7.18 44.44
CA ALA A 1317 31.56 6.94 44.39
C ALA A 1317 30.94 7.59 43.15
N PHE A 1318 29.92 6.95 42.55
CA PHE A 1318 29.30 7.40 41.33
C PHE A 1318 27.95 8.01 41.61
N PRO A 1319 27.71 9.29 41.25
CA PRO A 1319 26.41 9.92 41.44
C PRO A 1319 25.27 9.31 40.60
N ASP A 1320 24.05 9.30 41.14
CA ASP A 1320 22.88 8.90 40.39
C ASP A 1320 22.18 10.11 39.79
N PHE A 1321 22.38 10.37 38.48
CA PHE A 1321 21.94 11.62 37.87
C PHE A 1321 20.45 11.59 37.48
N PHE A 1322 19.74 10.48 37.74
CA PHE A 1322 18.30 10.45 37.50
C PHE A 1322 17.55 11.14 38.64
N ARG A 1323 18.22 11.25 39.81
CA ARG A 1323 17.61 11.64 41.08
C ARG A 1323 17.58 13.16 41.20
N ASN A 1324 16.54 13.71 41.86
CA ASN A 1324 16.39 15.15 42.03
C ASN A 1324 17.48 15.72 42.93
N SER A 1325 17.83 14.99 44.00
CA SER A 1325 18.84 15.42 44.94
C SER A 1325 20.21 15.54 44.26
N THR A 1326 20.53 14.58 43.37
CA THR A 1326 21.80 14.57 42.66
C THR A 1326 21.86 15.80 41.76
N ILE A 1327 20.74 16.14 41.14
CA ILE A 1327 20.73 17.24 40.19
C ILE A 1327 21.04 18.53 40.93
N THR A 1328 20.43 18.74 42.10
CA THR A 1328 20.66 19.95 42.89
C THR A 1328 22.14 20.04 43.32
N TRP A 1329 22.68 18.92 43.82
CA TRP A 1329 24.10 18.90 44.28
C TRP A 1329 25.03 19.23 43.11
N TRP A 1330 24.85 18.56 41.96
CA TRP A 1330 25.76 18.75 40.80
C TRP A 1330 25.77 20.21 40.35
N LYS A 1331 24.58 20.81 40.15
CA LYS A 1331 24.51 22.20 39.64
C LYS A 1331 25.22 23.14 40.62
N ARG A 1332 24.98 22.97 41.93
CA ARG A 1332 25.60 23.86 42.94
C ARG A 1332 27.13 23.77 42.85
N GLU A 1333 27.67 22.56 42.69
CA GLU A 1333 29.14 22.38 42.63
C GLU A 1333 29.71 23.17 41.43
N LEU A 1334 29.06 23.08 40.26
CA LEU A 1334 29.56 23.78 39.05
C LEU A 1334 29.44 25.30 39.25
N ARG A 1335 28.37 25.73 39.93
CA ARG A 1335 28.18 27.19 40.20
C ARG A 1335 29.36 27.69 41.07
N GLU A 1336 29.73 26.92 42.08
CA GLU A 1336 30.85 27.31 42.98
C GLU A 1336 32.19 27.27 42.22
N LEU A 1337 32.29 26.41 41.20
CA LEU A 1337 33.52 26.35 40.37
C LEU A 1337 33.69 27.67 39.62
N TYR A 1338 32.59 28.20 39.04
CA TYR A 1338 32.66 29.46 38.26
C TYR A 1338 32.92 30.62 39.20
N THR A 1339 32.24 30.64 40.35
CA THR A 1339 32.43 31.71 41.36
C THR A 1339 32.87 31.06 42.65
N ASN A 1340 34.17 31.00 42.90
CA ASN A 1340 34.68 30.30 44.10
C ASN A 1340 34.26 31.08 45.36
N PRO A 1341 33.49 30.46 46.28
CA PRO A 1341 33.02 31.13 47.53
C PRO A 1341 34.18 31.33 48.49
N GLN A 1342 35.08 30.34 48.60
CA GLN A 1342 36.21 30.43 49.55
C GLN A 1342 37.14 31.58 49.13
N ASP A 1343 37.49 31.64 47.84
CA ASP A 1343 38.40 32.71 47.34
C ASP A 1343 38.01 33.08 45.90
N PRO A 1344 37.49 34.29 45.65
CA PRO A 1344 37.11 34.76 44.28
C PRO A 1344 38.33 34.72 43.36
N GLU A 1345 39.53 34.76 43.94
CA GLU A 1345 40.78 34.74 43.12
C GLU A 1345 40.93 33.37 42.45
N LYS A 1346 40.37 32.32 43.04
CA LYS A 1346 40.53 30.94 42.49
C LYS A 1346 39.37 30.63 41.52
N SER A 1347 38.50 31.61 41.27
CA SER A 1347 37.33 31.37 40.38
C SER A 1347 37.80 31.10 38.94
N LEU A 1348 37.25 30.06 38.31
CA LEU A 1348 37.61 29.72 36.90
C LEU A 1348 36.43 30.12 36.00
N LYS A 1349 36.63 31.10 35.11
CA LYS A 1349 35.53 31.59 34.25
C LYS A 1349 35.49 30.78 32.95
N PHE A 1350 34.89 29.59 32.99
CA PHE A 1350 34.83 28.72 31.82
C PHE A 1350 33.68 29.14 30.90
N ASP A 1351 33.70 28.65 29.66
CA ASP A 1351 32.69 28.95 28.64
C ASP A 1351 31.91 27.72 28.21
N GLY A 1352 32.44 26.52 28.47
CA GLY A 1352 31.72 25.28 28.26
C GLY A 1352 32.31 24.16 29.08
N MET A 1353 31.75 22.94 28.92
CA MET A 1353 32.13 21.78 29.72
C MET A 1353 32.32 20.55 28.85
N TRP A 1354 33.35 19.79 29.21
CA TRP A 1354 33.67 18.51 28.59
C TRP A 1354 33.47 17.38 29.60
N ILE A 1355 32.40 16.59 29.46
CA ILE A 1355 32.10 15.57 30.45
C ILE A 1355 32.57 14.23 29.91
N ASP A 1356 33.62 13.65 30.52
CA ASP A 1356 34.25 12.43 30.02
C ASP A 1356 34.09 11.27 31.00
N MET A 1357 34.54 10.07 30.61
CA MET A 1357 34.41 8.86 31.48
C MET A 1357 32.97 8.74 31.99
N ASN A 1358 31.98 8.92 31.11
CA ASN A 1358 30.56 8.89 31.52
C ASN A 1358 29.89 7.62 31.03
N GLU A 1359 30.63 6.51 30.93
CA GLU A 1359 30.06 5.25 30.37
C GLU A 1359 29.00 4.66 31.33
N PRO A 1360 29.31 4.25 32.59
CA PRO A 1360 30.47 4.74 33.41
C PRO A 1360 31.67 3.83 33.24
N SER A 1361 32.86 4.33 33.59
CA SER A 1361 34.10 3.53 33.37
C SER A 1361 34.89 3.35 34.67
N SER A 1362 35.37 2.13 34.93
CA SER A 1362 36.21 1.86 36.13
C SER A 1362 37.42 1.00 35.71
N PHE A 1363 38.48 0.99 36.51
CA PHE A 1363 39.67 0.16 36.21
C PHE A 1363 39.60 -1.12 37.04
N VAL A 1364 38.47 -1.33 37.73
CA VAL A 1364 38.26 -2.58 38.52
C VAL A 1364 36.87 -3.12 38.15
N ASN A 1365 36.80 -4.38 37.70
CA ASN A 1365 35.49 -4.96 37.26
C ASN A 1365 34.49 -4.92 38.42
N GLY A 1366 33.25 -4.54 38.14
CA GLY A 1366 32.22 -4.43 39.21
C GLY A 1366 32.65 -3.44 40.27
N ALA A 1367 32.54 -3.81 41.54
CA ALA A 1367 32.97 -2.93 42.64
C ALA A 1367 34.39 -3.29 43.09
N VAL A 1368 34.95 -2.52 44.02
CA VAL A 1368 36.33 -2.80 44.53
C VAL A 1368 36.35 -4.17 45.23
N SER A 1369 37.53 -4.74 45.44
CA SER A 1369 37.63 -6.10 46.04
C SER A 1369 37.26 -6.04 47.54
N PRO A 1370 36.12 -6.63 47.97
CA PRO A 1370 35.81 -8.08 47.77
C PRO A 1370 35.38 -8.37 46.34
N GLY A 1371 34.30 -7.72 45.89
CA GLY A 1371 33.81 -7.93 44.50
C GLY A 1371 32.33 -7.57 44.40
N CYS A 1372 31.66 -8.05 43.34
CA CYS A 1372 30.21 -7.78 43.17
C CYS A 1372 29.40 -8.80 43.98
N ARG A 1373 28.07 -8.82 43.83
CA ARG A 1373 27.23 -9.72 44.65
C ARG A 1373 26.37 -10.62 43.74
N ASP A 1374 25.35 -10.05 43.08
CA ASP A 1374 24.43 -10.87 42.26
C ASP A 1374 25.06 -11.23 40.92
N SER A 1375 25.51 -12.48 40.76
CA SER A 1375 26.12 -12.93 39.49
C SER A 1375 25.02 -13.14 38.44
N SER A 1376 23.81 -13.43 38.88
CA SER A 1376 22.66 -13.64 37.96
C SER A 1376 22.60 -12.50 36.93
N LEU A 1377 22.78 -11.26 37.40
CA LEU A 1377 22.78 -10.09 36.47
C LEU A 1377 24.17 -9.91 35.85
N ASN A 1378 25.24 -10.13 36.64
CA ASN A 1378 26.62 -9.88 36.14
C ASN A 1378 26.94 -10.84 35.00
N HIS A 1379 26.76 -12.16 35.19
CA HIS A 1379 26.98 -13.12 34.08
C HIS A 1379 25.59 -13.67 33.79
N PRO A 1380 24.81 -13.06 32.87
CA PRO A 1380 23.40 -13.41 32.66
C PRO A 1380 23.22 -14.71 31.89
N PRO A 1381 21.98 -15.24 31.81
CA PRO A 1381 21.72 -16.44 31.01
C PRO A 1381 22.25 -16.36 29.58
N TYR A 1382 21.94 -15.26 28.87
CA TYR A 1382 22.50 -15.01 27.54
C TYR A 1382 23.44 -13.80 27.63
N MET A 1383 24.70 -14.02 27.30
CA MET A 1383 25.66 -12.90 27.31
C MET A 1383 25.81 -12.41 25.89
N PRO A 1384 25.40 -11.18 25.58
CA PRO A 1384 25.46 -10.67 24.22
C PRO A 1384 26.87 -10.77 23.71
N TYR A 1385 27.10 -10.55 22.42
CA TYR A 1385 28.46 -10.72 21.84
C TYR A 1385 29.26 -9.47 22.03
N LEU A 1386 29.73 -9.24 23.26
CA LEU A 1386 30.49 -8.01 23.57
C LEU A 1386 31.96 -8.39 23.77
N GLU A 1387 32.79 -7.48 24.27
CA GLU A 1387 34.24 -7.75 24.46
C GLU A 1387 34.42 -8.46 25.80
N SER A 1388 35.49 -9.25 25.97
CA SER A 1388 35.61 -10.04 27.21
C SER A 1388 34.29 -10.75 27.46
N ARG A 1389 33.81 -11.55 26.50
CA ARG A 1389 32.44 -12.13 26.61
C ARG A 1389 32.41 -13.13 27.76
N ASN A 1390 33.56 -13.50 28.27
CA ASN A 1390 33.60 -14.42 29.41
C ASN A 1390 33.71 -13.69 30.75
N SER A 1391 33.96 -12.37 30.75
CA SER A 1391 34.09 -11.61 31.99
C SER A 1391 32.75 -11.04 32.47
N GLY A 1392 31.73 -10.98 31.60
CA GLY A 1392 30.40 -10.57 32.04
C GLY A 1392 30.10 -9.09 31.79
N LEU A 1393 28.93 -8.63 32.25
CA LEU A 1393 28.48 -7.27 31.99
C LEU A 1393 29.25 -6.25 32.85
N SER A 1394 29.80 -6.68 33.99
CA SER A 1394 30.37 -5.77 34.97
C SER A 1394 31.82 -5.45 34.65
N SER A 1395 32.32 -5.92 33.52
CA SER A 1395 33.75 -5.72 33.17
C SER A 1395 34.03 -4.24 32.91
N LYS A 1396 34.91 -3.65 33.70
CA LYS A 1396 35.28 -2.23 33.55
C LYS A 1396 34.03 -1.38 33.71
N THR A 1397 33.24 -1.61 34.75
CA THR A 1397 32.08 -0.76 35.03
C THR A 1397 31.51 -1.13 36.37
N LEU A 1398 30.41 -0.52 36.77
CA LEU A 1398 29.74 -0.81 38.03
C LEU A 1398 29.07 -2.18 38.01
N CYS A 1399 28.66 -2.65 39.20
CA CYS A 1399 27.82 -3.82 39.35
C CYS A 1399 26.44 -3.55 38.78
N MET A 1400 25.86 -4.60 38.20
CA MET A 1400 24.59 -4.50 37.52
C MET A 1400 23.47 -4.40 38.56
N GLU A 1401 23.75 -4.75 39.82
CA GLU A 1401 22.76 -4.72 40.89
C GLU A 1401 22.66 -3.33 41.55
N GLY A 1402 23.63 -2.44 41.31
CA GLY A 1402 23.52 -1.07 41.78
C GLY A 1402 22.11 -0.51 41.53
N GLU A 1403 21.56 0.24 42.49
CA GLU A 1403 20.21 0.76 42.36
C GLU A 1403 20.21 2.24 41.97
N GLN A 1404 19.30 2.63 41.06
CA GLN A 1404 19.08 4.03 40.68
C GLN A 1404 17.61 4.40 40.82
N ILE A 1405 17.34 5.70 40.90
CA ILE A 1405 16.00 6.19 41.23
C ILE A 1405 15.57 7.22 40.18
N LEU A 1406 14.45 6.93 39.52
CA LEU A 1406 13.93 7.79 38.48
C LEU A 1406 13.32 9.04 39.11
N PRO A 1407 13.03 10.12 38.34
CA PRO A 1407 12.52 11.36 38.93
C PRO A 1407 11.22 11.18 39.70
N ASP A 1408 10.37 10.26 39.21
CA ASP A 1408 9.07 9.99 39.81
C ASP A 1408 9.22 9.13 41.08
N GLY A 1409 10.43 8.69 41.42
CA GLY A 1409 10.67 7.95 42.65
C GLY A 1409 10.81 6.43 42.44
N SER A 1410 10.53 5.92 41.23
CA SER A 1410 10.59 4.48 40.99
C SER A 1410 12.04 3.98 41.02
N ARG A 1411 12.25 2.77 41.54
CA ARG A 1411 13.59 2.18 41.64
C ARG A 1411 13.87 1.30 40.41
N VAL A 1412 15.09 1.41 39.87
CA VAL A 1412 15.53 0.65 38.71
C VAL A 1412 16.93 0.09 38.99
N ARG A 1413 17.36 -0.90 38.21
CA ARG A 1413 18.68 -1.50 38.39
C ARG A 1413 19.64 -0.93 37.36
N HIS A 1414 20.91 -0.84 37.72
CA HIS A 1414 21.91 -0.39 36.78
C HIS A 1414 21.88 -1.30 35.55
N TYR A 1415 21.47 -2.56 35.72
CA TYR A 1415 21.35 -3.52 34.63
C TYR A 1415 20.43 -3.00 33.52
N ASP A 1416 19.40 -2.21 33.85
CA ASP A 1416 18.48 -1.74 32.83
C ASP A 1416 18.88 -0.39 32.24
N VAL A 1417 19.53 0.47 33.03
CA VAL A 1417 19.74 1.86 32.65
C VAL A 1417 21.23 2.15 32.45
N HIS A 1418 22.08 1.12 32.42
CA HIS A 1418 23.51 1.34 32.26
C HIS A 1418 23.84 2.22 31.06
N SER A 1419 23.26 1.91 29.90
CA SER A 1419 23.56 2.65 28.68
C SER A 1419 22.91 4.04 28.68
N LEU A 1420 22.16 4.40 29.70
CA LEU A 1420 21.57 5.75 29.69
C LEU A 1420 22.20 6.59 30.80
N TYR A 1421 23.48 6.38 31.10
CA TYR A 1421 24.14 7.10 32.22
C TYR A 1421 24.72 8.38 31.75
N GLY A 1422 25.42 8.36 30.64
CA GLY A 1422 25.92 9.61 30.07
C GLY A 1422 24.77 10.48 29.66
N TRP A 1423 23.75 9.89 29.03
CA TRP A 1423 22.55 10.66 28.61
C TRP A 1423 21.90 11.32 29.82
N SER A 1424 21.98 10.71 31.01
CA SER A 1424 21.30 11.23 32.17
C SER A 1424 22.06 12.42 32.77
N GLN A 1425 23.38 12.48 32.56
CA GLN A 1425 24.20 13.56 33.08
C GLN A 1425 24.15 14.80 32.19
N THR A 1426 23.88 14.61 30.89
CA THR A 1426 24.07 15.62 29.85
C THR A 1426 23.15 16.82 30.08
N ARG A 1427 21.87 16.60 30.34
CA ARG A 1427 20.94 17.73 30.37
C ARG A 1427 21.15 18.60 31.62
N PRO A 1428 21.24 18.04 32.85
CA PRO A 1428 21.57 18.88 34.00
C PRO A 1428 22.80 19.74 33.77
N THR A 1429 23.84 19.18 33.14
CA THR A 1429 25.09 19.90 32.95
C THR A 1429 24.81 21.07 32.01
N TYR A 1430 24.02 20.82 30.98
CA TYR A 1430 23.73 21.86 30.00
C TYR A 1430 23.02 23.03 30.67
N GLU A 1431 22.06 22.74 31.56
CA GLU A 1431 21.25 23.76 32.19
C GLU A 1431 22.08 24.65 33.12
N VAL A 1432 22.95 24.05 33.93
CA VAL A 1432 23.74 24.82 34.88
C VAL A 1432 24.75 25.73 34.17
N VAL A 1433 25.32 25.30 33.05
CA VAL A 1433 26.32 26.09 32.35
C VAL A 1433 25.62 27.33 31.77
N GLN A 1434 24.41 27.18 31.24
CA GLN A 1434 23.68 28.30 30.69
C GLN A 1434 23.26 29.27 31.79
N GLU A 1435 23.29 28.81 33.05
CA GLU A 1435 22.84 29.66 34.18
C GLU A 1435 24.03 30.48 34.71
N VAL A 1436 25.19 29.86 34.87
CA VAL A 1436 26.32 30.55 35.48
C VAL A 1436 26.96 31.51 34.46
N THR A 1437 26.93 31.18 33.16
CA THR A 1437 27.63 31.96 32.16
C THR A 1437 26.69 32.97 31.50
N GLY A 1438 25.38 32.69 31.55
CA GLY A 1438 24.38 33.56 30.96
C GLY A 1438 24.36 33.51 29.43
N GLU A 1439 25.18 32.65 28.82
CA GLU A 1439 25.22 32.50 27.35
C GLU A 1439 24.90 31.06 26.95
N ARG A 1440 24.83 30.75 25.64
CA ARG A 1440 24.44 29.41 25.14
C ARG A 1440 25.31 28.30 25.74
N GLY A 1441 26.63 28.41 25.65
CA GLY A 1441 27.53 27.37 26.17
C GLY A 1441 27.58 26.16 25.28
N ILE A 1442 28.58 25.29 25.48
CA ILE A 1442 28.67 24.05 24.71
C ILE A 1442 28.96 22.90 25.68
N ILE A 1443 28.27 21.76 25.52
CA ILE A 1443 28.62 20.53 26.23
C ILE A 1443 29.19 19.54 25.22
N ILE A 1444 30.27 18.85 25.58
CA ILE A 1444 30.77 17.73 24.77
C ILE A 1444 30.78 16.46 25.61
N SER A 1445 30.12 15.41 25.12
CA SER A 1445 29.92 14.19 25.87
C SER A 1445 30.60 13.02 25.17
N ARG A 1446 31.14 12.08 25.95
CA ARG A 1446 31.74 10.89 25.38
C ARG A 1446 30.67 9.85 25.10
N SER A 1447 29.78 9.60 26.07
CA SER A 1447 28.74 8.54 25.91
C SER A 1447 27.44 9.18 25.42
N THR A 1448 26.83 8.61 24.37
CA THR A 1448 25.63 9.22 23.78
C THR A 1448 24.55 8.20 23.57
N TYR A 1449 23.28 8.62 23.60
CA TYR A 1449 22.14 7.71 23.33
C TYR A 1449 21.13 8.51 22.51
N PRO A 1450 20.29 7.91 21.63
CA PRO A 1450 19.23 8.66 20.90
C PRO A 1450 18.69 9.80 21.76
N SER A 1451 18.70 11.04 21.24
CA SER A 1451 18.19 12.25 21.95
C SER A 1451 19.28 12.91 22.81
N SER A 1452 20.55 12.54 22.62
CA SER A 1452 21.65 13.22 23.34
C SER A 1452 22.11 14.44 22.54
N GLY A 1453 21.94 14.40 21.22
CA GLY A 1453 22.37 15.52 20.36
C GLY A 1453 21.55 16.76 20.60
N ARG A 1454 20.47 16.63 21.37
CA ARG A 1454 19.58 17.79 21.66
C ARG A 1454 20.33 18.82 22.51
N TRP A 1455 21.29 18.39 23.34
CA TRP A 1455 21.95 19.35 24.26
C TRP A 1455 23.47 19.27 24.17
N SER A 1456 24.03 18.39 23.34
CA SER A 1456 25.51 18.26 23.36
C SER A 1456 26.10 17.69 22.07
N GLY A 1457 27.39 17.97 21.82
CA GLY A 1457 28.10 17.39 20.69
C GLY A 1457 28.84 16.15 21.15
N HIS A 1458 29.66 15.57 20.29
CA HIS A 1458 30.38 14.32 20.62
C HIS A 1458 31.65 14.25 19.79
N TRP A 1459 32.70 13.72 20.37
CA TRP A 1459 33.90 13.51 19.57
C TRP A 1459 34.15 12.03 19.44
N LEU A 1460 34.82 11.65 18.34
CA LEU A 1460 34.90 10.25 17.96
C LEU A 1460 35.93 9.47 18.79
N GLY A 1461 36.37 10.01 19.92
CA GLY A 1461 37.10 9.23 20.91
C GLY A 1461 38.61 9.14 20.60
N ASP A 1462 39.25 8.15 21.26
CA ASP A 1462 40.70 7.98 21.28
C ASP A 1462 41.17 7.21 20.05
N ASN A 1463 41.50 7.94 18.98
CA ASN A 1463 42.09 7.36 17.78
C ASN A 1463 43.60 7.16 18.00
N THR A 1464 44.27 6.65 16.98
CA THR A 1464 45.71 6.44 17.02
C THR A 1464 46.33 7.13 15.81
N ALA A 1465 47.56 7.63 15.95
CA ALA A 1465 48.24 8.26 14.84
C ALA A 1465 48.67 7.18 13.83
N ALA A 1466 47.75 6.79 12.93
CA ALA A 1466 47.98 5.79 11.89
C ALA A 1466 47.22 6.17 10.62
N TRP A 1467 47.58 5.63 9.45
CA TRP A 1467 47.01 6.12 8.19
C TRP A 1467 45.57 5.65 7.96
N ASP A 1468 45.19 4.50 8.53
CA ASP A 1468 43.84 3.99 8.30
C ASP A 1468 42.80 4.82 9.07
N GLN A 1469 43.27 5.59 10.05
CA GLN A 1469 42.39 6.33 10.96
C GLN A 1469 41.77 7.55 10.28
N LEU A 1470 42.32 8.00 9.15
CA LEU A 1470 41.79 9.15 8.43
C LEU A 1470 40.48 8.82 7.72
N ARG A 1471 40.39 7.68 7.05
CA ARG A 1471 39.15 7.30 6.38
C ARG A 1471 38.09 6.89 7.40
N LYS A 1472 38.52 6.26 8.50
CA LYS A 1472 37.57 5.84 9.55
C LYS A 1472 36.87 7.09 10.11
N SER A 1473 37.57 8.23 10.16
CA SER A 1473 36.98 9.45 10.69
C SER A 1473 35.84 9.96 9.78
N ILE A 1474 36.01 9.84 8.46
CA ILE A 1474 34.99 10.28 7.51
C ILE A 1474 33.72 9.44 7.70
N ILE A 1475 33.86 8.12 7.87
CA ILE A 1475 32.72 7.23 8.05
C ILE A 1475 31.98 7.56 9.35
N GLY A 1476 32.74 7.83 10.40
CA GLY A 1476 32.20 8.10 11.72
C GLY A 1476 31.32 9.33 11.73
N MET A 1477 31.76 10.39 11.02
CA MET A 1477 31.01 11.63 11.04
C MET A 1477 29.75 11.54 10.19
N MET A 1478 29.75 10.73 9.13
CA MET A 1478 28.54 10.51 8.34
C MET A 1478 27.50 9.74 9.15
N GLU A 1479 27.93 8.79 9.99
CA GLU A 1479 27.00 7.99 10.77
C GLU A 1479 26.36 8.85 11.87
N PHE A 1480 27.15 9.68 12.53
CA PHE A 1480 26.61 10.46 13.68
C PHE A 1480 25.63 11.52 13.15
N SER A 1481 25.77 11.93 11.89
CA SER A 1481 24.80 12.88 11.29
C SER A 1481 23.44 12.19 11.17
N LEU A 1482 23.42 10.93 10.71
CA LEU A 1482 22.15 10.17 10.60
C LEU A 1482 21.54 10.04 12.00
N PHE A 1483 22.39 9.92 13.03
CA PHE A 1483 21.90 9.75 14.38
C PHE A 1483 21.37 11.05 15.00
N GLY A 1484 21.46 12.17 14.28
CA GLY A 1484 20.93 13.44 14.77
C GLY A 1484 21.89 14.18 15.68
N ILE A 1485 23.20 13.94 15.57
CA ILE A 1485 24.22 14.67 16.37
C ILE A 1485 25.07 15.41 15.35
N SER A 1486 24.88 16.72 15.19
CA SER A 1486 25.53 17.49 14.09
C SER A 1486 26.93 18.00 14.39
N TYR A 1487 27.25 18.34 15.64
CA TYR A 1487 28.59 18.81 16.02
C TYR A 1487 29.43 17.63 16.39
N THR A 1488 30.32 17.18 15.52
CA THR A 1488 31.12 15.98 15.78
C THR A 1488 32.43 16.09 15.06
N GLY A 1489 33.47 15.41 15.56
CA GLY A 1489 34.78 15.38 14.89
C GLY A 1489 35.74 14.44 15.56
N ALA A 1490 36.90 14.18 14.97
CA ALA A 1490 37.95 13.31 15.49
C ALA A 1490 39.15 14.13 15.98
N ASP A 1491 40.03 13.51 16.78
CA ASP A 1491 41.26 14.22 17.23
C ASP A 1491 42.24 14.32 16.05
N ILE A 1492 42.54 15.53 15.59
CA ILE A 1492 43.41 15.72 14.40
C ILE A 1492 44.85 15.24 14.71
N CYS A 1493 45.53 14.64 13.72
CA CYS A 1493 46.93 14.17 13.89
C CYS A 1493 46.97 12.99 14.88
N GLY A 1494 45.83 12.37 15.17
CA GLY A 1494 45.81 11.18 16.05
C GLY A 1494 45.87 11.54 17.51
N PHE A 1495 45.57 10.59 18.39
CA PHE A 1495 45.67 10.83 19.86
C PHE A 1495 46.77 9.94 20.42
N PHE A 1496 46.72 8.64 20.10
CA PHE A 1496 47.76 7.69 20.57
C PHE A 1496 48.94 7.72 19.61
N GLN A 1497 50.11 7.26 20.05
CA GLN A 1497 51.34 7.19 19.19
C GLN A 1497 51.81 8.61 18.84
N ASP A 1498 52.86 8.72 18.01
CA ASP A 1498 53.40 10.05 17.64
C ASP A 1498 53.01 10.38 16.20
N ALA A 1499 52.69 11.64 15.91
CA ALA A 1499 52.22 12.02 14.56
C ALA A 1499 53.40 12.07 13.58
N GLU A 1500 53.11 11.83 12.29
CA GLU A 1500 54.16 11.89 11.24
C GLU A 1500 53.91 13.15 10.39
N PHE A 1501 54.97 13.81 9.92
CA PHE A 1501 54.79 15.09 9.18
C PHE A 1501 53.71 14.95 8.12
N GLU A 1502 53.88 14.02 7.18
CA GLU A 1502 52.92 13.89 6.06
C GLU A 1502 51.52 13.57 6.61
N MET A 1503 51.42 12.61 7.53
CA MET A 1503 50.10 12.20 8.07
C MET A 1503 49.47 13.39 8.82
N CYS A 1504 50.22 14.06 9.68
CA CYS A 1504 49.70 15.20 10.47
C CYS A 1504 49.32 16.34 9.50
N ALA A 1505 50.03 16.46 8.38
CA ALA A 1505 49.71 17.50 7.37
C ALA A 1505 48.41 17.14 6.66
N ARG A 1506 48.30 15.91 6.17
CA ARG A 1506 47.12 15.50 5.45
C ARG A 1506 45.92 15.52 6.38
N TRP A 1507 46.14 15.21 7.66
CA TRP A 1507 45.04 15.16 8.65
C TRP A 1507 44.58 16.58 8.96
N MET A 1508 45.51 17.53 9.01
CA MET A 1508 45.15 18.95 9.27
C MET A 1508 44.21 19.42 8.14
N GLN A 1509 44.53 19.06 6.90
CA GLN A 1509 43.69 19.46 5.75
C GLN A 1509 42.28 18.87 5.93
N LEU A 1510 42.19 17.58 6.21
CA LEU A 1510 40.89 16.94 6.39
C LEU A 1510 40.14 17.53 7.58
N GLY A 1511 40.81 17.60 8.73
CA GLY A 1511 40.17 18.04 9.96
C GLY A 1511 39.76 19.51 9.95
N ALA A 1512 40.25 20.31 9.00
CA ALA A 1512 39.81 21.69 8.88
C ALA A 1512 38.35 21.75 8.47
N PHE A 1513 37.77 20.63 8.03
CA PHE A 1513 36.39 20.62 7.58
C PHE A 1513 35.52 19.74 8.48
N TYR A 1514 35.97 19.37 9.68
CA TYR A 1514 35.06 18.77 10.64
C TYR A 1514 34.30 19.88 11.34
N PRO A 1515 33.00 19.70 11.68
CA PRO A 1515 32.27 20.69 12.49
C PRO A 1515 33.01 20.94 13.80
N PHE A 1516 33.46 19.90 14.51
CA PHE A 1516 34.28 20.05 15.74
C PHE A 1516 35.68 19.78 15.34
N SER A 1517 36.47 20.82 15.26
CA SER A 1517 37.82 20.71 14.71
C SER A 1517 38.88 20.93 15.79
N ARG A 1518 39.43 19.86 16.36
CA ARG A 1518 40.30 19.97 17.53
C ARG A 1518 41.53 19.09 17.37
N ASN A 1519 42.71 19.66 17.66
CA ASN A 1519 43.96 18.92 17.68
C ASN A 1519 44.24 18.49 19.12
N HIS A 1520 44.23 17.16 19.39
CA HIS A 1520 44.36 16.63 20.75
C HIS A 1520 45.35 15.47 20.73
N ASN A 1521 46.19 15.38 21.75
CA ASN A 1521 47.26 14.34 21.79
C ASN A 1521 47.28 13.68 23.17
N SER A 1522 47.84 12.47 23.26
CA SER A 1522 47.96 11.78 24.58
C SER A 1522 49.23 12.28 25.30
N ILE A 1523 49.47 11.80 26.51
CA ILE A 1523 50.67 12.24 27.30
C ILE A 1523 51.90 11.47 26.83
N GLY A 1524 53.09 12.06 26.97
CA GLY A 1524 54.35 11.37 26.59
C GLY A 1524 54.42 11.12 25.10
N THR A 1525 53.92 12.05 24.27
CA THR A 1525 53.98 11.91 22.81
C THR A 1525 54.43 13.21 22.20
N ARG A 1526 54.95 13.17 20.97
CA ARG A 1526 55.44 14.40 20.29
C ARG A 1526 54.27 15.38 20.11
N ARG A 1527 54.53 16.68 20.31
CA ARG A 1527 53.47 17.70 20.12
C ARG A 1527 52.97 17.65 18.67
N GLN A 1528 51.66 17.82 18.46
CA GLN A 1528 51.08 17.80 17.10
C GLN A 1528 50.55 19.20 16.76
N ASP A 1529 50.75 20.17 17.67
CA ASP A 1529 50.20 21.54 17.44
C ASP A 1529 50.85 22.14 16.19
N PRO A 1530 50.13 22.97 15.40
CA PRO A 1530 50.66 23.54 14.12
C PRO A 1530 52.03 24.17 14.33
N VAL A 1531 52.36 24.58 15.56
CA VAL A 1531 53.66 25.30 15.80
C VAL A 1531 54.69 24.32 16.41
N SER A 1532 54.40 23.01 16.37
CA SER A 1532 55.38 22.01 16.89
C SER A 1532 56.25 21.48 15.75
N TRP A 1533 56.04 22.00 14.53
CA TRP A 1533 56.80 21.51 13.35
C TRP A 1533 57.63 22.65 12.75
N ASN A 1534 57.99 22.54 11.46
CA ASN A 1534 58.86 23.57 10.83
C ASN A 1534 58.03 24.55 10.02
N ASP A 1535 58.69 25.47 9.31
CA ASP A 1535 57.97 26.52 8.53
C ASP A 1535 57.03 25.87 7.51
N THR A 1536 57.49 24.80 6.85
CA THR A 1536 56.67 24.13 5.82
C THR A 1536 55.30 23.85 6.40
N PHE A 1537 55.25 23.32 7.62
CA PHE A 1537 53.95 22.95 8.25
C PHE A 1537 53.17 24.22 8.58
N VAL A 1538 53.83 25.21 9.18
CA VAL A 1538 53.12 26.41 9.59
C VAL A 1538 52.36 26.97 8.39
N ASN A 1539 52.94 26.89 7.19
CA ASN A 1539 52.31 27.46 6.01
C ASN A 1539 51.10 26.61 5.58
N ILE A 1540 51.26 25.29 5.61
CA ILE A 1540 50.15 24.39 5.28
C ILE A 1540 49.00 24.64 6.25
N SER A 1541 49.30 24.65 7.56
CA SER A 1541 48.28 24.83 8.58
C SER A 1541 47.57 26.18 8.44
N ARG A 1542 48.35 27.24 8.22
CA ARG A 1542 47.78 28.56 8.19
C ARG A 1542 46.85 28.69 6.98
N SER A 1543 47.29 28.13 5.84
CA SER A 1543 46.53 28.21 4.61
C SER A 1543 45.14 27.58 4.75
N VAL A 1544 45.10 26.35 5.26
CA VAL A 1544 43.84 25.61 5.29
C VAL A 1544 42.92 26.20 6.35
N LEU A 1545 43.49 26.72 7.44
CA LEU A 1545 42.64 27.24 8.52
C LEU A 1545 42.05 28.58 8.09
N GLU A 1546 42.74 29.32 7.24
CA GLU A 1546 42.16 30.55 6.71
C GLU A 1546 40.96 30.24 5.82
N THR A 1547 41.03 29.11 5.11
CA THR A 1547 39.88 28.69 4.32
C THR A 1547 38.71 28.39 5.23
N ARG A 1548 38.96 27.69 6.34
CA ARG A 1548 37.90 27.38 7.28
C ARG A 1548 37.21 28.65 7.78
N TYR A 1549 38.01 29.60 8.29
CA TYR A 1549 37.43 30.83 8.89
C TYR A 1549 36.65 31.63 7.84
N THR A 1550 37.05 31.54 6.58
CA THR A 1550 36.33 32.24 5.53
C THR A 1550 34.90 31.74 5.43
N LEU A 1551 34.68 30.44 5.64
CA LEU A 1551 33.39 29.83 5.35
C LEU A 1551 32.44 29.79 6.55
N LEU A 1552 32.86 30.27 7.72
CA LEU A 1552 32.06 30.11 8.92
C LEU A 1552 30.63 30.64 8.73
N PRO A 1553 30.33 31.79 8.08
CA PRO A 1553 28.94 32.18 7.92
C PRO A 1553 28.09 31.11 7.26
N TYR A 1554 28.66 30.38 6.28
CA TYR A 1554 27.92 29.32 5.61
C TYR A 1554 27.72 28.15 6.57
N LEU A 1555 28.78 27.80 7.29
CA LEU A 1555 28.73 26.68 8.20
C LEU A 1555 27.76 27.00 9.32
N TYR A 1556 27.72 28.22 9.81
CA TYR A 1556 26.81 28.57 10.89
C TYR A 1556 25.36 28.53 10.43
N THR A 1557 25.09 28.88 9.17
CA THR A 1557 23.74 28.80 8.65
C THR A 1557 23.32 27.32 8.55
N LEU A 1558 24.26 26.43 8.17
CA LEU A 1558 23.96 25.00 8.14
C LEU A 1558 23.53 24.48 9.52
N MET A 1559 24.24 24.88 10.58
CA MET A 1559 23.88 24.44 11.91
C MET A 1559 22.48 24.94 12.26
N HIS A 1560 22.11 26.11 11.76
CA HIS A 1560 20.77 26.68 12.07
C HIS A 1560 19.68 25.81 11.45
N MET A 1561 19.84 25.48 10.16
CA MET A 1561 18.79 24.69 9.45
C MET A 1561 18.61 23.34 10.15
N ALA A 1562 19.71 22.70 10.55
CA ALA A 1562 19.63 21.41 11.26
C ALA A 1562 18.82 21.59 12.55
N HIS A 1563 19.11 22.65 13.31
CA HIS A 1563 18.44 22.89 14.56
C HIS A 1563 16.94 23.11 14.33
N THR A 1564 16.56 23.73 13.21
CA THR A 1564 15.18 24.16 13.04
C THR A 1564 14.40 23.20 12.15
N GLU A 1565 15.06 22.55 11.20
CA GLU A 1565 14.35 21.67 10.27
C GLU A 1565 14.77 20.21 10.37
N GLY A 1566 15.94 19.93 10.92
CA GLY A 1566 16.42 18.56 10.97
C GLY A 1566 17.22 18.16 9.73
N SER A 1567 17.76 19.10 8.96
CA SER A 1567 18.74 18.78 7.93
C SER A 1567 20.08 18.29 8.51
N THR A 1568 20.94 17.69 7.67
CA THR A 1568 22.25 17.20 8.09
C THR A 1568 23.34 18.20 7.66
N VAL A 1569 24.45 18.27 8.42
CA VAL A 1569 25.58 19.15 8.10
C VAL A 1569 26.62 18.37 7.28
N VAL A 1570 27.30 17.37 7.86
CA VAL A 1570 28.23 16.51 7.06
C VAL A 1570 27.38 15.46 6.35
N ARG A 1571 26.97 15.71 5.11
CA ARG A 1571 26.06 14.79 4.38
C ARG A 1571 26.86 13.80 3.57
N ALA A 1572 26.29 12.64 3.27
CA ALA A 1572 26.96 11.67 2.39
C ALA A 1572 26.64 12.05 0.96
N LEU A 1573 27.22 11.42 -0.06
CA LEU A 1573 26.84 11.78 -1.43
C LEU A 1573 25.47 11.20 -1.80
N LEU A 1574 25.12 10.03 -1.26
CA LEU A 1574 23.84 9.42 -1.62
C LEU A 1574 22.67 10.24 -1.06
N HIS A 1575 22.91 11.17 -0.13
CA HIS A 1575 21.85 12.05 0.36
C HIS A 1575 21.43 13.07 -0.68
N GLU A 1576 22.35 13.47 -1.57
CA GLU A 1576 22.05 14.49 -2.57
C GLU A 1576 21.86 13.85 -3.96
N PHE A 1577 22.40 12.65 -4.17
CA PHE A 1577 22.39 12.02 -5.48
C PHE A 1577 21.97 10.55 -5.34
N VAL A 1578 20.76 10.29 -4.86
CA VAL A 1578 20.35 8.93 -4.53
C VAL A 1578 20.12 8.12 -5.81
N SER A 1579 19.85 8.81 -6.93
CA SER A 1579 19.61 8.17 -8.22
C SER A 1579 20.87 7.48 -8.75
N ASP A 1580 22.02 8.12 -8.63
CA ASP A 1580 23.30 7.48 -9.04
C ASP A 1580 23.63 6.38 -8.03
N ARG A 1581 23.72 5.13 -8.47
CA ARG A 1581 23.98 4.02 -7.56
C ARG A 1581 25.48 3.87 -7.31
N VAL A 1582 26.30 4.67 -8.01
CA VAL A 1582 27.72 4.71 -7.74
C VAL A 1582 27.94 5.33 -6.35
N THR A 1583 27.03 6.23 -5.95
CA THR A 1583 27.16 6.99 -4.71
C THR A 1583 26.81 6.12 -3.51
N TRP A 1584 26.27 4.91 -3.74
CA TRP A 1584 25.76 4.05 -2.68
C TRP A 1584 26.91 3.31 -1.99
N ASP A 1585 28.12 3.39 -2.55
CA ASP A 1585 29.28 2.78 -1.91
C ASP A 1585 30.45 3.75 -1.77
N LEU A 1586 30.25 5.06 -1.90
CA LEU A 1586 31.35 6.01 -1.73
C LEU A 1586 31.50 6.37 -0.25
N ASP A 1587 32.72 6.27 0.30
CA ASP A 1587 32.95 6.78 1.66
C ASP A 1587 34.31 7.44 1.78
N SER A 1588 34.84 7.96 0.67
CA SER A 1588 36.13 8.61 0.68
C SER A 1588 36.01 10.10 0.37
N GLN A 1589 34.80 10.58 0.03
CA GLN A 1589 34.50 12.00 -0.19
C GLN A 1589 33.25 12.35 0.60
N PHE A 1590 32.99 13.63 0.87
CA PHE A 1590 31.75 14.02 1.54
C PHE A 1590 31.34 15.45 1.22
N LEU A 1591 30.10 15.81 1.61
CA LEU A 1591 29.56 17.15 1.42
C LEU A 1591 29.41 17.87 2.76
N LEU A 1592 29.70 19.18 2.78
CA LEU A 1592 29.17 20.04 3.82
C LEU A 1592 27.93 20.74 3.27
N GLY A 1593 26.79 20.44 3.86
CA GLY A 1593 25.53 20.94 3.34
C GLY A 1593 25.30 20.39 1.95
N PRO A 1594 24.41 21.00 1.15
CA PRO A 1594 24.19 20.56 -0.22
C PRO A 1594 25.23 20.97 -1.26
N ALA A 1595 26.14 21.91 -0.94
CA ALA A 1595 26.86 22.62 -1.99
C ALA A 1595 28.37 22.35 -2.05
N PHE A 1596 29.01 21.89 -0.97
CA PHE A 1596 30.46 21.96 -0.90
C PHE A 1596 31.08 20.57 -0.84
N LEU A 1597 31.80 20.15 -1.90
CA LEU A 1597 32.35 18.81 -1.98
C LEU A 1597 33.82 18.80 -1.55
N VAL A 1598 34.18 17.87 -0.66
CA VAL A 1598 35.55 17.70 -0.16
C VAL A 1598 36.10 16.36 -0.62
N SER A 1599 37.28 16.35 -1.26
CA SER A 1599 37.89 15.14 -1.81
C SER A 1599 39.32 14.98 -1.31
N PRO A 1600 39.56 14.44 -0.08
CA PRO A 1600 40.92 14.37 0.48
C PRO A 1600 41.78 13.21 0.00
N VAL A 1601 43.10 13.34 0.24
CA VAL A 1601 44.08 12.28 0.04
C VAL A 1601 44.22 11.52 1.36
N LEU A 1602 44.01 10.20 1.33
CA LEU A 1602 43.96 9.42 2.55
C LEU A 1602 45.08 8.36 2.61
N GLU A 1603 46.12 8.53 1.78
CA GLU A 1603 47.14 7.50 1.61
C GLU A 1603 48.54 8.13 1.69
N PRO A 1604 49.58 7.39 2.17
CA PRO A 1604 50.94 7.91 2.18
C PRO A 1604 51.57 8.02 0.78
N ASN A 1605 52.45 9.02 0.60
CA ASN A 1605 53.21 9.19 -0.63
C ASN A 1605 52.28 9.12 -1.85
N ALA A 1606 51.29 10.02 -1.88
CA ALA A 1606 50.34 10.04 -3.01
C ALA A 1606 50.09 11.50 -3.37
N ARG A 1607 50.29 11.85 -4.64
CA ARG A 1607 50.15 13.27 -5.06
C ARG A 1607 48.96 13.39 -6.02
N ASN A 1608 48.11 12.38 -6.08
CA ASN A 1608 46.89 12.49 -6.92
C ASN A 1608 45.73 11.78 -6.23
N VAL A 1609 44.51 12.27 -6.45
CA VAL A 1609 43.35 11.62 -5.85
C VAL A 1609 42.34 11.34 -6.96
N THR A 1610 41.82 10.11 -6.98
CA THR A 1610 40.75 9.76 -7.90
C THR A 1610 39.40 10.03 -7.22
N ALA A 1611 38.67 11.01 -7.72
CA ALA A 1611 37.39 11.39 -7.10
C ALA A 1611 36.24 11.24 -8.11
N TYR A 1612 35.08 10.79 -7.65
CA TYR A 1612 33.90 10.66 -8.55
C TYR A 1612 33.08 11.94 -8.44
N PHE A 1613 32.80 12.57 -9.58
CA PHE A 1613 31.98 13.81 -9.58
C PHE A 1613 30.56 13.46 -10.03
N PRO A 1614 29.53 13.57 -9.17
CA PRO A 1614 28.16 13.20 -9.53
C PRO A 1614 27.66 14.09 -10.64
N ARG A 1615 26.44 13.91 -11.11
CA ARG A 1615 25.93 14.66 -12.29
C ARG A 1615 25.47 16.06 -11.92
N ALA A 1616 26.29 17.06 -12.20
CA ALA A 1616 25.93 18.46 -11.91
C ALA A 1616 27.04 19.37 -12.44
N ARG A 1617 27.04 20.63 -12.05
CA ARG A 1617 28.09 21.58 -12.45
C ARG A 1617 29.05 21.80 -11.26
N TRP A 1618 30.31 21.39 -11.40
CA TRP A 1618 31.25 21.49 -10.26
C TRP A 1618 32.34 22.53 -10.55
N TYR A 1619 32.40 23.58 -9.74
CA TYR A 1619 33.40 24.63 -9.91
C TYR A 1619 34.54 24.43 -8.92
N ASP A 1620 35.77 24.65 -9.38
CA ASP A 1620 36.92 24.59 -8.49
C ASP A 1620 36.85 25.77 -7.53
N TYR A 1621 36.94 25.50 -6.23
CA TYR A 1621 36.77 26.59 -5.22
C TYR A 1621 37.85 27.66 -5.41
N TYR A 1622 39.11 27.25 -5.57
CA TYR A 1622 40.23 28.22 -5.63
C TYR A 1622 40.18 29.04 -6.93
N THR A 1623 39.90 28.40 -8.07
CA THR A 1623 39.95 29.13 -9.36
C THR A 1623 38.59 29.70 -9.70
N GLY A 1624 37.52 28.93 -9.50
CA GLY A 1624 36.18 29.38 -9.91
C GLY A 1624 35.87 28.88 -11.31
N VAL A 1625 36.73 28.00 -11.84
CA VAL A 1625 36.52 27.46 -13.22
C VAL A 1625 35.72 26.16 -13.15
N ASP A 1626 34.71 26.02 -14.02
CA ASP A 1626 33.87 24.79 -14.03
C ASP A 1626 34.65 23.62 -14.59
N ILE A 1627 34.58 22.45 -13.94
CA ILE A 1627 35.24 21.23 -14.49
C ILE A 1627 34.14 20.37 -15.13
N ASN A 1628 34.33 19.91 -16.36
CA ASN A 1628 33.27 19.13 -17.06
C ASN A 1628 33.35 17.65 -16.62
N ALA A 1629 32.78 17.33 -15.46
CA ALA A 1629 32.76 15.93 -14.98
C ALA A 1629 31.36 15.60 -14.46
N ARG A 1630 30.44 15.25 -15.35
CA ARG A 1630 29.04 14.99 -14.93
C ARG A 1630 28.79 13.47 -14.92
N GLY A 1631 29.08 12.82 -13.79
CA GLY A 1631 28.85 11.39 -13.65
C GLY A 1631 30.11 10.59 -14.05
N GLU A 1632 31.28 11.18 -13.82
CA GLU A 1632 32.54 10.52 -14.28
C GLU A 1632 33.61 10.58 -13.19
N TRP A 1633 34.58 9.66 -13.23
CA TRP A 1633 35.71 9.69 -12.28
C TRP A 1633 36.75 10.65 -12.83
N ARG A 1634 37.66 11.16 -12.00
CA ARG A 1634 38.73 12.02 -12.55
C ARG A 1634 39.91 12.04 -11.58
N ASP A 1635 41.14 12.18 -12.10
CA ASP A 1635 42.35 12.19 -11.26
C ASP A 1635 42.71 13.62 -10.90
N LEU A 1636 42.67 14.00 -9.63
CA LEU A 1636 42.89 15.43 -9.31
C LEU A 1636 44.29 15.61 -8.73
N SER A 1637 45.03 16.62 -9.18
CA SER A 1637 46.34 16.89 -8.60
C SER A 1637 46.19 17.25 -7.13
N ALA A 1638 47.00 16.64 -6.26
CA ALA A 1638 46.90 16.89 -4.83
C ALA A 1638 48.29 16.96 -4.20
N PRO A 1639 49.07 18.02 -4.48
CA PRO A 1639 50.35 18.20 -3.80
C PRO A 1639 50.17 18.37 -2.30
N LEU A 1640 51.28 18.25 -1.55
CA LEU A 1640 51.21 18.16 -0.10
C LEU A 1640 50.54 19.39 0.51
N ASP A 1641 50.61 20.55 -0.16
CA ASP A 1641 50.08 21.77 0.39
C ASP A 1641 48.69 22.08 -0.15
N HIS A 1642 47.98 21.08 -0.67
CA HIS A 1642 46.68 21.42 -1.33
C HIS A 1642 45.57 20.42 -0.96
N ILE A 1643 44.34 20.92 -0.79
CA ILE A 1643 43.16 20.03 -0.54
C ILE A 1643 42.11 20.36 -1.62
N ASN A 1644 41.59 19.35 -2.32
CA ASN A 1644 40.66 19.61 -3.45
C ASN A 1644 39.26 19.99 -2.94
N LEU A 1645 38.76 21.17 -3.33
CA LEU A 1645 37.43 21.60 -2.93
C LEU A 1645 36.64 22.04 -4.16
N HIS A 1646 35.34 21.73 -4.21
CA HIS A 1646 34.52 22.07 -5.35
C HIS A 1646 33.14 22.54 -4.89
N ILE A 1647 32.58 23.51 -5.60
CA ILE A 1647 31.26 24.05 -5.27
C ILE A 1647 30.29 23.62 -6.35
N ARG A 1648 29.10 23.18 -5.94
CA ARG A 1648 28.07 22.76 -6.85
C ARG A 1648 27.33 23.97 -7.40
N GLY A 1649 27.12 23.99 -8.72
CA GLY A 1649 26.37 25.06 -9.38
C GLY A 1649 24.92 25.05 -8.94
N GLY A 1650 24.34 26.25 -8.79
CA GLY A 1650 22.98 26.42 -8.33
C GLY A 1650 22.91 26.91 -6.88
N TYR A 1651 24.06 27.26 -6.27
CA TYR A 1651 24.10 27.62 -4.86
C TYR A 1651 24.85 28.92 -4.63
N ILE A 1652 24.40 29.69 -3.63
CA ILE A 1652 25.01 30.94 -3.19
C ILE A 1652 25.60 30.74 -1.79
N LEU A 1653 26.90 31.03 -1.61
CA LEU A 1653 27.56 30.82 -0.32
C LEU A 1653 27.93 32.15 0.33
N PRO A 1654 27.43 32.48 1.53
CA PRO A 1654 27.94 33.63 2.25
C PRO A 1654 29.31 33.36 2.83
N TRP A 1655 30.20 34.36 2.82
CA TRP A 1655 31.51 34.20 3.41
C TRP A 1655 31.94 35.50 4.07
N GLN A 1656 33.04 35.46 4.83
CA GLN A 1656 33.52 36.64 5.53
C GLN A 1656 35.03 36.54 5.62
N GLU A 1657 35.68 37.70 5.72
CA GLU A 1657 37.14 37.75 5.72
C GLU A 1657 37.67 37.12 7.00
N PRO A 1658 38.74 36.27 6.95
CA PRO A 1658 39.23 35.52 8.14
C PRO A 1658 40.07 36.40 9.07
N ALA A 1659 40.27 35.94 10.31
CA ALA A 1659 41.10 36.67 11.30
C ALA A 1659 41.66 35.66 12.31
N GLN A 1660 42.34 36.14 13.36
CA GLN A 1660 42.91 35.24 14.38
C GLN A 1660 41.78 34.50 15.11
N ASN A 1661 40.70 35.21 15.46
CA ASN A 1661 39.57 34.58 16.19
C ASN A 1661 38.25 35.05 15.56
N THR A 1662 37.15 34.35 15.87
CA THR A 1662 35.82 34.73 15.33
C THR A 1662 35.48 36.13 15.78
N TYR A 1663 35.88 36.50 17.00
CA TYR A 1663 35.53 37.84 17.55
C TYR A 1663 35.96 38.93 16.58
N PHE A 1664 37.20 38.84 16.07
CA PHE A 1664 37.72 39.85 15.12
C PHE A 1664 37.08 39.65 13.75
N SER A 1665 36.89 38.41 13.32
CA SER A 1665 36.36 38.14 11.96
C SER A 1665 34.94 38.70 11.81
N ARG A 1666 34.12 38.63 12.85
CA ARG A 1666 32.70 39.08 12.75
C ARG A 1666 32.62 40.58 12.50
N GLN A 1667 33.76 41.29 12.55
CA GLN A 1667 33.77 42.77 12.38
C GLN A 1667 34.34 43.13 11.00
N LYS A 1668 34.33 42.20 10.04
CA LYS A 1668 34.94 42.47 8.71
C LYS A 1668 33.85 42.47 7.63
N PHE A 1669 34.24 42.61 6.35
CA PHE A 1669 33.24 42.69 5.25
C PHE A 1669 32.67 41.31 4.93
N MET A 1670 31.40 41.26 4.55
CA MET A 1670 30.76 39.98 4.15
C MET A 1670 31.05 39.73 2.66
N GLY A 1671 30.51 38.64 2.10
CA GLY A 1671 30.71 38.33 0.68
C GLY A 1671 29.74 37.26 0.21
N PHE A 1672 29.62 37.06 -1.10
CA PHE A 1672 28.66 36.07 -1.65
C PHE A 1672 29.20 35.43 -2.92
N LYS A 1673 29.71 34.20 -2.81
CA LYS A 1673 30.15 33.49 -4.00
C LYS A 1673 28.89 32.92 -4.64
N VAL A 1674 28.68 33.22 -5.92
CA VAL A 1674 27.44 32.77 -6.61
C VAL A 1674 27.82 31.78 -7.73
N ALA A 1675 27.47 30.51 -7.55
CA ALA A 1675 27.76 29.48 -8.59
C ALA A 1675 26.50 29.23 -9.42
N LEU A 1676 26.44 29.83 -10.63
CA LEU A 1676 25.23 29.68 -11.49
C LEU A 1676 25.17 28.26 -12.05
N ASP A 1677 23.96 27.73 -12.22
CA ASP A 1677 23.78 26.36 -12.78
C ASP A 1677 23.77 26.45 -14.30
N ASP A 1678 23.47 25.34 -14.99
CA ASP A 1678 23.39 25.35 -16.48
C ASP A 1678 22.28 26.31 -16.91
N ASP A 1679 21.17 26.33 -16.18
CA ASP A 1679 20.02 27.22 -16.52
C ASP A 1679 20.37 28.67 -16.18
N GLY A 1680 21.44 28.89 -15.40
CA GLY A 1680 21.86 30.25 -15.03
C GLY A 1680 21.12 30.73 -13.80
N THR A 1681 20.79 29.81 -12.89
CA THR A 1681 20.05 30.18 -11.65
C THR A 1681 20.86 29.72 -10.45
N ALA A 1682 20.66 30.37 -9.29
CA ALA A 1682 21.37 29.98 -8.05
C ALA A 1682 20.53 30.43 -6.85
N GLU A 1683 20.69 29.75 -5.71
CA GLU A 1683 19.88 30.08 -4.50
C GLU A 1683 20.67 29.82 -3.21
N GLY A 1684 20.44 30.61 -2.17
CA GLY A 1684 21.09 30.40 -0.88
C GLY A 1684 20.38 31.10 0.27
N TRP A 1685 20.93 30.90 1.49
CA TRP A 1685 20.39 31.42 2.74
C TRP A 1685 21.47 32.10 3.57
N LEU A 1686 21.04 32.98 4.47
CA LEU A 1686 21.93 33.47 5.51
C LEU A 1686 21.17 33.65 6.82
N PHE A 1687 21.67 33.05 7.88
CA PHE A 1687 21.16 33.28 9.21
C PHE A 1687 22.22 34.02 10.00
N TRP A 1688 21.91 35.10 10.71
CA TRP A 1688 22.91 35.85 11.48
C TRP A 1688 22.26 36.28 12.74
N ASP A 1689 22.99 36.15 13.86
CA ASP A 1689 22.49 36.62 15.18
C ASP A 1689 23.72 37.13 15.95
N ASP A 1690 23.64 37.25 17.28
CA ASP A 1690 24.86 37.66 18.05
C ASP A 1690 25.84 36.48 18.12
N GLY A 1691 25.33 35.25 18.28
CA GLY A 1691 26.21 34.07 18.28
C GLY A 1691 26.54 33.59 19.67
N GLN A 1692 25.91 34.25 20.70
CA GLN A 1692 26.22 33.94 22.12
C GLN A 1692 24.94 33.83 22.95
N SER A 1693 23.90 34.54 22.63
CA SER A 1693 22.70 34.67 23.51
C SER A 1693 21.85 33.40 23.46
N ILE A 1694 21.09 33.13 24.53
CA ILE A 1694 20.25 31.89 24.60
C ILE A 1694 18.91 32.15 23.91
N ASP A 1695 18.44 31.18 23.10
CA ASP A 1695 17.12 31.29 22.42
C ASP A 1695 17.02 32.58 21.60
N THR A 1696 17.97 32.79 20.68
CA THR A 1696 17.89 33.98 19.79
C THR A 1696 16.76 33.80 18.81
N TYR A 1697 16.45 32.55 18.44
CA TYR A 1697 15.42 32.29 17.46
C TYR A 1697 14.04 32.25 18.11
N GLU A 1698 13.99 31.71 19.32
CA GLU A 1698 12.71 31.58 20.01
C GLU A 1698 12.22 32.96 20.46
N GLN A 1699 13.14 33.89 20.75
CA GLN A 1699 12.79 35.22 21.22
C GLN A 1699 12.90 36.27 20.11
N GLY A 1700 13.27 35.86 18.90
CA GLY A 1700 13.13 36.70 17.72
C GLY A 1700 14.18 37.82 17.60
N LEU A 1701 15.43 37.58 17.99
CA LEU A 1701 16.50 38.55 17.78
C LEU A 1701 17.53 38.04 16.79
N TYR A 1702 17.17 37.98 15.49
CA TYR A 1702 18.06 37.44 14.48
C TYR A 1702 17.72 37.99 13.10
N TYR A 1703 18.59 37.75 12.11
CA TYR A 1703 18.33 38.08 10.72
C TYR A 1703 18.27 36.82 9.88
N LEU A 1704 17.23 36.66 9.05
CA LEU A 1704 17.12 35.48 8.21
C LEU A 1704 16.62 35.87 6.84
N ALA A 1705 17.33 35.43 5.79
CA ALA A 1705 17.05 35.89 4.44
C ALA A 1705 17.32 34.78 3.43
N ASN A 1706 16.53 34.74 2.36
CA ASN A 1706 16.82 33.77 1.25
C ASN A 1706 17.20 34.60 0.02
N PHE A 1707 18.17 34.12 -0.77
CA PHE A 1707 18.66 34.90 -1.93
C PHE A 1707 18.42 34.09 -3.21
N SER A 1708 18.10 34.77 -4.31
CA SER A 1708 17.84 34.07 -5.60
C SER A 1708 18.52 34.83 -6.75
N VAL A 1709 19.12 34.09 -7.70
CA VAL A 1709 19.76 34.73 -8.87
C VAL A 1709 19.11 34.17 -10.14
N SER A 1710 18.62 35.04 -11.03
CA SER A 1710 18.00 34.59 -12.30
C SER A 1710 17.94 35.77 -13.29
N GLN A 1711 17.88 35.49 -14.59
CA GLN A 1711 17.75 36.56 -15.61
C GLN A 1711 18.77 37.68 -15.32
N ASN A 1712 20.02 37.32 -15.07
CA ASN A 1712 21.09 38.33 -14.87
C ASN A 1712 20.73 39.30 -13.73
N THR A 1713 20.08 38.81 -12.67
CA THR A 1713 19.79 39.68 -11.50
C THR A 1713 19.79 38.86 -10.23
N MET A 1714 20.12 39.47 -9.10
CA MET A 1714 20.14 38.75 -7.79
C MET A 1714 19.23 39.51 -6.82
N GLN A 1715 18.28 38.83 -6.19
CA GLN A 1715 17.30 39.52 -5.30
C GLN A 1715 17.38 38.94 -3.88
N SER A 1716 17.40 39.81 -2.86
CA SER A 1716 17.42 39.35 -1.45
C SER A 1716 16.00 39.40 -0.88
N HIS A 1717 15.61 38.30 -0.15
CA HIS A 1717 14.21 38.22 0.38
C HIS A 1717 14.27 38.04 1.90
N VAL A 1718 14.45 39.18 2.64
CA VAL A 1718 14.57 39.07 4.13
C VAL A 1718 13.26 38.51 4.70
N ILE A 1719 13.31 37.31 5.27
CA ILE A 1719 12.10 36.69 5.89
C ILE A 1719 11.89 37.32 7.27
N PHE A 1720 12.97 37.58 8.00
CA PHE A 1720 12.88 38.17 9.36
C PHE A 1720 14.12 39.01 9.64
N ASN A 1721 13.95 40.21 10.21
CA ASN A 1721 15.11 41.04 10.58
C ASN A 1721 14.81 41.81 11.87
N LYS A 1722 15.54 41.53 12.95
CA LYS A 1722 15.37 42.29 14.23
C LYS A 1722 16.75 42.39 14.88
N TYR A 1723 17.80 42.08 14.11
CA TYR A 1723 19.20 42.16 14.64
C TYR A 1723 19.99 43.15 13.79
N ILE A 1724 19.94 43.01 12.47
CA ILE A 1724 20.76 43.89 11.59
C ILE A 1724 20.08 45.26 11.47
N SER A 1725 20.79 46.33 11.84
CA SER A 1725 20.25 47.68 11.79
C SER A 1725 21.36 48.66 11.43
N ASP A 1726 21.01 49.94 11.27
CA ASP A 1726 21.98 50.99 10.99
C ASP A 1726 22.97 51.16 12.14
N ALA A 1727 22.46 50.96 13.38
CA ALA A 1727 23.26 51.04 14.59
C ALA A 1727 24.16 49.80 14.77
N ASN A 1728 23.77 48.67 14.13
CA ASN A 1728 24.50 47.41 14.22
C ASN A 1728 24.65 46.81 12.82
N PRO A 1729 25.43 47.44 11.90
CA PRO A 1729 25.46 47.01 10.50
C PRO A 1729 26.24 45.74 10.23
N LEU A 1730 25.80 44.99 9.20
CA LEU A 1730 26.59 43.92 8.62
C LEU A 1730 27.03 44.35 7.22
N LYS A 1731 28.30 44.76 7.08
CA LYS A 1731 28.77 45.34 5.79
C LYS A 1731 28.91 44.29 4.69
N LEU A 1732 28.52 44.63 3.46
CA LEU A 1732 28.71 43.71 2.31
C LEU A 1732 29.73 44.38 1.37
N GLY A 1733 30.79 43.66 0.98
CA GLY A 1733 31.85 44.32 0.18
C GLY A 1733 32.19 43.59 -1.11
N TYR A 1734 31.98 42.27 -1.18
CA TYR A 1734 32.44 41.53 -2.39
C TYR A 1734 31.36 40.58 -2.90
N ILE A 1735 31.19 40.51 -4.24
CA ILE A 1735 30.21 39.56 -4.84
C ILE A 1735 30.89 38.91 -6.06
N GLU A 1736 31.06 37.58 -6.05
CA GLU A 1736 31.74 36.89 -7.13
C GLU A 1736 30.75 35.97 -7.81
N ILE A 1737 30.53 36.19 -9.11
CA ILE A 1737 29.60 35.37 -9.85
C ILE A 1737 30.39 34.47 -10.80
N TRP A 1738 30.11 33.16 -10.72
CA TRP A 1738 30.79 32.17 -11.54
C TRP A 1738 29.83 31.62 -12.59
N GLY A 1739 30.36 31.39 -13.81
CA GLY A 1739 29.61 30.89 -14.95
C GLY A 1739 28.71 31.95 -15.58
N VAL A 1740 29.18 33.20 -15.69
CA VAL A 1740 28.38 34.31 -16.21
C VAL A 1740 28.39 34.27 -17.73
N GLY A 1741 29.30 33.48 -18.32
CA GLY A 1741 29.44 33.36 -19.77
C GLY A 1741 30.64 34.16 -20.27
N SER A 1742 30.91 34.05 -21.58
CA SER A 1742 32.13 34.55 -22.21
C SER A 1742 31.95 35.97 -22.77
N ALA A 1743 30.69 36.37 -23.03
CA ALA A 1743 30.38 37.70 -23.54
C ALA A 1743 30.85 38.75 -22.53
N PRO A 1744 31.48 39.88 -22.95
CA PRO A 1744 31.92 40.89 -22.00
C PRO A 1744 30.76 41.47 -21.20
N ILE A 1745 31.01 41.91 -19.95
CA ILE A 1745 29.91 42.40 -19.14
C ILE A 1745 29.87 43.92 -19.29
N SER A 1746 28.77 44.44 -19.83
CA SER A 1746 28.66 45.87 -20.10
C SER A 1746 28.70 46.66 -18.79
N SER A 1747 27.73 46.41 -17.87
CA SER A 1747 27.63 47.23 -16.68
C SER A 1747 26.99 46.49 -15.50
N VAL A 1748 27.30 46.92 -14.28
CA VAL A 1748 26.73 46.27 -13.06
C VAL A 1748 26.09 47.38 -12.20
N SER A 1749 24.89 47.11 -11.67
CA SER A 1749 24.18 48.13 -10.85
C SER A 1749 23.68 47.50 -9.54
N ILE A 1750 23.73 48.25 -8.44
CA ILE A 1750 23.26 47.72 -7.13
C ILE A 1750 22.17 48.66 -6.57
N SER A 1751 20.98 48.12 -6.31
CA SER A 1751 19.89 48.94 -5.73
C SER A 1751 19.98 48.87 -4.19
N ALA A 1752 20.46 49.94 -3.56
CA ALA A 1752 20.57 49.98 -2.08
C ALA A 1752 19.40 50.76 -1.49
N SER A 1753 18.28 50.08 -1.24
CA SER A 1753 17.07 50.75 -0.67
C SER A 1753 16.73 51.98 -1.51
N GLY A 1754 16.61 51.81 -2.84
CA GLY A 1754 16.23 52.93 -3.72
C GLY A 1754 17.41 53.81 -4.08
N GLU A 1755 18.64 53.28 -3.94
CA GLU A 1755 19.86 54.04 -4.32
C GLU A 1755 20.72 53.19 -5.26
N VAL A 1756 20.78 53.58 -6.54
CA VAL A 1756 21.58 52.80 -7.53
C VAL A 1756 23.08 53.08 -7.28
N ILE A 1757 23.88 52.02 -7.11
CA ILE A 1757 25.34 52.19 -6.86
C ILE A 1757 26.11 51.47 -7.99
N THR A 1758 27.07 52.17 -8.62
CA THR A 1758 27.89 51.55 -9.68
C THR A 1758 29.15 51.00 -9.05
N PRO A 1759 29.27 49.67 -8.84
CA PRO A 1759 30.44 49.06 -8.14
C PRO A 1759 31.61 48.83 -9.10
N ILE A 1760 32.81 48.68 -8.55
CA ILE A 1760 34.02 48.39 -9.40
C ILE A 1760 33.93 46.93 -9.84
N PHE A 1761 34.31 46.62 -11.08
CA PHE A 1761 34.14 45.22 -11.56
C PHE A 1761 35.16 44.85 -12.62
N ILE A 1762 35.40 43.55 -12.81
CA ILE A 1762 36.36 43.04 -13.83
C ILE A 1762 35.87 41.66 -14.29
N HIS A 1763 35.87 41.37 -15.59
CA HIS A 1763 35.33 40.08 -16.11
C HIS A 1763 36.39 39.37 -16.95
N ASP A 1764 36.93 38.26 -16.45
CA ASP A 1764 37.97 37.49 -17.18
C ASP A 1764 37.27 36.42 -18.01
N SER A 1765 36.92 36.72 -19.26
CA SER A 1765 36.12 35.76 -20.07
C SER A 1765 36.87 34.47 -20.38
N ALA A 1766 38.16 34.38 -20.02
CA ALA A 1766 38.85 33.09 -20.22
C ALA A 1766 38.25 32.05 -19.27
N THR A 1767 37.96 32.42 -18.03
CA THR A 1767 37.46 31.49 -17.02
C THR A 1767 36.05 31.85 -16.67
N GLN A 1768 35.54 32.97 -17.19
CA GLN A 1768 34.12 33.36 -16.99
C GLN A 1768 33.82 33.63 -15.51
N VAL A 1769 34.42 34.68 -14.94
CA VAL A 1769 34.21 35.03 -13.50
C VAL A 1769 34.06 36.55 -13.36
N LEU A 1770 32.92 37.06 -12.90
CA LEU A 1770 32.74 38.50 -12.66
C LEU A 1770 33.02 38.80 -11.18
N ASN A 1771 33.98 39.68 -10.90
CA ASN A 1771 34.28 40.07 -9.51
C ASN A 1771 33.76 41.49 -9.27
N ILE A 1772 32.88 41.69 -8.29
CA ILE A 1772 32.26 43.01 -8.04
C ILE A 1772 32.72 43.49 -6.65
N ASN A 1773 33.34 44.67 -6.58
CA ASN A 1773 33.79 45.26 -5.29
C ASN A 1773 32.83 46.39 -4.93
N VAL A 1774 32.44 46.50 -3.66
CA VAL A 1774 31.44 47.52 -3.23
C VAL A 1774 31.85 48.05 -1.84
N THR A 1775 33.12 47.87 -1.45
CA THR A 1775 33.57 48.29 -0.11
C THR A 1775 33.36 49.78 0.05
N ASN A 1776 33.67 50.56 -1.00
CA ASN A 1776 33.54 52.04 -0.94
C ASN A 1776 32.07 52.44 -0.91
N GLY A 1777 31.18 51.59 -1.43
CA GLY A 1777 29.75 51.90 -1.49
C GLY A 1777 29.14 52.02 -0.12
N ASN A 1778 29.81 51.51 0.92
CA ASN A 1778 29.29 51.54 2.31
C ASN A 1778 27.86 50.99 2.31
N LEU A 1779 27.70 49.73 1.89
CA LEU A 1779 26.35 49.11 1.81
C LEU A 1779 26.19 48.06 2.91
N SER A 1780 25.20 48.24 3.79
CA SER A 1780 24.92 47.20 4.82
C SER A 1780 23.95 46.16 4.22
N LEU A 1781 23.98 44.93 4.73
CA LEU A 1781 23.14 43.85 4.13
C LEU A 1781 21.65 44.21 4.22
N HIS A 1782 21.21 44.80 5.33
CA HIS A 1782 19.75 45.07 5.53
C HIS A 1782 19.26 46.06 4.45
N ASN A 1783 20.17 46.88 3.91
CA ASN A 1783 19.78 47.90 2.90
C ASN A 1783 19.78 47.28 1.49
N PHE A 1784 20.49 46.17 1.30
CA PHE A 1784 20.62 45.57 -0.07
C PHE A 1784 19.27 45.07 -0.56
N SER A 1785 18.97 45.30 -1.84
CA SER A 1785 17.75 44.79 -2.45
C SER A 1785 18.05 43.89 -3.63
N SER A 1786 18.82 44.39 -4.61
CA SER A 1786 19.06 43.59 -5.84
C SER A 1786 20.32 44.08 -6.58
N LEU A 1787 20.94 43.18 -7.36
CA LEU A 1787 22.12 43.55 -8.17
C LEU A 1787 21.87 43.07 -9.62
N THR A 1788 22.08 43.93 -10.61
CA THR A 1788 21.77 43.55 -12.01
C THR A 1788 22.99 43.76 -12.88
N TRP A 1789 23.22 42.85 -13.83
CA TRP A 1789 24.34 42.98 -14.75
C TRP A 1789 23.87 42.71 -16.19
N THR A 1790 24.27 43.58 -17.13
CA THR A 1790 23.87 43.47 -18.52
C THR A 1790 25.08 43.07 -19.36
N SER A 1791 24.97 41.93 -20.06
CA SER A 1791 26.05 41.45 -20.91
C SER A 1791 26.04 42.22 -22.22
N ALA A 1792 27.20 42.29 -22.89
CA ALA A 1792 27.32 42.92 -24.20
C ALA A 1792 26.35 42.27 -25.19
N PRO A 1793 25.49 43.05 -25.92
CA PRO A 1793 24.62 42.48 -26.94
C PRO A 1793 25.36 41.59 -27.95
#